data_2N5N
#
_entry.id   2N5N
#
_entity_poly.entity_id   1
_entity_poly.type   'polypeptide(L)'
_entity_poly.pdbx_seq_one_letter_code
;GPLGSSKEPKSSAQLLEDWGMEDIDHVFSEEDYRTLTNYKAFSQFVRPLIAAKNPKIAVSKMMMVLGAKWREFSTNNPFK
GSSGAS
;
_entity_poly.pdbx_strand_id   A
#
# COMPACT_ATOMS: atom_id res chain seq x y z
N GLY A 1 -25.74 20.38 -2.76
CA GLY A 1 -24.52 20.19 -3.56
C GLY A 1 -24.01 18.78 -3.40
N PRO A 2 -23.30 18.23 -4.40
CA PRO A 2 -22.78 16.87 -4.32
C PRO A 2 -21.58 16.82 -3.39
N LEU A 3 -21.74 16.18 -2.25
CA LEU A 3 -20.65 16.10 -1.32
C LEU A 3 -19.81 14.88 -1.55
N GLY A 4 -20.43 13.72 -1.58
CA GLY A 4 -19.70 12.49 -1.76
C GLY A 4 -18.88 12.16 -0.53
N SER A 5 -19.54 11.59 0.46
CA SER A 5 -18.91 11.25 1.73
C SER A 5 -17.90 10.09 1.58
N SER A 6 -17.93 9.42 0.47
CA SER A 6 -16.98 8.43 0.20
C SER A 6 -16.47 8.56 -1.24
N LYS A 7 -15.57 9.50 -1.44
CA LYS A 7 -14.93 9.69 -2.73
C LYS A 7 -13.44 9.51 -2.57
N GLU A 8 -12.86 10.30 -1.69
CA GLU A 8 -11.45 10.21 -1.38
C GLU A 8 -11.28 9.31 -0.16
N PRO A 9 -10.80 8.09 -0.35
CA PRO A 9 -10.58 7.17 0.74
C PRO A 9 -9.23 7.42 1.38
N LYS A 10 -9.00 6.86 2.54
CA LYS A 10 -7.71 7.00 3.15
C LYS A 10 -6.75 6.00 2.58
N SER A 11 -5.77 6.53 1.96
CA SER A 11 -4.71 5.75 1.40
C SER A 11 -3.78 5.30 2.53
N SER A 12 -2.84 4.45 2.22
CA SER A 12 -1.92 3.93 3.19
C SER A 12 -1.09 5.06 3.79
N ALA A 13 -0.68 5.99 2.94
CA ALA A 13 0.06 7.17 3.36
C ALA A 13 -0.81 8.00 4.30
N GLN A 14 -2.07 8.15 3.92
CA GLN A 14 -3.05 8.90 4.70
C GLN A 14 -3.19 8.27 6.08
N LEU A 15 -3.42 6.96 6.11
CA LEU A 15 -3.58 6.21 7.35
C LEU A 15 -2.37 6.38 8.25
N LEU A 16 -1.20 6.19 7.69
CA LEU A 16 0.04 6.25 8.44
C LEU A 16 0.26 7.68 8.98
N GLU A 17 -0.09 8.65 8.16
CA GLU A 17 0.00 10.06 8.49
C GLU A 17 -1.02 10.42 9.58
N ASP A 18 -2.18 9.77 9.53
CA ASP A 18 -3.27 9.97 10.47
C ASP A 18 -2.85 9.48 11.85
N TRP A 19 -1.89 8.57 11.87
CA TRP A 19 -1.33 8.04 13.10
C TRP A 19 -0.11 8.82 13.52
N GLY A 20 0.32 9.73 12.68
CA GLY A 20 1.48 10.55 12.98
C GLY A 20 2.79 9.86 12.61
N MET A 21 2.73 8.96 11.66
CA MET A 21 3.91 8.25 11.22
C MET A 21 4.26 8.65 9.80
N GLU A 22 5.47 8.34 9.40
CA GLU A 22 5.98 8.70 8.10
C GLU A 22 6.06 7.43 7.26
N ASP A 23 5.85 7.57 5.97
CA ASP A 23 5.81 6.44 5.06
C ASP A 23 7.11 6.36 4.26
N ILE A 24 7.33 5.25 3.57
CA ILE A 24 8.50 5.10 2.72
C ILE A 24 8.28 5.92 1.48
N ASP A 25 9.24 6.76 1.20
CA ASP A 25 9.18 7.74 0.10
C ASP A 25 9.42 7.09 -1.27
N HIS A 26 9.22 5.80 -1.30
CA HIS A 26 9.39 4.95 -2.47
C HIS A 26 8.16 5.12 -3.36
N VAL A 27 8.30 4.85 -4.62
CA VAL A 27 7.17 4.92 -5.52
C VAL A 27 7.06 3.62 -6.25
N PHE A 28 5.91 2.97 -6.16
CA PHE A 28 5.68 1.74 -6.91
C PHE A 28 5.76 2.08 -8.38
N SER A 29 6.77 1.61 -9.02
CA SER A 29 7.00 1.95 -10.40
C SER A 29 6.59 0.79 -11.32
N GLU A 30 6.79 0.99 -12.62
CA GLU A 30 6.41 0.05 -13.68
C GLU A 30 6.92 -1.37 -13.42
N GLU A 31 8.20 -1.48 -13.15
CA GLU A 31 8.81 -2.78 -12.91
C GLU A 31 8.25 -3.45 -11.67
N ASP A 32 7.91 -2.64 -10.67
CA ASP A 32 7.34 -3.16 -9.42
C ASP A 32 5.99 -3.77 -9.71
N TYR A 33 5.23 -3.11 -10.60
CA TYR A 33 3.88 -3.56 -10.95
C TYR A 33 3.89 -4.91 -11.62
N ARG A 34 4.94 -5.15 -12.35
CA ARG A 34 5.06 -6.35 -13.14
C ARG A 34 5.66 -7.49 -12.33
N THR A 35 6.22 -7.18 -11.19
CA THR A 35 6.86 -8.21 -10.38
C THR A 35 6.08 -8.55 -9.10
N LEU A 36 5.43 -7.57 -8.51
CA LEU A 36 4.65 -7.79 -7.30
C LEU A 36 3.21 -8.05 -7.71
N THR A 37 3.01 -9.13 -8.41
CA THR A 37 1.75 -9.45 -9.04
C THR A 37 0.71 -10.06 -8.08
N ASN A 38 1.11 -10.33 -6.86
CA ASN A 38 0.22 -10.89 -5.87
C ASN A 38 0.57 -10.32 -4.52
N TYR A 39 -0.36 -10.38 -3.59
CA TYR A 39 -0.18 -9.78 -2.28
C TYR A 39 0.96 -10.39 -1.48
N LYS A 40 1.23 -11.68 -1.63
CA LYS A 40 2.29 -12.31 -0.82
C LYS A 40 3.66 -11.80 -1.25
N ALA A 41 3.84 -11.63 -2.56
CA ALA A 41 5.08 -11.09 -3.11
C ALA A 41 5.20 -9.62 -2.76
N PHE A 42 4.06 -8.99 -2.63
CA PHE A 42 3.98 -7.60 -2.31
C PHE A 42 4.32 -7.37 -0.84
N SER A 43 3.65 -8.10 0.05
CA SER A 43 3.82 -7.92 1.47
C SER A 43 5.23 -8.25 1.93
N GLN A 44 5.84 -9.27 1.32
CA GLN A 44 7.19 -9.70 1.71
C GLN A 44 8.20 -8.58 1.44
N PHE A 45 7.87 -7.72 0.51
CA PHE A 45 8.70 -6.60 0.18
C PHE A 45 8.31 -5.38 1.00
N VAL A 46 7.06 -5.01 0.88
CA VAL A 46 6.56 -3.77 1.45
C VAL A 46 6.55 -3.77 3.00
N ARG A 47 6.30 -4.92 3.63
CA ARG A 47 6.26 -4.99 5.11
C ARG A 47 7.60 -4.51 5.76
N PRO A 48 8.77 -5.16 5.45
CA PRO A 48 10.06 -4.72 5.98
C PRO A 48 10.41 -3.31 5.52
N LEU A 49 9.91 -2.93 4.36
CA LEU A 49 10.12 -1.59 3.85
C LEU A 49 9.49 -0.56 4.75
N ILE A 50 8.19 -0.67 5.00
CA ILE A 50 7.49 0.31 5.84
C ILE A 50 8.05 0.26 7.27
N ALA A 51 8.34 -0.97 7.73
CA ALA A 51 8.90 -1.20 9.07
C ALA A 51 10.25 -0.50 9.24
N ALA A 52 10.92 -0.20 8.14
CA ALA A 52 12.18 0.51 8.17
C ALA A 52 11.98 1.98 8.53
N LYS A 53 10.78 2.51 8.29
CA LYS A 53 10.49 3.90 8.61
C LYS A 53 9.72 3.98 9.93
N ASN A 54 8.97 2.95 10.23
CA ASN A 54 8.22 2.84 11.47
C ASN A 54 8.33 1.44 12.07
N PRO A 55 9.41 1.17 12.81
CA PRO A 55 9.64 -0.13 13.43
C PRO A 55 8.82 -0.34 14.69
N LYS A 56 8.37 0.76 15.26
CA LYS A 56 7.65 0.73 16.52
C LYS A 56 6.16 0.94 16.29
N ILE A 57 5.73 0.67 15.08
CA ILE A 57 4.35 0.79 14.73
C ILE A 57 3.62 -0.47 15.22
N ALA A 58 2.32 -0.38 15.42
CA ALA A 58 1.55 -1.54 15.81
C ALA A 58 1.24 -2.38 14.57
N VAL A 59 1.25 -3.68 14.74
CA VAL A 59 1.06 -4.62 13.64
C VAL A 59 -0.33 -4.46 13.02
N SER A 60 -1.31 -4.20 13.87
CA SER A 60 -2.68 -3.98 13.46
C SER A 60 -2.76 -2.78 12.51
N LYS A 61 -1.96 -1.76 12.80
CA LYS A 61 -1.88 -0.57 11.97
C LYS A 61 -1.16 -0.91 10.68
N MET A 62 -0.04 -1.60 10.81
CA MET A 62 0.80 -2.02 9.68
C MET A 62 0.02 -2.81 8.63
N MET A 63 -0.81 -3.73 9.09
CA MET A 63 -1.61 -4.55 8.18
C MET A 63 -2.59 -3.70 7.37
N MET A 64 -3.02 -2.59 7.96
CA MET A 64 -3.91 -1.66 7.27
C MET A 64 -3.13 -0.95 6.16
N VAL A 65 -1.89 -0.59 6.47
CA VAL A 65 -1.02 0.10 5.52
C VAL A 65 -0.71 -0.81 4.35
N LEU A 66 -0.33 -2.04 4.66
CA LEU A 66 -0.02 -3.05 3.65
C LEU A 66 -1.20 -3.30 2.74
N GLY A 67 -2.36 -3.47 3.35
CA GLY A 67 -3.57 -3.74 2.61
C GLY A 67 -3.95 -2.57 1.72
N ALA A 68 -3.86 -1.36 2.29
CA ALA A 68 -4.17 -0.17 1.55
C ALA A 68 -3.18 0.02 0.42
N LYS A 69 -1.90 -0.24 0.70
CA LYS A 69 -0.86 -0.12 -0.33
C LYS A 69 -1.07 -1.07 -1.47
N TRP A 70 -1.48 -2.28 -1.18
CA TRP A 70 -1.82 -3.25 -2.22
C TRP A 70 -2.92 -2.69 -3.13
N ARG A 71 -3.90 -2.08 -2.50
CA ARG A 71 -4.98 -1.39 -3.21
C ARG A 71 -4.40 -0.23 -4.05
N GLU A 72 -3.61 0.63 -3.42
CA GLU A 72 -2.99 1.79 -4.11
C GLU A 72 -2.14 1.32 -5.30
N PHE A 73 -1.38 0.26 -5.06
CA PHE A 73 -0.55 -0.39 -6.05
C PHE A 73 -1.39 -0.79 -7.25
N SER A 74 -2.43 -1.56 -6.99
CA SER A 74 -3.33 -2.05 -8.03
C SER A 74 -4.07 -0.91 -8.73
N THR A 75 -4.22 0.21 -8.04
CA THR A 75 -4.88 1.36 -8.59
C THR A 75 -3.98 2.08 -9.63
N ASN A 76 -2.74 2.39 -9.25
CA ASN A 76 -1.85 3.15 -10.15
C ASN A 76 -1.22 2.23 -11.19
N ASN A 77 -1.24 0.93 -10.91
CA ASN A 77 -0.74 -0.10 -11.84
C ASN A 77 -1.53 -0.11 -13.16
N PRO A 78 -0.89 0.26 -14.29
CA PRO A 78 -1.53 0.24 -15.61
C PRO A 78 -1.69 -1.19 -16.13
N PHE A 79 -0.75 -2.04 -15.74
CA PHE A 79 -0.74 -3.44 -16.16
C PHE A 79 -1.82 -4.23 -15.45
N LYS A 80 -3.04 -4.16 -15.97
CA LYS A 80 -4.17 -4.94 -15.47
C LYS A 80 -3.84 -6.42 -15.54
N GLY A 81 -3.19 -6.79 -16.61
CA GLY A 81 -2.73 -8.12 -16.82
C GLY A 81 -1.24 -8.12 -16.89
N SER A 82 -0.63 -8.66 -15.88
CA SER A 82 0.81 -8.69 -15.71
C SER A 82 1.56 -9.23 -16.94
N SER A 83 1.00 -10.24 -17.57
CA SER A 83 1.64 -10.84 -18.71
C SER A 83 0.93 -10.46 -20.02
N GLY A 84 -0.03 -9.56 -19.92
CA GLY A 84 -0.76 -9.15 -21.09
C GLY A 84 -2.20 -8.81 -20.80
N ALA A 85 -2.98 -9.81 -20.47
CA ALA A 85 -4.39 -9.58 -20.24
C ALA A 85 -4.85 -10.14 -18.92
N SER A 86 -5.72 -9.39 -18.28
CA SER A 86 -6.42 -9.74 -17.05
C SER A 86 -7.53 -8.72 -16.87
N GLY A 1 -18.41 12.23 14.33
CA GLY A 1 -17.82 13.49 14.73
C GLY A 1 -17.91 14.51 13.63
N PRO A 2 -17.16 15.62 13.70
CA PRO A 2 -17.21 16.72 12.73
C PRO A 2 -16.47 16.43 11.42
N LEU A 3 -15.88 15.27 11.32
CA LEU A 3 -15.15 14.89 10.14
C LEU A 3 -15.61 13.54 9.66
N GLY A 4 -15.54 13.32 8.38
CA GLY A 4 -15.91 12.05 7.85
C GLY A 4 -14.70 11.21 7.56
N SER A 5 -14.68 10.02 8.09
CA SER A 5 -13.56 9.11 7.94
C SER A 5 -13.48 8.49 6.53
N SER A 6 -14.58 8.50 5.83
CA SER A 6 -14.63 7.98 4.48
C SER A 6 -15.49 8.90 3.63
N LYS A 7 -15.44 10.20 3.97
CA LYS A 7 -16.21 11.19 3.24
C LYS A 7 -15.59 11.36 1.87
N GLU A 8 -14.28 11.43 1.85
CA GLU A 8 -13.52 11.49 0.63
C GLU A 8 -12.69 10.24 0.50
N PRO A 9 -12.39 9.82 -0.73
CA PRO A 9 -11.48 8.71 -0.98
C PRO A 9 -10.07 9.05 -0.50
N LYS A 10 -9.43 8.12 0.16
CA LYS A 10 -8.10 8.32 0.65
C LYS A 10 -7.14 7.38 -0.01
N SER A 11 -6.10 7.93 -0.52
CA SER A 11 -5.01 7.15 -1.13
C SER A 11 -4.19 6.50 0.00
N SER A 12 -3.24 5.63 -0.32
CA SER A 12 -2.45 4.94 0.70
C SER A 12 -1.66 5.94 1.54
N ALA A 13 -1.07 6.92 0.86
CA ALA A 13 -0.29 7.95 1.52
C ALA A 13 -1.20 8.81 2.37
N GLN A 14 -2.40 9.01 1.88
CA GLN A 14 -3.37 9.85 2.53
C GLN A 14 -3.89 9.16 3.80
N LEU A 15 -4.08 7.84 3.74
CA LEU A 15 -4.48 7.03 4.90
C LEU A 15 -3.43 7.14 5.98
N LEU A 16 -2.19 6.90 5.59
CA LEU A 16 -1.07 6.90 6.51
C LEU A 16 -0.82 8.30 7.09
N GLU A 17 -0.99 9.31 6.25
CA GLU A 17 -0.82 10.70 6.67
C GLU A 17 -1.93 11.10 7.64
N ASP A 18 -3.10 10.51 7.45
CA ASP A 18 -4.32 10.80 8.24
C ASP A 18 -4.13 10.38 9.69
N TRP A 19 -3.16 9.51 9.92
CA TRP A 19 -2.86 9.02 11.25
C TRP A 19 -1.67 9.76 11.85
N GLY A 20 -1.07 10.63 11.09
CA GLY A 20 0.07 11.37 11.57
C GLY A 20 1.38 10.65 11.31
N MET A 21 1.43 9.92 10.21
CA MET A 21 2.64 9.20 9.83
C MET A 21 3.08 9.68 8.46
N GLU A 22 4.21 9.19 8.00
CA GLU A 22 4.74 9.55 6.69
C GLU A 22 4.69 8.35 5.79
N ASP A 23 4.32 8.56 4.56
CA ASP A 23 4.39 7.51 3.56
C ASP A 23 5.70 7.68 2.80
N ILE A 24 6.15 6.64 2.18
CA ILE A 24 7.42 6.64 1.52
C ILE A 24 7.24 7.19 0.09
N ASP A 25 8.25 7.85 -0.41
CA ASP A 25 8.26 8.47 -1.76
C ASP A 25 8.45 7.41 -2.86
N HIS A 26 8.61 6.18 -2.42
CA HIS A 26 8.85 5.05 -3.29
C HIS A 26 7.59 4.71 -4.08
N VAL A 27 7.78 4.49 -5.35
CA VAL A 27 6.74 4.07 -6.24
C VAL A 27 7.19 2.83 -6.94
N PHE A 28 6.27 1.92 -7.08
CA PHE A 28 6.51 0.67 -7.71
C PHE A 28 6.80 0.93 -9.16
N SER A 29 7.90 0.44 -9.60
CA SER A 29 8.32 0.60 -10.96
C SER A 29 7.92 -0.63 -11.81
N GLU A 30 8.25 -0.62 -13.10
CA GLU A 30 7.85 -1.67 -14.04
C GLU A 30 8.35 -3.06 -13.66
N GLU A 31 9.58 -3.12 -13.20
CA GLU A 31 10.19 -4.36 -12.76
C GLU A 31 9.41 -4.93 -11.55
N ASP A 32 8.92 -4.01 -10.72
CA ASP A 32 8.15 -4.38 -9.52
C ASP A 32 6.77 -4.86 -9.92
N TYR A 33 6.16 -4.17 -10.90
CA TYR A 33 4.80 -4.48 -11.36
C TYR A 33 4.67 -5.92 -11.85
N ARG A 34 5.71 -6.46 -12.43
CA ARG A 34 5.63 -7.80 -13.00
C ARG A 34 5.89 -8.85 -11.93
N THR A 35 6.78 -8.53 -11.01
CA THR A 35 7.22 -9.49 -10.05
C THR A 35 6.31 -9.59 -8.82
N LEU A 36 5.71 -8.49 -8.43
CA LEU A 36 4.86 -8.47 -7.26
C LEU A 36 3.41 -8.62 -7.65
N THR A 37 3.16 -9.60 -8.45
CA THR A 37 1.86 -9.85 -9.00
C THR A 37 0.99 -10.78 -8.15
N ASN A 38 1.31 -10.81 -6.88
CA ASN A 38 0.60 -11.54 -5.86
C ASN A 38 0.70 -10.69 -4.62
N TYR A 39 -0.42 -10.40 -3.97
CA TYR A 39 -0.44 -9.55 -2.77
C TYR A 39 0.46 -10.11 -1.67
N LYS A 40 0.56 -11.41 -1.59
CA LYS A 40 1.38 -12.05 -0.57
C LYS A 40 2.88 -11.88 -0.84
N ALA A 41 3.25 -11.80 -2.11
CA ALA A 41 4.64 -11.51 -2.47
C ALA A 41 4.91 -10.03 -2.27
N PHE A 42 3.89 -9.25 -2.59
CA PHE A 42 3.87 -7.81 -2.53
C PHE A 42 4.02 -7.33 -1.09
N SER A 43 3.29 -7.95 -0.18
CA SER A 43 3.32 -7.59 1.22
C SER A 43 4.70 -7.75 1.81
N GLN A 44 5.41 -8.78 1.39
CA GLN A 44 6.77 -9.07 1.86
C GLN A 44 7.74 -7.95 1.45
N PHE A 45 7.37 -7.20 0.44
CA PHE A 45 8.15 -6.09 -0.03
C PHE A 45 7.72 -4.78 0.66
N VAL A 46 6.43 -4.51 0.59
CA VAL A 46 5.90 -3.24 1.05
C VAL A 46 5.78 -3.15 2.59
N ARG A 47 5.64 -4.29 3.27
CA ARG A 47 5.60 -4.30 4.74
C ARG A 47 6.87 -3.66 5.32
N PRO A 48 8.10 -4.17 5.00
CA PRO A 48 9.36 -3.57 5.45
C PRO A 48 9.51 -2.13 4.98
N LEU A 49 8.90 -1.84 3.82
CA LEU A 49 8.93 -0.53 3.22
C LEU A 49 8.22 0.47 4.13
N ILE A 50 7.00 0.15 4.51
CA ILE A 50 6.19 1.01 5.35
C ILE A 50 6.68 0.96 6.79
N ALA A 51 7.12 -0.22 7.21
CA ALA A 51 7.64 -0.44 8.56
C ALA A 51 8.88 0.43 8.84
N ALA A 52 9.54 0.86 7.77
CA ALA A 52 10.67 1.77 7.89
C ALA A 52 10.22 3.11 8.48
N LYS A 53 8.98 3.50 8.17
CA LYS A 53 8.41 4.73 8.67
C LYS A 53 7.57 4.48 9.93
N ASN A 54 7.00 3.30 10.02
CA ASN A 54 6.16 2.95 11.15
C ASN A 54 6.19 1.44 11.46
N PRO A 55 7.11 1.02 12.33
CA PRO A 55 7.19 -0.39 12.77
C PRO A 55 6.33 -0.61 14.02
N LYS A 56 5.84 0.47 14.56
CA LYS A 56 5.07 0.47 15.79
C LYS A 56 3.65 0.95 15.48
N ILE A 57 3.22 0.67 14.28
CA ILE A 57 1.88 1.03 13.85
C ILE A 57 0.94 -0.11 14.29
N ALA A 58 -0.34 0.16 14.39
CA ALA A 58 -1.28 -0.90 14.71
C ALA A 58 -1.58 -1.69 13.46
N VAL A 59 -1.64 -3.01 13.58
CA VAL A 59 -1.81 -3.90 12.43
C VAL A 59 -3.07 -3.60 11.62
N SER A 60 -4.14 -3.18 12.28
CA SER A 60 -5.37 -2.84 11.58
C SER A 60 -5.14 -1.66 10.61
N LYS A 61 -4.39 -0.66 11.06
CA LYS A 61 -4.05 0.46 10.20
C LYS A 61 -3.06 0.03 9.14
N MET A 62 -2.13 -0.82 9.56
CA MET A 62 -1.11 -1.38 8.66
C MET A 62 -1.76 -2.08 7.46
N MET A 63 -2.76 -2.91 7.74
CA MET A 63 -3.48 -3.68 6.72
C MET A 63 -4.13 -2.75 5.69
N MET A 64 -4.61 -1.60 6.17
CA MET A 64 -5.23 -0.60 5.31
C MET A 64 -4.22 -0.05 4.32
N VAL A 65 -3.01 0.20 4.81
CA VAL A 65 -1.98 0.77 3.99
C VAL A 65 -1.56 -0.21 2.90
N LEU A 66 -1.24 -1.44 3.30
CA LEU A 66 -0.85 -2.48 2.33
C LEU A 66 -1.97 -2.76 1.32
N GLY A 67 -3.22 -2.72 1.78
CA GLY A 67 -4.34 -2.92 0.89
C GLY A 67 -4.44 -1.80 -0.13
N ALA A 68 -4.31 -0.57 0.34
CA ALA A 68 -4.35 0.60 -0.53
C ALA A 68 -3.12 0.64 -1.45
N LYS A 69 -1.96 0.22 -0.93
CA LYS A 69 -0.74 0.11 -1.73
C LYS A 69 -0.96 -0.86 -2.89
N TRP A 70 -1.59 -1.99 -2.59
CA TRP A 70 -1.91 -3.00 -3.59
C TRP A 70 -2.88 -2.44 -4.60
N ARG A 71 -3.86 -1.70 -4.11
CA ARG A 71 -4.86 -1.05 -4.95
C ARG A 71 -4.14 -0.09 -5.92
N GLU A 72 -3.26 0.73 -5.38
CA GLU A 72 -2.49 1.66 -6.19
C GLU A 72 -1.57 0.94 -7.17
N PHE A 73 -0.91 -0.08 -6.68
CA PHE A 73 -0.02 -0.93 -7.49
C PHE A 73 -0.76 -1.45 -8.71
N SER A 74 -1.93 -1.99 -8.50
CA SER A 74 -2.73 -2.56 -9.56
C SER A 74 -3.34 -1.49 -10.50
N THR A 75 -3.50 -0.26 -10.03
CA THR A 75 -4.02 0.80 -10.87
C THR A 75 -2.88 1.43 -11.70
N ASN A 76 -1.73 1.57 -11.08
CA ASN A 76 -0.59 2.24 -11.68
C ASN A 76 0.19 1.28 -12.59
N ASN A 77 -0.19 0.02 -12.55
CA ASN A 77 0.44 -1.01 -13.36
C ASN A 77 -0.02 -0.92 -14.82
N PRO A 78 0.91 -0.70 -15.76
CA PRO A 78 0.60 -0.66 -17.20
C PRO A 78 0.37 -2.04 -17.79
N PHE A 79 1.05 -3.02 -17.20
CA PHE A 79 1.04 -4.40 -17.67
C PHE A 79 -0.31 -5.07 -17.47
N LYS A 80 -1.07 -5.17 -18.52
CA LYS A 80 -2.38 -5.73 -18.46
C LYS A 80 -2.32 -7.19 -18.86
N GLY A 81 -2.13 -8.04 -17.89
CA GLY A 81 -2.02 -9.44 -18.15
C GLY A 81 -1.96 -10.22 -16.87
N SER A 82 -1.57 -11.46 -16.95
CA SER A 82 -1.52 -12.31 -15.79
C SER A 82 -0.09 -12.50 -15.32
N SER A 83 0.26 -11.74 -14.28
CA SER A 83 1.57 -11.77 -13.64
C SER A 83 2.67 -11.22 -14.56
N GLY A 84 3.11 -12.02 -15.51
CA GLY A 84 4.18 -11.59 -16.37
C GLY A 84 5.52 -12.08 -15.89
N ALA A 85 5.52 -12.86 -14.82
CA ALA A 85 6.73 -13.39 -14.26
C ALA A 85 7.17 -14.65 -14.98
N SER A 86 7.93 -14.48 -16.03
CA SER A 86 8.51 -15.56 -16.77
C SER A 86 9.92 -15.18 -17.18
N GLY A 1 -16.88 18.54 5.96
CA GLY A 1 -15.64 19.07 6.54
C GLY A 1 -14.73 17.93 6.91
N PRO A 2 -13.45 18.22 7.26
CA PRO A 2 -12.47 17.18 7.61
C PRO A 2 -12.76 16.51 8.96
N LEU A 3 -13.31 17.25 9.88
CA LEU A 3 -13.66 16.69 11.15
C LEU A 3 -15.14 16.85 11.37
N GLY A 4 -15.84 15.75 11.36
CA GLY A 4 -17.25 15.80 11.58
C GLY A 4 -17.97 14.70 10.89
N SER A 5 -18.86 15.06 10.02
CA SER A 5 -19.72 14.13 9.35
C SER A 5 -19.01 13.41 8.20
N SER A 6 -17.96 14.01 7.67
CA SER A 6 -17.25 13.40 6.57
C SER A 6 -15.74 13.41 6.79
N LYS A 7 -15.06 12.76 5.86
CA LYS A 7 -13.62 12.66 5.75
C LYS A 7 -13.40 11.79 4.53
N GLU A 8 -12.33 11.98 3.82
CA GLU A 8 -12.10 11.16 2.65
C GLU A 8 -11.50 9.81 3.04
N PRO A 9 -11.77 8.77 2.20
CA PRO A 9 -11.27 7.40 2.40
C PRO A 9 -9.80 7.33 2.77
N LYS A 10 -9.53 6.67 3.89
CA LYS A 10 -8.19 6.50 4.40
C LYS A 10 -7.31 5.67 3.49
N SER A 11 -6.37 6.34 2.93
CA SER A 11 -5.33 5.75 2.10
C SER A 11 -4.16 5.38 3.04
N SER A 12 -3.13 4.71 2.52
CA SER A 12 -1.98 4.30 3.33
C SER A 12 -1.35 5.50 4.01
N ALA A 13 -1.12 6.54 3.23
CA ALA A 13 -0.50 7.74 3.74
C ALA A 13 -1.39 8.41 4.76
N GLN A 14 -2.70 8.31 4.53
CA GLN A 14 -3.68 8.90 5.43
C GLN A 14 -3.65 8.15 6.77
N LEU A 15 -3.69 6.82 6.69
CA LEU A 15 -3.66 5.94 7.87
C LEU A 15 -2.41 6.22 8.67
N LEU A 16 -1.30 6.13 8.00
CA LEU A 16 0.01 6.23 8.59
C LEU A 16 0.24 7.63 9.19
N GLU A 17 -0.22 8.66 8.49
CA GLU A 17 -0.06 10.04 8.95
C GLU A 17 -0.95 10.31 10.16
N ASP A 18 -2.09 9.64 10.19
CA ASP A 18 -3.08 9.79 11.24
C ASP A 18 -2.55 9.20 12.53
N TRP A 19 -1.62 8.27 12.39
CA TRP A 19 -0.96 7.64 13.54
C TRP A 19 0.29 8.43 13.92
N GLY A 20 0.57 9.48 13.16
CA GLY A 20 1.73 10.31 13.44
C GLY A 20 3.00 9.73 12.86
N MET A 21 2.86 8.91 11.83
CA MET A 21 4.01 8.27 11.23
C MET A 21 4.26 8.85 9.84
N GLU A 22 5.37 8.46 9.26
CA GLU A 22 5.77 8.90 7.95
C GLU A 22 5.57 7.78 6.98
N ASP A 23 5.20 8.10 5.76
CA ASP A 23 4.99 7.10 4.73
C ASP A 23 6.33 6.85 4.00
N ILE A 24 6.30 6.07 2.96
CA ILE A 24 7.50 5.58 2.34
C ILE A 24 7.86 6.42 1.13
N ASP A 25 9.14 6.74 1.00
CA ASP A 25 9.63 7.55 -0.12
C ASP A 25 9.81 6.68 -1.34
N HIS A 26 9.87 5.40 -1.09
CA HIS A 26 9.96 4.39 -2.12
C HIS A 26 8.64 4.33 -2.87
N VAL A 27 8.70 4.62 -4.12
CA VAL A 27 7.55 4.53 -4.97
C VAL A 27 7.71 3.30 -5.83
N PHE A 28 6.61 2.61 -6.05
CA PHE A 28 6.60 1.41 -6.83
C PHE A 28 7.02 1.73 -8.26
N SER A 29 8.11 1.18 -8.64
CA SER A 29 8.64 1.39 -9.95
C SER A 29 7.97 0.39 -10.90
N GLU A 30 8.20 0.56 -12.18
CA GLU A 30 7.61 -0.29 -13.19
C GLU A 30 8.01 -1.75 -12.98
N GLU A 31 9.24 -1.97 -12.56
CA GLU A 31 9.74 -3.32 -12.29
C GLU A 31 8.96 -3.96 -11.14
N ASP A 32 8.57 -3.14 -10.16
CA ASP A 32 7.84 -3.63 -8.99
C ASP A 32 6.45 -4.03 -9.39
N TYR A 33 5.88 -3.27 -10.30
CA TYR A 33 4.56 -3.58 -10.83
C TYR A 33 4.55 -4.91 -11.58
N ARG A 34 5.69 -5.27 -12.15
CA ARG A 34 5.85 -6.50 -12.91
C ARG A 34 6.12 -7.69 -11.98
N THR A 35 6.55 -7.41 -10.76
CA THR A 35 6.94 -8.46 -9.86
C THR A 35 5.94 -8.71 -8.73
N LEU A 36 5.31 -7.67 -8.25
CA LEU A 36 4.38 -7.79 -7.13
C LEU A 36 2.97 -7.93 -7.67
N THR A 37 2.79 -8.91 -8.50
CA THR A 37 1.55 -9.14 -9.21
C THR A 37 0.43 -9.69 -8.30
N ASN A 38 0.76 -10.02 -7.07
CA ASN A 38 -0.19 -10.57 -6.12
C ASN A 38 0.19 -10.08 -4.74
N TYR A 39 -0.81 -9.94 -3.87
CA TYR A 39 -0.62 -9.43 -2.51
C TYR A 39 0.40 -10.26 -1.71
N LYS A 40 0.47 -11.56 -1.98
CA LYS A 40 1.40 -12.44 -1.27
C LYS A 40 2.86 -12.04 -1.47
N ALA A 41 3.23 -11.77 -2.71
CA ALA A 41 4.58 -11.35 -3.03
C ALA A 41 4.78 -9.89 -2.61
N PHE A 42 3.70 -9.16 -2.66
CA PHE A 42 3.65 -7.75 -2.33
C PHE A 42 3.98 -7.50 -0.86
N SER A 43 3.29 -8.20 0.04
CA SER A 43 3.44 -7.98 1.46
C SER A 43 4.86 -8.29 1.93
N GLN A 44 5.47 -9.32 1.36
CA GLN A 44 6.82 -9.72 1.71
C GLN A 44 7.84 -8.66 1.33
N PHE A 45 7.50 -7.85 0.36
CA PHE A 45 8.38 -6.82 -0.12
C PHE A 45 8.13 -5.52 0.64
N VAL A 46 6.88 -5.12 0.70
CA VAL A 46 6.49 -3.83 1.24
C VAL A 46 6.56 -3.79 2.79
N ARG A 47 6.34 -4.92 3.46
CA ARG A 47 6.42 -4.97 4.95
C ARG A 47 7.77 -4.40 5.48
N PRO A 48 8.96 -4.95 5.07
CA PRO A 48 10.28 -4.42 5.48
C PRO A 48 10.45 -2.94 5.12
N LEU A 49 9.90 -2.57 3.97
CA LEU A 49 9.94 -1.17 3.50
C LEU A 49 9.25 -0.24 4.47
N ILE A 50 8.06 -0.59 4.90
CA ILE A 50 7.31 0.27 5.80
C ILE A 50 7.91 0.23 7.19
N ALA A 51 8.32 -0.96 7.61
CA ALA A 51 8.95 -1.16 8.92
C ALA A 51 10.25 -0.36 9.04
N ALA A 52 10.86 -0.04 7.91
CA ALA A 52 12.06 0.75 7.89
C ALA A 52 11.76 2.21 8.23
N LYS A 53 10.61 2.69 7.79
CA LYS A 53 10.27 4.08 8.05
C LYS A 53 9.56 4.21 9.39
N ASN A 54 8.88 3.18 9.79
CA ASN A 54 8.19 3.17 11.06
C ASN A 54 8.27 1.81 11.74
N PRO A 55 9.34 1.58 12.51
CA PRO A 55 9.53 0.32 13.22
C PRO A 55 8.83 0.31 14.58
N LYS A 56 8.37 1.46 15.00
CA LYS A 56 7.74 1.65 16.29
C LYS A 56 6.21 1.65 16.11
N ILE A 57 5.79 1.17 14.97
CA ILE A 57 4.39 1.16 14.60
C ILE A 57 3.80 -0.22 15.05
N ALA A 58 2.53 -0.26 15.28
CA ALA A 58 1.86 -1.51 15.63
C ALA A 58 1.68 -2.40 14.39
N VAL A 59 1.81 -3.70 14.57
CA VAL A 59 1.73 -4.67 13.48
C VAL A 59 0.29 -4.77 12.93
N SER A 60 -0.67 -4.57 13.80
CA SER A 60 -2.07 -4.59 13.44
C SER A 60 -2.34 -3.47 12.40
N LYS A 61 -1.79 -2.31 12.69
CA LYS A 61 -1.92 -1.16 11.84
C LYS A 61 -1.09 -1.32 10.57
N MET A 62 0.02 -2.02 10.70
CA MET A 62 0.89 -2.35 9.56
C MET A 62 0.10 -3.11 8.49
N MET A 63 -0.82 -3.97 8.94
CA MET A 63 -1.68 -4.73 8.03
C MET A 63 -2.59 -3.80 7.24
N MET A 64 -2.98 -2.69 7.86
CA MET A 64 -3.83 -1.71 7.22
C MET A 64 -3.05 -1.00 6.15
N VAL A 65 -1.79 -0.67 6.45
CA VAL A 65 -0.93 0.02 5.51
C VAL A 65 -0.69 -0.87 4.31
N LEU A 66 -0.31 -2.13 4.58
CA LEU A 66 -0.07 -3.11 3.53
C LEU A 66 -1.27 -3.31 2.62
N GLY A 67 -2.46 -3.37 3.23
CA GLY A 67 -3.67 -3.54 2.47
C GLY A 67 -3.99 -2.32 1.62
N ALA A 68 -3.77 -1.14 2.19
CA ALA A 68 -4.02 0.09 1.49
C ALA A 68 -2.98 0.31 0.39
N LYS A 69 -1.72 -0.03 0.67
CA LYS A 69 -0.67 0.05 -0.34
C LYS A 69 -0.97 -0.83 -1.51
N TRP A 70 -1.50 -2.01 -1.25
CA TRP A 70 -1.92 -2.92 -2.31
C TRP A 70 -3.01 -2.26 -3.15
N ARG A 71 -3.93 -1.62 -2.47
CA ARG A 71 -5.04 -0.90 -3.10
C ARG A 71 -4.48 0.17 -4.05
N GLU A 72 -3.57 0.96 -3.54
CA GLU A 72 -2.90 2.00 -4.31
C GLU A 72 -2.09 1.41 -5.47
N PHE A 73 -1.33 0.37 -5.18
CA PHE A 73 -0.51 -0.35 -6.16
C PHE A 73 -1.34 -0.82 -7.35
N SER A 74 -2.37 -1.61 -7.08
CA SER A 74 -3.19 -2.21 -8.13
C SER A 74 -3.98 -1.16 -8.95
N THR A 75 -4.28 -0.05 -8.33
CA THR A 75 -5.00 1.02 -9.00
C THR A 75 -4.04 1.86 -9.88
N ASN A 76 -2.76 1.85 -9.54
CA ASN A 76 -1.76 2.65 -10.24
C ASN A 76 -0.82 1.75 -11.05
N ASN A 77 -1.20 0.52 -11.22
CA ASN A 77 -0.39 -0.46 -11.92
C ASN A 77 -0.64 -0.42 -13.43
N PRO A 78 0.40 -0.12 -14.23
CA PRO A 78 0.28 -0.15 -15.70
C PRO A 78 0.26 -1.59 -16.23
N PHE A 79 1.02 -2.44 -15.59
CA PHE A 79 1.21 -3.83 -16.02
C PHE A 79 0.09 -4.76 -15.52
N LYS A 80 -1.06 -4.19 -15.24
CA LYS A 80 -2.21 -4.95 -14.75
C LYS A 80 -2.97 -5.58 -15.91
N GLY A 81 -2.45 -5.41 -17.10
CA GLY A 81 -3.10 -5.93 -18.27
C GLY A 81 -3.85 -4.83 -18.98
N SER A 82 -3.44 -4.55 -20.19
CA SER A 82 -4.06 -3.54 -20.98
C SER A 82 -3.99 -3.96 -22.44
N SER A 83 -4.92 -3.49 -23.22
CA SER A 83 -5.00 -3.80 -24.61
C SER A 83 -4.22 -2.79 -25.45
N GLY A 84 -3.80 -1.70 -24.83
CA GLY A 84 -3.09 -0.67 -25.54
C GLY A 84 -1.59 -0.87 -25.53
N ALA A 85 -1.13 -1.91 -26.20
CA ALA A 85 0.29 -2.18 -26.28
C ALA A 85 0.86 -1.42 -27.46
N SER A 86 1.51 -0.33 -27.18
CA SER A 86 2.10 0.52 -28.18
C SER A 86 3.39 1.13 -27.64
N GLY A 1 -21.85 -0.90 11.19
CA GLY A 1 -23.11 -0.54 10.53
C GLY A 1 -22.84 0.36 9.35
N PRO A 2 -23.73 0.44 8.35
CA PRO A 2 -23.53 1.24 7.13
C PRO A 2 -23.36 2.75 7.40
N LEU A 3 -23.89 3.22 8.52
CA LEU A 3 -23.78 4.62 8.88
C LEU A 3 -22.42 4.94 9.54
N GLY A 4 -21.67 3.90 9.83
CA GLY A 4 -20.39 4.06 10.47
C GLY A 4 -19.26 3.73 9.54
N SER A 5 -19.46 4.01 8.28
CA SER A 5 -18.48 3.74 7.27
C SER A 5 -17.61 4.97 7.06
N SER A 6 -16.53 4.81 6.37
CA SER A 6 -15.69 5.92 6.05
C SER A 6 -15.96 6.32 4.62
N LYS A 7 -16.47 7.52 4.44
CA LYS A 7 -16.72 8.03 3.11
C LYS A 7 -15.40 8.59 2.58
N GLU A 8 -14.47 8.79 3.50
CA GLU A 8 -13.16 9.25 3.18
C GLU A 8 -12.30 8.06 2.75
N PRO A 9 -11.74 8.08 1.53
CA PRO A 9 -10.79 7.07 1.11
C PRO A 9 -9.53 7.26 1.93
N LYS A 10 -9.10 6.25 2.61
CA LYS A 10 -8.00 6.39 3.48
C LYS A 10 -6.88 5.47 3.06
N SER A 11 -6.05 6.02 2.20
CA SER A 11 -4.91 5.33 1.65
C SER A 11 -3.83 5.15 2.72
N SER A 12 -2.75 4.45 2.35
CA SER A 12 -1.65 4.15 3.25
C SER A 12 -1.11 5.40 3.89
N ALA A 13 -1.00 6.44 3.08
CA ALA A 13 -0.50 7.71 3.52
C ALA A 13 -1.34 8.26 4.66
N GLN A 14 -2.66 8.20 4.51
CA GLN A 14 -3.59 8.73 5.49
C GLN A 14 -3.67 7.81 6.72
N LEU A 15 -3.59 6.51 6.48
CA LEU A 15 -3.61 5.53 7.58
C LEU A 15 -2.39 5.71 8.45
N LEU A 16 -1.24 5.77 7.82
CA LEU A 16 0.01 5.89 8.51
C LEU A 16 0.12 7.33 9.12
N GLU A 17 -0.51 8.30 8.45
CA GLU A 17 -0.58 9.70 8.89
C GLU A 17 -1.39 9.81 10.15
N ASP A 18 -2.38 8.95 10.26
CA ASP A 18 -3.32 8.93 11.37
C ASP A 18 -2.59 8.65 12.66
N TRP A 19 -1.54 7.88 12.55
CA TRP A 19 -0.76 7.49 13.71
C TRP A 19 0.47 8.40 13.82
N GLY A 20 0.54 9.37 12.93
CA GLY A 20 1.62 10.33 12.91
C GLY A 20 2.93 9.71 12.50
N MET A 21 2.84 8.71 11.64
CA MET A 21 4.01 7.98 11.20
C MET A 21 4.41 8.47 9.81
N GLU A 22 5.47 7.92 9.27
CA GLU A 22 5.98 8.35 7.96
C GLU A 22 5.81 7.28 6.91
N ASP A 23 5.33 7.67 5.76
CA ASP A 23 5.21 6.80 4.60
C ASP A 23 6.47 6.98 3.75
N ILE A 24 6.77 6.05 2.88
CA ILE A 24 7.98 6.13 2.11
C ILE A 24 7.66 6.80 0.79
N ASP A 25 8.62 7.50 0.25
CA ASP A 25 8.50 8.11 -1.07
C ASP A 25 8.87 7.12 -2.15
N HIS A 26 8.84 5.87 -1.77
CA HIS A 26 9.13 4.77 -2.65
C HIS A 26 7.96 4.56 -3.58
N VAL A 27 8.13 4.97 -4.79
CA VAL A 27 7.13 4.77 -5.78
C VAL A 27 7.35 3.42 -6.36
N PHE A 28 6.28 2.68 -6.54
CA PHE A 28 6.40 1.36 -7.11
C PHE A 28 6.84 1.52 -8.54
N SER A 29 7.96 0.97 -8.82
CA SER A 29 8.53 1.08 -10.12
C SER A 29 7.88 0.08 -11.06
N GLU A 30 8.14 0.20 -12.35
CA GLU A 30 7.60 -0.70 -13.35
C GLU A 30 7.99 -2.13 -13.06
N GLU A 31 9.24 -2.34 -12.64
CA GLU A 31 9.71 -3.67 -12.25
C GLU A 31 8.93 -4.21 -11.06
N ASP A 32 8.54 -3.32 -10.16
CA ASP A 32 7.79 -3.71 -8.98
C ASP A 32 6.39 -4.11 -9.38
N TYR A 33 5.82 -3.39 -10.34
CA TYR A 33 4.48 -3.69 -10.85
C TYR A 33 4.46 -5.04 -11.56
N ARG A 34 5.59 -5.40 -12.14
CA ARG A 34 5.73 -6.66 -12.86
C ARG A 34 5.91 -7.83 -11.90
N THR A 35 6.70 -7.62 -10.87
CA THR A 35 7.03 -8.68 -9.94
C THR A 35 5.97 -8.92 -8.88
N LEU A 36 5.32 -7.87 -8.45
CA LEU A 36 4.33 -7.97 -7.41
C LEU A 36 2.93 -8.08 -8.02
N THR A 37 2.55 -9.26 -8.40
CA THR A 37 1.26 -9.48 -9.01
C THR A 37 0.21 -9.94 -8.02
N ASN A 38 0.63 -10.21 -6.80
CA ASN A 38 -0.26 -10.73 -5.79
C ASN A 38 0.03 -10.08 -4.45
N TYR A 39 -1.01 -9.90 -3.66
CA TYR A 39 -0.95 -9.24 -2.37
C TYR A 39 0.06 -9.88 -1.41
N LYS A 40 0.20 -11.19 -1.43
CA LYS A 40 1.10 -11.86 -0.49
C LYS A 40 2.57 -11.57 -0.82
N ALA A 41 2.91 -11.65 -2.10
CA ALA A 41 4.25 -11.33 -2.58
C ALA A 41 4.53 -9.86 -2.37
N PHE A 42 3.48 -9.08 -2.47
CA PHE A 42 3.52 -7.66 -2.26
C PHE A 42 3.79 -7.35 -0.80
N SER A 43 3.02 -7.98 0.08
CA SER A 43 3.09 -7.76 1.52
C SER A 43 4.48 -7.99 2.05
N GLN A 44 5.09 -9.12 1.68
CA GLN A 44 6.43 -9.47 2.17
C GLN A 44 7.50 -8.46 1.74
N PHE A 45 7.25 -7.73 0.68
CA PHE A 45 8.16 -6.71 0.20
C PHE A 45 7.93 -5.40 0.94
N VAL A 46 6.69 -4.96 0.96
CA VAL A 46 6.32 -3.68 1.50
C VAL A 46 6.32 -3.66 3.04
N ARG A 47 6.14 -4.82 3.65
CA ARG A 47 6.15 -4.97 5.12
C ARG A 47 7.44 -4.38 5.79
N PRO A 48 8.67 -4.88 5.45
CA PRO A 48 9.91 -4.30 5.98
C PRO A 48 10.22 -2.93 5.38
N LEU A 49 9.56 -2.59 4.28
CA LEU A 49 9.73 -1.34 3.61
C LEU A 49 9.13 -0.22 4.45
N ILE A 50 7.92 -0.43 4.94
CA ILE A 50 7.27 0.58 5.78
C ILE A 50 7.84 0.51 7.19
N ALA A 51 8.35 -0.64 7.56
CA ALA A 51 8.98 -0.81 8.86
C ALA A 51 10.31 -0.06 8.91
N ALA A 52 10.89 0.18 7.72
CA ALA A 52 12.10 0.96 7.61
C ALA A 52 11.82 2.39 8.06
N LYS A 53 10.61 2.84 7.84
CA LYS A 53 10.18 4.16 8.25
C LYS A 53 9.64 4.14 9.66
N ASN A 54 9.08 3.02 10.07
CA ASN A 54 8.42 2.96 11.36
C ASN A 54 8.71 1.64 12.04
N PRO A 55 9.73 1.58 12.89
CA PRO A 55 10.12 0.35 13.57
C PRO A 55 9.39 0.16 14.91
N LYS A 56 8.66 1.19 15.34
CA LYS A 56 7.95 1.16 16.60
C LYS A 56 6.45 1.26 16.36
N ILE A 57 6.07 0.90 15.16
CA ILE A 57 4.68 0.94 14.74
C ILE A 57 4.07 -0.43 15.11
N ALA A 58 2.79 -0.48 15.37
CA ALA A 58 2.15 -1.73 15.69
C ALA A 58 1.91 -2.56 14.43
N VAL A 59 2.12 -3.86 14.55
CA VAL A 59 1.99 -4.79 13.44
C VAL A 59 0.56 -4.82 12.90
N SER A 60 -0.40 -4.79 13.79
CA SER A 60 -1.81 -4.80 13.41
C SER A 60 -2.17 -3.56 12.57
N LYS A 61 -1.58 -2.44 12.92
CA LYS A 61 -1.78 -1.21 12.19
C LYS A 61 -1.06 -1.29 10.84
N MET A 62 0.13 -1.87 10.86
CA MET A 62 0.96 -2.05 9.66
C MET A 62 0.21 -2.84 8.57
N MET A 63 -0.56 -3.82 9.00
CA MET A 63 -1.34 -4.65 8.08
C MET A 63 -2.38 -3.82 7.32
N MET A 64 -2.87 -2.76 7.97
CA MET A 64 -3.84 -1.87 7.35
C MET A 64 -3.16 -1.12 6.21
N VAL A 65 -1.93 -0.71 6.47
CA VAL A 65 -1.14 0.04 5.51
C VAL A 65 -0.84 -0.83 4.31
N LEU A 66 -0.44 -2.07 4.57
CA LEU A 66 -0.15 -3.03 3.51
C LEU A 66 -1.34 -3.22 2.57
N GLY A 67 -2.53 -3.22 3.15
CA GLY A 67 -3.74 -3.35 2.37
C GLY A 67 -3.98 -2.15 1.49
N ALA A 68 -3.77 -0.97 2.05
CA ALA A 68 -3.95 0.26 1.32
C ALA A 68 -2.83 0.48 0.29
N LYS A 69 -1.64 -0.04 0.58
CA LYS A 69 -0.54 0.01 -0.38
C LYS A 69 -0.89 -0.78 -1.62
N TRP A 70 -1.49 -1.93 -1.43
CA TRP A 70 -1.96 -2.79 -2.50
C TRP A 70 -3.05 -2.04 -3.30
N ARG A 71 -3.83 -1.28 -2.56
CA ARG A 71 -4.88 -0.44 -3.12
C ARG A 71 -4.26 0.59 -4.07
N GLU A 72 -3.24 1.32 -3.59
CA GLU A 72 -2.53 2.33 -4.40
C GLU A 72 -1.89 1.67 -5.62
N PHE A 73 -1.18 0.59 -5.35
CA PHE A 73 -0.43 -0.19 -6.33
C PHE A 73 -1.32 -0.59 -7.52
N SER A 74 -2.41 -1.27 -7.21
CA SER A 74 -3.31 -1.81 -8.24
C SER A 74 -4.02 -0.70 -9.05
N THR A 75 -4.08 0.48 -8.48
CA THR A 75 -4.74 1.60 -9.12
C THR A 75 -3.80 2.29 -10.13
N ASN A 76 -2.59 2.59 -9.69
CA ASN A 76 -1.63 3.34 -10.50
C ASN A 76 -0.93 2.45 -11.56
N ASN A 77 -0.93 1.16 -11.32
CA ASN A 77 -0.29 0.14 -12.19
C ASN A 77 -0.65 0.30 -13.70
N PRO A 78 0.36 0.56 -14.55
CA PRO A 78 0.16 0.68 -16.01
C PRO A 78 -0.14 -0.67 -16.66
N PHE A 79 0.37 -1.72 -16.02
CA PHE A 79 0.25 -3.10 -16.50
C PHE A 79 -1.15 -3.67 -16.22
N LYS A 80 -2.05 -2.79 -15.87
CA LYS A 80 -3.45 -3.08 -15.70
C LYS A 80 -4.08 -3.24 -17.09
N GLY A 81 -3.43 -2.67 -18.08
CA GLY A 81 -3.94 -2.70 -19.42
C GLY A 81 -4.47 -1.36 -19.83
N SER A 82 -3.73 -0.33 -19.44
CA SER A 82 -4.09 1.04 -19.70
C SER A 82 -4.15 1.33 -21.21
N SER A 83 -5.19 2.05 -21.62
CA SER A 83 -5.41 2.39 -22.99
C SER A 83 -4.37 3.40 -23.49
N GLY A 84 -3.88 3.18 -24.68
CA GLY A 84 -2.92 4.07 -25.27
C GLY A 84 -1.54 3.46 -25.28
N ALA A 85 -1.48 2.20 -25.61
CA ALA A 85 -0.23 1.49 -25.65
C ALA A 85 0.32 1.51 -27.06
N SER A 86 1.58 1.79 -27.18
CA SER A 86 2.29 1.80 -28.42
C SER A 86 3.74 1.47 -28.12
N GLY A 1 -19.17 -3.01 5.26
CA GLY A 1 -20.40 -3.22 4.52
C GLY A 1 -20.82 -1.95 3.80
N PRO A 2 -21.65 -2.06 2.74
CA PRO A 2 -22.02 -0.92 1.87
C PRO A 2 -22.90 0.14 2.56
N LEU A 3 -23.65 -0.24 3.56
CA LEU A 3 -24.57 0.69 4.20
C LEU A 3 -24.17 0.97 5.63
N GLY A 4 -23.12 0.34 6.08
CA GLY A 4 -22.66 0.55 7.42
C GLY A 4 -21.32 1.22 7.44
N SER A 5 -20.31 0.48 7.81
CA SER A 5 -18.98 0.99 7.84
C SER A 5 -18.36 0.85 6.45
N SER A 6 -18.54 1.87 5.65
CA SER A 6 -17.95 1.93 4.37
C SER A 6 -16.72 2.81 4.49
N LYS A 7 -15.60 2.28 4.08
CA LYS A 7 -14.31 2.91 4.25
C LYS A 7 -14.21 4.29 3.62
N GLU A 8 -13.77 5.22 4.42
CA GLU A 8 -13.52 6.58 4.00
C GLU A 8 -12.32 6.59 3.09
N PRO A 9 -12.22 7.55 2.19
CA PRO A 9 -11.07 7.65 1.32
C PRO A 9 -9.83 8.07 2.10
N LYS A 10 -8.83 7.25 2.03
CA LYS A 10 -7.56 7.46 2.70
C LYS A 10 -6.51 6.71 1.99
N SER A 11 -5.41 7.35 1.80
CA SER A 11 -4.28 6.73 1.19
C SER A 11 -3.55 5.92 2.27
N SER A 12 -2.63 5.09 1.88
CA SER A 12 -1.89 4.29 2.83
C SER A 12 -0.98 5.20 3.66
N ALA A 13 -0.36 6.18 3.00
CA ALA A 13 0.48 7.15 3.70
C ALA A 13 -0.38 7.97 4.63
N GLN A 14 -1.61 8.21 4.21
CA GLN A 14 -2.56 9.01 4.94
C GLN A 14 -3.08 8.26 6.18
N LEU A 15 -3.22 6.93 6.08
CA LEU A 15 -3.58 6.09 7.24
C LEU A 15 -2.49 6.20 8.28
N LEU A 16 -1.28 6.08 7.81
CA LEU A 16 -0.12 6.12 8.65
C LEU A 16 0.09 7.56 9.20
N GLU A 17 -0.33 8.54 8.40
CA GLU A 17 -0.28 9.96 8.77
C GLU A 17 -1.32 10.25 9.85
N ASP A 18 -2.45 9.57 9.78
CA ASP A 18 -3.55 9.71 10.75
C ASP A 18 -3.05 9.27 12.13
N TRP A 19 -2.04 8.41 12.12
CA TRP A 19 -1.42 7.90 13.34
C TRP A 19 -0.15 8.70 13.68
N GLY A 20 0.09 9.76 12.92
CA GLY A 20 1.24 10.63 13.17
C GLY A 20 2.57 10.01 12.79
N MET A 21 2.55 9.05 11.89
CA MET A 21 3.77 8.38 11.46
C MET A 21 4.07 8.74 10.03
N GLU A 22 5.24 8.37 9.57
CA GLU A 22 5.64 8.64 8.20
C GLU A 22 5.59 7.37 7.41
N ASP A 23 5.26 7.52 6.17
CA ASP A 23 5.26 6.45 5.21
C ASP A 23 6.40 6.75 4.26
N ILE A 24 6.73 5.83 3.41
CA ILE A 24 7.75 6.06 2.46
C ILE A 24 7.06 6.49 1.20
N ASP A 25 7.38 7.67 0.71
CA ASP A 25 6.76 8.24 -0.52
C ASP A 25 7.24 7.54 -1.80
N HIS A 26 7.72 6.33 -1.63
CA HIS A 26 8.26 5.50 -2.67
C HIS A 26 7.19 5.23 -3.73
N VAL A 27 7.54 5.48 -4.94
CA VAL A 27 6.63 5.29 -6.03
C VAL A 27 6.75 3.89 -6.55
N PHE A 28 5.66 3.14 -6.48
CA PHE A 28 5.62 1.83 -7.09
C PHE A 28 5.84 2.00 -8.56
N SER A 29 6.91 1.48 -9.02
CA SER A 29 7.31 1.65 -10.35
C SER A 29 6.82 0.49 -11.21
N GLU A 30 7.01 0.59 -12.50
CA GLU A 30 6.54 -0.42 -13.45
C GLU A 30 7.17 -1.77 -13.20
N GLU A 31 8.43 -1.79 -12.80
CA GLU A 31 9.11 -3.04 -12.47
C GLU A 31 8.46 -3.71 -11.27
N ASP A 32 7.95 -2.90 -10.35
CA ASP A 32 7.29 -3.41 -9.16
C ASP A 32 5.96 -4.04 -9.56
N TYR A 33 5.30 -3.41 -10.52
CA TYR A 33 3.98 -3.88 -11.00
C TYR A 33 4.11 -5.20 -11.71
N ARG A 34 5.25 -5.40 -12.32
CA ARG A 34 5.54 -6.60 -13.07
C ARG A 34 5.81 -7.78 -12.15
N THR A 35 6.36 -7.51 -11.00
CA THR A 35 6.77 -8.57 -10.13
C THR A 35 5.80 -8.83 -8.97
N LEU A 36 5.18 -7.79 -8.47
CA LEU A 36 4.29 -7.91 -7.33
C LEU A 36 2.85 -8.02 -7.82
N THR A 37 2.61 -9.02 -8.60
CA THR A 37 1.32 -9.26 -9.24
C THR A 37 0.26 -9.79 -8.26
N ASN A 38 0.72 -10.27 -7.12
CA ASN A 38 -0.13 -10.81 -6.09
C ASN A 38 0.25 -10.23 -4.76
N TYR A 39 -0.76 -9.98 -3.93
CA TYR A 39 -0.60 -9.37 -2.61
C TYR A 39 0.41 -10.09 -1.73
N LYS A 40 0.45 -11.41 -1.80
CA LYS A 40 1.38 -12.17 -0.95
C LYS A 40 2.85 -11.79 -1.21
N ALA A 41 3.25 -11.76 -2.46
CA ALA A 41 4.62 -11.36 -2.80
C ALA A 41 4.82 -9.90 -2.43
N PHE A 42 3.79 -9.11 -2.72
CA PHE A 42 3.76 -7.69 -2.43
C PHE A 42 3.98 -7.40 -0.95
N SER A 43 3.23 -8.08 -0.10
CA SER A 43 3.28 -7.88 1.33
C SER A 43 4.69 -8.06 1.89
N GLN A 44 5.35 -9.17 1.55
CA GLN A 44 6.71 -9.42 1.99
C GLN A 44 7.72 -8.43 1.40
N PHE A 45 7.34 -7.77 0.33
CA PHE A 45 8.21 -6.79 -0.30
C PHE A 45 8.11 -5.46 0.44
N VAL A 46 6.90 -4.96 0.58
CA VAL A 46 6.65 -3.64 1.15
C VAL A 46 6.79 -3.65 2.69
N ARG A 47 6.70 -4.83 3.29
CA ARG A 47 6.82 -4.99 4.75
C ARG A 47 8.12 -4.32 5.33
N PRO A 48 9.36 -4.74 4.91
CA PRO A 48 10.60 -4.10 5.38
C PRO A 48 10.72 -2.65 4.95
N LEU A 49 10.03 -2.31 3.87
CA LEU A 49 10.01 -0.95 3.36
C LEU A 49 9.41 -0.01 4.38
N ILE A 50 8.21 -0.34 4.85
CA ILE A 50 7.50 0.51 5.81
C ILE A 50 8.17 0.42 7.19
N ALA A 51 8.75 -0.73 7.48
CA ALA A 51 9.48 -0.97 8.73
C ALA A 51 10.67 -0.01 8.88
N ALA A 52 11.17 0.51 7.77
CA ALA A 52 12.24 1.49 7.80
C ALA A 52 11.76 2.82 8.44
N LYS A 53 10.48 3.12 8.30
CA LYS A 53 9.91 4.34 8.86
C LYS A 53 9.29 4.10 10.22
N ASN A 54 8.79 2.91 10.43
CA ASN A 54 8.18 2.57 11.70
C ASN A 54 8.30 1.07 12.00
N PRO A 55 9.38 0.68 12.67
CA PRO A 55 9.60 -0.71 13.04
C PRO A 55 8.96 -1.07 14.38
N LYS A 56 8.63 -0.06 15.15
CA LYS A 56 8.10 -0.26 16.48
C LYS A 56 6.62 0.09 16.50
N ILE A 57 6.00 -0.05 15.35
CA ILE A 57 4.59 0.22 15.19
C ILE A 57 3.81 -1.05 15.59
N ALA A 58 2.53 -0.94 15.82
CA ALA A 58 1.74 -2.12 16.12
C ALA A 58 1.41 -2.85 14.84
N VAL A 59 1.43 -4.18 14.89
CA VAL A 59 1.18 -5.01 13.71
C VAL A 59 -0.23 -4.80 13.16
N SER A 60 -1.15 -4.49 14.06
CA SER A 60 -2.53 -4.25 13.73
C SER A 60 -2.64 -3.02 12.81
N LYS A 61 -1.84 -2.02 13.09
CA LYS A 61 -1.75 -0.85 12.27
C LYS A 61 -1.03 -1.16 10.98
N MET A 62 0.11 -1.81 11.11
CA MET A 62 0.98 -2.17 9.98
C MET A 62 0.24 -2.94 8.89
N MET A 63 -0.51 -3.96 9.26
CA MET A 63 -1.26 -4.77 8.28
C MET A 63 -2.26 -3.93 7.46
N MET A 64 -2.77 -2.85 8.07
CA MET A 64 -3.70 -1.96 7.39
C MET A 64 -2.95 -1.18 6.32
N VAL A 65 -1.72 -0.80 6.65
CA VAL A 65 -0.88 -0.04 5.75
C VAL A 65 -0.60 -0.87 4.49
N LEU A 66 -0.18 -2.13 4.67
CA LEU A 66 0.05 -3.06 3.55
C LEU A 66 -1.20 -3.24 2.72
N GLY A 67 -2.33 -3.36 3.40
CA GLY A 67 -3.60 -3.53 2.72
C GLY A 67 -3.95 -2.35 1.84
N ALA A 68 -3.73 -1.16 2.36
CA ALA A 68 -3.96 0.06 1.62
C ALA A 68 -2.88 0.26 0.55
N LYS A 69 -1.64 -0.13 0.84
CA LYS A 69 -0.54 -0.09 -0.13
C LYS A 69 -0.87 -0.88 -1.38
N TRP A 70 -1.43 -2.06 -1.19
CA TRP A 70 -1.87 -2.92 -2.28
C TRP A 70 -2.96 -2.23 -3.11
N ARG A 71 -3.81 -1.51 -2.41
CA ARG A 71 -4.88 -0.75 -3.03
C ARG A 71 -4.24 0.35 -3.91
N GLU A 72 -3.32 1.12 -3.34
CA GLU A 72 -2.63 2.19 -4.07
C GLU A 72 -1.88 1.61 -5.28
N PHE A 73 -1.18 0.52 -5.04
CA PHE A 73 -0.40 -0.21 -6.04
C PHE A 73 -1.27 -0.56 -7.25
N SER A 74 -2.35 -1.27 -7.00
CA SER A 74 -3.22 -1.72 -8.06
C SER A 74 -3.92 -0.56 -8.78
N THR A 75 -4.13 0.54 -8.06
CA THR A 75 -4.77 1.71 -8.63
C THR A 75 -3.95 2.29 -9.82
N ASN A 76 -2.64 2.20 -9.73
CA ASN A 76 -1.77 2.79 -10.73
C ASN A 76 -1.06 1.69 -11.55
N ASN A 77 -1.50 0.47 -11.39
CA ASN A 77 -0.90 -0.68 -12.07
C ASN A 77 -1.38 -0.81 -13.53
N PRO A 78 -0.52 -0.54 -14.53
CA PRO A 78 -0.88 -0.65 -15.95
C PRO A 78 -0.84 -2.08 -16.45
N PHE A 79 -0.07 -2.90 -15.78
CA PHE A 79 0.18 -4.30 -16.19
C PHE A 79 -0.97 -5.25 -15.84
N LYS A 80 -2.08 -4.70 -15.43
CA LYS A 80 -3.27 -5.48 -15.10
C LYS A 80 -4.44 -4.54 -14.93
N GLY A 81 -4.33 -3.69 -13.94
CA GLY A 81 -5.37 -2.77 -13.61
C GLY A 81 -5.57 -2.76 -12.13
N SER A 82 -6.67 -2.22 -11.68
CA SER A 82 -6.98 -2.12 -10.28
C SER A 82 -7.47 -3.47 -9.75
N SER A 83 -7.44 -3.63 -8.45
CA SER A 83 -7.89 -4.82 -7.80
C SER A 83 -8.58 -4.44 -6.50
N GLY A 84 -9.13 -3.23 -6.48
CA GLY A 84 -9.81 -2.73 -5.31
C GLY A 84 -11.10 -3.47 -5.10
N ALA A 85 -11.79 -3.73 -6.18
CA ALA A 85 -12.99 -4.49 -6.14
C ALA A 85 -12.74 -5.81 -6.81
N SER A 86 -12.19 -6.71 -6.06
CA SER A 86 -11.88 -8.02 -6.53
C SER A 86 -12.10 -9.01 -5.42
N GLY A 1 -15.34 6.01 13.58
CA GLY A 1 -16.18 7.09 14.07
C GLY A 1 -17.47 7.14 13.32
N PRO A 2 -18.11 8.32 13.20
CA PRO A 2 -19.34 8.50 12.42
C PRO A 2 -19.12 8.17 10.95
N LEU A 3 -20.12 7.60 10.31
CA LEU A 3 -19.98 7.18 8.93
C LEU A 3 -20.15 8.34 7.96
N GLY A 4 -19.05 9.00 7.69
CA GLY A 4 -19.01 10.08 6.76
C GLY A 4 -17.70 10.80 6.83
N SER A 5 -16.64 10.07 6.66
CA SER A 5 -15.32 10.62 6.77
C SER A 5 -14.53 10.21 5.54
N SER A 6 -13.47 10.97 5.24
CA SER A 6 -12.59 10.76 4.10
C SER A 6 -13.29 11.07 2.76
N LYS A 7 -12.95 12.21 2.19
CA LYS A 7 -13.50 12.65 0.92
C LYS A 7 -12.96 11.77 -0.17
N GLU A 8 -11.72 11.40 -0.03
CA GLU A 8 -11.09 10.50 -0.92
C GLU A 8 -10.80 9.25 -0.10
N PRO A 9 -11.05 8.03 -0.66
CA PRO A 9 -10.74 6.77 0.01
C PRO A 9 -9.35 6.77 0.66
N LYS A 10 -9.27 6.12 1.79
CA LYS A 10 -8.10 6.10 2.62
C LYS A 10 -6.86 5.56 1.95
N SER A 11 -5.93 6.47 1.81
CA SER A 11 -4.63 6.20 1.27
C SER A 11 -3.75 5.66 2.40
N SER A 12 -2.67 5.00 2.05
CA SER A 12 -1.76 4.45 3.01
C SER A 12 -1.17 5.54 3.90
N ALA A 13 -0.76 6.65 3.27
CA ALA A 13 -0.21 7.80 3.97
C ALA A 13 -1.26 8.37 4.90
N GLN A 14 -2.47 8.43 4.40
CA GLN A 14 -3.61 8.97 5.12
C GLN A 14 -3.87 8.18 6.42
N LEU A 15 -3.68 6.87 6.37
CA LEU A 15 -3.79 6.01 7.56
C LEU A 15 -2.59 6.22 8.48
N LEU A 16 -1.40 6.12 7.90
CA LEU A 16 -0.12 6.15 8.61
C LEU A 16 0.08 7.52 9.32
N GLU A 17 -0.42 8.55 8.68
CA GLU A 17 -0.35 9.94 9.16
C GLU A 17 -1.06 10.10 10.49
N ASP A 18 -2.17 9.39 10.64
CA ASP A 18 -3.00 9.52 11.81
C ASP A 18 -2.32 8.94 13.03
N TRP A 19 -1.42 8.02 12.79
CA TRP A 19 -0.73 7.34 13.87
C TRP A 19 0.60 8.01 14.15
N GLY A 20 0.81 9.15 13.53
CA GLY A 20 2.02 9.90 13.74
C GLY A 20 3.22 9.18 13.17
N MET A 21 3.06 8.62 12.00
CA MET A 21 4.13 7.89 11.37
C MET A 21 4.45 8.48 10.02
N GLU A 22 5.57 8.09 9.48
CA GLU A 22 6.07 8.58 8.20
C GLU A 22 5.97 7.46 7.21
N ASP A 23 5.66 7.78 5.98
CA ASP A 23 5.66 6.79 4.92
C ASP A 23 7.05 6.87 4.27
N ILE A 24 7.27 6.16 3.20
CA ILE A 24 8.57 6.12 2.57
C ILE A 24 8.51 7.04 1.35
N ASP A 25 9.67 7.45 0.86
CA ASP A 25 9.76 8.29 -0.36
C ASP A 25 9.67 7.39 -1.59
N HIS A 26 9.30 6.16 -1.36
CA HIS A 26 9.27 5.13 -2.35
C HIS A 26 8.02 5.28 -3.21
N VAL A 27 8.14 4.92 -4.44
CA VAL A 27 7.03 4.94 -5.34
C VAL A 27 7.08 3.67 -6.16
N PHE A 28 5.94 3.05 -6.31
CA PHE A 28 5.85 1.81 -7.02
C PHE A 28 6.27 1.97 -8.45
N SER A 29 7.29 1.28 -8.78
CA SER A 29 7.89 1.31 -10.07
C SER A 29 7.26 0.25 -10.96
N GLU A 30 7.57 0.29 -12.25
CA GLU A 30 7.13 -0.71 -13.21
C GLU A 30 7.57 -2.07 -12.73
N GLU A 31 8.77 -2.09 -12.16
CA GLU A 31 9.40 -3.29 -11.63
C GLU A 31 8.49 -3.96 -10.62
N ASP A 32 7.88 -3.14 -9.78
CA ASP A 32 7.02 -3.62 -8.72
C ASP A 32 5.74 -4.17 -9.27
N TYR A 33 5.22 -3.52 -10.31
CA TYR A 33 3.95 -3.94 -10.91
C TYR A 33 4.10 -5.29 -11.57
N ARG A 34 5.31 -5.55 -12.03
CA ARG A 34 5.65 -6.76 -12.74
C ARG A 34 5.92 -7.93 -11.78
N THR A 35 6.44 -7.61 -10.62
CA THR A 35 6.85 -8.64 -9.69
C THR A 35 5.83 -8.90 -8.57
N LEU A 36 5.14 -7.88 -8.15
CA LEU A 36 4.22 -8.00 -7.04
C LEU A 36 2.81 -8.15 -7.57
N THR A 37 2.55 -9.26 -8.18
CA THR A 37 1.26 -9.53 -8.78
C THR A 37 0.31 -10.22 -7.80
N ASN A 38 0.67 -10.23 -6.54
CA ASN A 38 -0.11 -10.87 -5.52
C ASN A 38 0.21 -10.20 -4.21
N TYR A 39 -0.81 -10.05 -3.36
CA TYR A 39 -0.67 -9.39 -2.07
C TYR A 39 0.40 -10.06 -1.19
N LYS A 40 0.53 -11.36 -1.30
CA LYS A 40 1.52 -12.08 -0.51
C LYS A 40 2.95 -11.71 -0.92
N ALA A 41 3.17 -11.56 -2.22
CA ALA A 41 4.46 -11.15 -2.74
C ALA A 41 4.67 -9.66 -2.50
N PHE A 42 3.58 -8.94 -2.47
CA PHE A 42 3.57 -7.52 -2.25
C PHE A 42 3.97 -7.19 -0.80
N SER A 43 3.32 -7.85 0.14
CA SER A 43 3.53 -7.59 1.54
C SER A 43 4.96 -7.89 2.00
N GLN A 44 5.57 -8.95 1.46
CA GLN A 44 6.95 -9.30 1.83
C GLN A 44 7.93 -8.19 1.40
N PHE A 45 7.54 -7.45 0.37
CA PHE A 45 8.36 -6.40 -0.14
C PHE A 45 8.11 -5.11 0.63
N VAL A 46 6.87 -4.69 0.64
CA VAL A 46 6.49 -3.38 1.18
C VAL A 46 6.60 -3.31 2.73
N ARG A 47 6.41 -4.43 3.43
CA ARG A 47 6.53 -4.45 4.91
C ARG A 47 7.90 -3.88 5.41
N PRO A 48 9.08 -4.46 5.00
CA PRO A 48 10.41 -3.93 5.40
C PRO A 48 10.62 -2.51 4.94
N LEU A 49 9.99 -2.17 3.82
CA LEU A 49 10.04 -0.81 3.31
C LEU A 49 9.44 0.14 4.30
N ILE A 50 8.18 -0.05 4.64
CA ILE A 50 7.47 0.84 5.58
C ILE A 50 8.15 0.78 6.97
N ALA A 51 8.64 -0.41 7.31
CA ALA A 51 9.34 -0.65 8.58
C ALA A 51 10.59 0.21 8.73
N ALA A 52 11.14 0.68 7.60
CA ALA A 52 12.28 1.58 7.64
C ALA A 52 11.93 2.89 8.36
N LYS A 53 10.67 3.34 8.22
CA LYS A 53 10.20 4.56 8.89
C LYS A 53 9.48 4.22 10.17
N ASN A 54 8.85 3.07 10.23
CA ASN A 54 8.12 2.67 11.41
C ASN A 54 8.24 1.17 11.71
N PRO A 55 9.33 0.77 12.38
CA PRO A 55 9.52 -0.63 12.76
C PRO A 55 8.85 -0.93 14.12
N LYS A 56 8.45 0.12 14.80
CA LYS A 56 7.85 -0.01 16.11
C LYS A 56 6.36 0.25 16.04
N ILE A 57 5.82 0.19 14.84
CA ILE A 57 4.41 0.40 14.61
C ILE A 57 3.66 -0.89 15.01
N ALA A 58 2.36 -0.82 15.20
CA ALA A 58 1.58 -1.98 15.49
C ALA A 58 1.35 -2.80 14.22
N VAL A 59 1.39 -4.13 14.37
CA VAL A 59 1.27 -5.05 13.23
C VAL A 59 -0.09 -4.93 12.55
N SER A 60 -1.14 -4.76 13.33
CA SER A 60 -2.48 -4.59 12.80
C SER A 60 -2.56 -3.31 11.94
N LYS A 61 -1.88 -2.26 12.38
CA LYS A 61 -1.87 -1.01 11.66
C LYS A 61 -1.03 -1.15 10.40
N MET A 62 0.05 -1.89 10.51
CA MET A 62 0.93 -2.18 9.37
C MET A 62 0.16 -2.89 8.27
N MET A 63 -0.70 -3.82 8.64
CA MET A 63 -1.51 -4.52 7.66
C MET A 63 -2.57 -3.62 7.05
N MET A 64 -2.95 -2.56 7.77
CA MET A 64 -3.86 -1.56 7.22
C MET A 64 -3.14 -0.79 6.12
N VAL A 65 -1.88 -0.46 6.38
CA VAL A 65 -1.06 0.27 5.42
C VAL A 65 -0.81 -0.62 4.21
N LEU A 66 -0.33 -1.84 4.47
CA LEU A 66 -0.04 -2.81 3.42
C LEU A 66 -1.26 -3.08 2.54
N GLY A 67 -2.43 -3.11 3.17
CA GLY A 67 -3.66 -3.31 2.45
C GLY A 67 -4.00 -2.16 1.53
N ALA A 68 -3.83 -0.95 2.03
CA ALA A 68 -4.13 0.25 1.25
C ALA A 68 -3.06 0.44 0.18
N LYS A 69 -1.80 0.13 0.53
CA LYS A 69 -0.70 0.16 -0.42
C LYS A 69 -1.03 -0.71 -1.61
N TRP A 70 -1.50 -1.91 -1.33
CA TRP A 70 -1.91 -2.86 -2.34
C TRP A 70 -3.02 -2.30 -3.20
N ARG A 71 -3.94 -1.63 -2.57
CA ARG A 71 -5.07 -1.03 -3.25
C ARG A 71 -4.59 0.05 -4.23
N GLU A 72 -3.77 0.96 -3.73
CA GLU A 72 -3.25 2.05 -4.54
C GLU A 72 -2.33 1.51 -5.64
N PHE A 73 -1.54 0.50 -5.29
CA PHE A 73 -0.63 -0.18 -6.20
C PHE A 73 -1.37 -0.79 -7.39
N SER A 74 -2.37 -1.62 -7.09
CA SER A 74 -3.11 -2.32 -8.12
C SER A 74 -3.88 -1.39 -9.04
N THR A 75 -4.21 -0.20 -8.54
CA THR A 75 -4.93 0.79 -9.33
C THR A 75 -4.07 1.26 -10.50
N ASN A 76 -2.81 1.51 -10.24
CA ASN A 76 -1.91 2.06 -11.27
C ASN A 76 -1.15 0.94 -11.98
N ASN A 77 -1.39 -0.27 -11.56
CA ASN A 77 -0.70 -1.43 -12.12
C ASN A 77 -1.30 -1.81 -13.48
N PRO A 78 -0.51 -1.75 -14.56
CA PRO A 78 -0.94 -2.21 -15.88
C PRO A 78 -0.71 -3.72 -16.07
N PHE A 79 0.36 -4.21 -15.45
CA PHE A 79 0.80 -5.61 -15.51
C PHE A 79 -0.04 -6.51 -14.59
N LYS A 80 -1.34 -6.24 -14.51
CA LYS A 80 -2.27 -6.97 -13.66
C LYS A 80 -2.42 -8.42 -14.09
N GLY A 81 -2.14 -8.68 -15.34
CA GLY A 81 -2.23 -10.00 -15.88
C GLY A 81 -2.83 -9.96 -17.25
N SER A 82 -4.06 -9.57 -17.32
CA SER A 82 -4.72 -9.43 -18.57
C SER A 82 -4.46 -8.02 -19.08
N SER A 83 -3.39 -7.86 -19.80
CA SER A 83 -2.95 -6.59 -20.26
C SER A 83 -3.75 -6.14 -21.48
N GLY A 84 -4.94 -5.69 -21.22
CA GLY A 84 -5.80 -5.18 -22.25
C GLY A 84 -6.88 -4.36 -21.62
N ALA A 85 -6.56 -3.82 -20.46
CA ALA A 85 -7.49 -3.06 -19.68
C ALA A 85 -6.71 -2.03 -18.91
N SER A 86 -7.38 -1.07 -18.38
CA SER A 86 -6.76 -0.03 -17.66
C SER A 86 -7.48 0.19 -16.34
N GLY A 1 -8.43 8.27 13.58
CA GLY A 1 -8.88 9.52 12.97
C GLY A 1 -10.38 9.55 12.86
N PRO A 2 -10.93 10.23 11.85
CA PRO A 2 -12.37 10.26 11.62
C PRO A 2 -12.88 8.91 11.13
N LEU A 3 -13.46 8.16 12.07
CA LEU A 3 -14.01 6.82 11.85
C LEU A 3 -12.91 5.81 11.50
N GLY A 4 -13.29 4.55 11.44
CA GLY A 4 -12.36 3.52 11.06
C GLY A 4 -12.12 3.57 9.59
N SER A 5 -13.18 3.40 8.82
CA SER A 5 -13.09 3.49 7.40
C SER A 5 -14.15 4.45 6.84
N SER A 6 -15.43 4.10 7.05
CA SER A 6 -16.58 4.84 6.50
C SER A 6 -16.63 4.61 4.98
N LYS A 7 -17.26 5.52 4.24
CA LYS A 7 -17.37 5.39 2.79
C LYS A 7 -16.12 5.92 2.11
N GLU A 8 -15.32 6.61 2.87
CA GLU A 8 -14.07 7.15 2.43
C GLU A 8 -13.04 6.06 2.35
N PRO A 9 -12.34 5.90 1.21
CA PRO A 9 -11.26 4.98 1.15
C PRO A 9 -10.05 5.63 1.83
N LYS A 10 -9.53 4.98 2.82
CA LYS A 10 -8.41 5.49 3.54
C LYS A 10 -7.16 4.91 3.03
N SER A 11 -6.42 5.74 2.39
CA SER A 11 -5.19 5.33 1.77
C SER A 11 -4.09 5.23 2.83
N SER A 12 -3.00 4.61 2.45
CA SER A 12 -1.88 4.31 3.31
C SER A 12 -1.28 5.55 3.95
N ALA A 13 -1.05 6.58 3.15
CA ALA A 13 -0.51 7.84 3.63
C ALA A 13 -1.43 8.43 4.69
N GLN A 14 -2.71 8.44 4.39
CA GLN A 14 -3.75 8.95 5.29
C GLN A 14 -3.75 8.21 6.62
N LEU A 15 -3.63 6.90 6.55
CA LEU A 15 -3.60 6.05 7.74
C LEU A 15 -2.34 6.27 8.53
N LEU A 16 -1.21 6.23 7.85
CA LEU A 16 0.09 6.32 8.48
C LEU A 16 0.29 7.71 9.11
N GLU A 17 -0.33 8.71 8.51
CA GLU A 17 -0.32 10.08 9.00
C GLU A 17 -1.08 10.15 10.33
N ASP A 18 -2.19 9.41 10.42
CA ASP A 18 -3.07 9.44 11.59
C ASP A 18 -2.40 8.83 12.81
N TRP A 19 -1.41 8.02 12.56
CA TRP A 19 -0.69 7.38 13.65
C TRP A 19 0.60 8.11 13.95
N GLY A 20 0.80 9.23 13.27
CA GLY A 20 1.99 10.04 13.48
C GLY A 20 3.24 9.34 13.02
N MET A 21 3.13 8.64 11.91
CA MET A 21 4.24 7.91 11.38
C MET A 21 4.68 8.56 10.09
N GLU A 22 5.72 8.05 9.50
CA GLU A 22 6.27 8.60 8.28
C GLU A 22 6.14 7.57 7.16
N ASP A 23 5.87 8.03 5.95
CA ASP A 23 5.72 7.14 4.79
C ASP A 23 6.96 7.24 3.91
N ILE A 24 7.13 6.31 3.01
CA ILE A 24 8.28 6.28 2.13
C ILE A 24 7.86 6.92 0.84
N ASP A 25 8.69 7.77 0.31
CA ASP A 25 8.41 8.51 -0.95
C ASP A 25 8.67 7.64 -2.17
N HIS A 26 8.67 6.36 -1.93
CA HIS A 26 8.94 5.35 -2.91
C HIS A 26 7.80 5.30 -3.92
N VAL A 27 8.11 4.96 -5.12
CA VAL A 27 7.13 4.84 -6.18
C VAL A 27 7.18 3.42 -6.69
N PHE A 28 6.03 2.80 -6.81
CA PHE A 28 5.96 1.48 -7.36
C PHE A 28 6.29 1.51 -8.83
N SER A 29 7.43 0.96 -9.15
CA SER A 29 7.92 0.97 -10.50
C SER A 29 7.19 -0.08 -11.34
N GLU A 30 7.41 -0.04 -12.64
CA GLU A 30 6.81 -0.99 -13.54
C GLU A 30 7.29 -2.40 -13.24
N GLU A 31 8.53 -2.49 -12.79
CA GLU A 31 9.11 -3.76 -12.40
C GLU A 31 8.42 -4.30 -11.15
N ASP A 32 8.01 -3.39 -10.26
CA ASP A 32 7.30 -3.78 -9.04
C ASP A 32 5.92 -4.28 -9.42
N TYR A 33 5.32 -3.61 -10.38
CA TYR A 33 3.99 -3.94 -10.87
C TYR A 33 3.93 -5.33 -11.49
N ARG A 34 5.02 -5.78 -12.06
CA ARG A 34 5.04 -7.07 -12.72
C ARG A 34 5.47 -8.18 -11.78
N THR A 35 6.01 -7.82 -10.64
CA THR A 35 6.50 -8.81 -9.71
C THR A 35 5.63 -8.96 -8.46
N LEU A 36 5.06 -7.87 -8.00
CA LEU A 36 4.25 -7.89 -6.78
C LEU A 36 2.79 -8.03 -7.15
N THR A 37 2.55 -8.99 -7.98
CA THR A 37 1.24 -9.26 -8.55
C THR A 37 0.31 -10.01 -7.58
N ASN A 38 0.80 -10.26 -6.40
CA ASN A 38 0.08 -10.95 -5.36
C ASN A 38 0.36 -10.22 -4.07
N TYR A 39 -0.68 -10.02 -3.25
CA TYR A 39 -0.55 -9.27 -2.00
C TYR A 39 0.52 -9.87 -1.10
N LYS A 40 0.66 -11.18 -1.11
CA LYS A 40 1.67 -11.84 -0.29
C LYS A 40 3.08 -11.46 -0.74
N ALA A 41 3.31 -11.49 -2.05
CA ALA A 41 4.60 -11.11 -2.62
C ALA A 41 4.86 -9.64 -2.34
N PHE A 42 3.80 -8.87 -2.47
CA PHE A 42 3.79 -7.45 -2.22
C PHE A 42 4.20 -7.17 -0.77
N SER A 43 3.58 -7.88 0.17
CA SER A 43 3.85 -7.67 1.58
C SER A 43 5.28 -8.00 1.97
N GLN A 44 5.91 -8.95 1.28
CA GLN A 44 7.29 -9.33 1.56
C GLN A 44 8.25 -8.17 1.25
N PHE A 45 7.84 -7.34 0.32
CA PHE A 45 8.62 -6.20 -0.08
C PHE A 45 8.24 -4.96 0.74
N VAL A 46 6.97 -4.68 0.78
CA VAL A 46 6.45 -3.46 1.38
C VAL A 46 6.57 -3.42 2.92
N ARG A 47 6.48 -4.59 3.59
CA ARG A 47 6.66 -4.63 5.06
C ARG A 47 8.00 -4.01 5.50
N PRO A 48 9.18 -4.53 5.02
CA PRO A 48 10.50 -3.97 5.36
C PRO A 48 10.60 -2.49 5.03
N LEU A 49 9.96 -2.09 3.95
CA LEU A 49 9.91 -0.69 3.53
C LEU A 49 9.27 0.18 4.60
N ILE A 50 8.09 -0.18 5.04
CA ILE A 50 7.37 0.63 6.00
C ILE A 50 7.96 0.45 7.41
N ALA A 51 8.44 -0.74 7.69
CA ALA A 51 9.06 -1.06 8.97
C ALA A 51 10.33 -0.23 9.17
N ALA A 52 10.91 0.24 8.07
CA ALA A 52 12.06 1.11 8.12
C ALA A 52 11.69 2.51 8.62
N LYS A 53 10.43 2.88 8.45
CA LYS A 53 9.96 4.18 8.89
C LYS A 53 9.29 4.08 10.24
N ASN A 54 8.71 2.94 10.50
CA ASN A 54 8.01 2.67 11.73
C ASN A 54 8.22 1.22 12.16
N PRO A 55 9.32 0.96 12.88
CA PRO A 55 9.65 -0.38 13.32
C PRO A 55 8.78 -0.85 14.49
N LYS A 56 8.27 0.10 15.26
CA LYS A 56 7.51 -0.20 16.46
C LYS A 56 6.02 -0.14 16.20
N ILE A 57 5.65 -0.05 14.94
CA ILE A 57 4.25 0.01 14.57
C ILE A 57 3.59 -1.32 14.93
N ALA A 58 2.31 -1.31 15.19
CA ALA A 58 1.62 -2.53 15.50
C ALA A 58 1.27 -3.26 14.22
N VAL A 59 1.30 -4.58 14.27
CA VAL A 59 1.06 -5.44 13.10
C VAL A 59 -0.33 -5.18 12.50
N SER A 60 -1.30 -4.93 13.37
CA SER A 60 -2.65 -4.59 12.97
C SER A 60 -2.64 -3.34 12.07
N LYS A 61 -1.96 -2.30 12.53
CA LYS A 61 -1.86 -1.06 11.79
C LYS A 61 -1.00 -1.24 10.55
N MET A 62 0.02 -2.08 10.69
CA MET A 62 0.93 -2.39 9.60
C MET A 62 0.18 -2.94 8.40
N MET A 63 -0.62 -3.98 8.61
CA MET A 63 -1.34 -4.62 7.51
C MET A 63 -2.32 -3.66 6.84
N MET A 64 -2.81 -2.70 7.60
CA MET A 64 -3.72 -1.70 7.06
C MET A 64 -3.00 -0.84 6.03
N VAL A 65 -1.73 -0.54 6.30
CA VAL A 65 -0.94 0.29 5.39
C VAL A 65 -0.61 -0.50 4.13
N LEU A 66 -0.18 -1.73 4.30
CA LEU A 66 0.13 -2.59 3.17
C LEU A 66 -1.10 -2.84 2.31
N GLY A 67 -2.25 -3.04 2.95
CA GLY A 67 -3.49 -3.22 2.24
C GLY A 67 -3.88 -1.99 1.44
N ALA A 68 -3.65 -0.83 2.04
CA ALA A 68 -3.94 0.42 1.40
C ALA A 68 -2.93 0.72 0.29
N LYS A 69 -1.67 0.37 0.50
CA LYS A 69 -0.67 0.52 -0.56
C LYS A 69 -0.95 -0.43 -1.70
N TRP A 70 -1.42 -1.63 -1.36
CA TRP A 70 -1.86 -2.61 -2.36
C TRP A 70 -2.97 -2.00 -3.21
N ARG A 71 -3.84 -1.29 -2.55
CA ARG A 71 -4.93 -0.57 -3.18
C ARG A 71 -4.35 0.44 -4.17
N GLU A 72 -3.40 1.24 -3.72
CA GLU A 72 -2.72 2.23 -4.56
C GLU A 72 -2.03 1.54 -5.74
N PHE A 73 -1.29 0.49 -5.42
CA PHE A 73 -0.53 -0.32 -6.35
C PHE A 73 -1.43 -0.81 -7.48
N SER A 74 -2.50 -1.50 -7.13
CA SER A 74 -3.39 -2.08 -8.11
C SER A 74 -4.14 -1.00 -8.93
N THR A 75 -4.38 0.14 -8.32
CA THR A 75 -5.11 1.22 -8.98
C THR A 75 -4.20 1.99 -9.98
N ASN A 76 -2.97 2.20 -9.61
CA ASN A 76 -2.06 2.98 -10.45
C ASN A 76 -1.40 2.11 -11.51
N ASN A 77 -1.34 0.81 -11.24
CA ASN A 77 -0.72 -0.20 -12.10
C ASN A 77 -1.32 -0.21 -13.52
N PRO A 78 -0.48 0.17 -14.53
CA PRO A 78 -0.90 0.23 -15.94
C PRO A 78 -1.10 -1.16 -16.53
N PHE A 79 -0.36 -2.11 -16.00
CA PHE A 79 -0.40 -3.47 -16.49
C PHE A 79 -1.75 -4.09 -16.17
N LYS A 80 -1.94 -4.41 -14.89
CA LYS A 80 -3.18 -4.99 -14.30
C LYS A 80 -2.75 -5.82 -13.12
N GLY A 81 -1.89 -6.76 -13.41
CA GLY A 81 -1.40 -7.68 -12.44
C GLY A 81 -1.39 -9.05 -13.05
N SER A 82 -1.87 -10.01 -12.34
CA SER A 82 -2.00 -11.34 -12.87
C SER A 82 -3.46 -11.61 -13.13
N SER A 83 -3.74 -12.56 -13.97
CA SER A 83 -5.08 -12.97 -14.22
C SER A 83 -5.53 -13.82 -13.03
N GLY A 84 -6.23 -13.19 -12.13
CA GLY A 84 -6.62 -13.84 -10.91
C GLY A 84 -8.09 -13.83 -10.68
N ALA A 85 -8.84 -14.08 -11.72
CA ALA A 85 -10.26 -14.20 -11.59
C ALA A 85 -10.54 -15.62 -11.12
N SER A 86 -10.63 -15.77 -9.84
CA SER A 86 -10.81 -17.04 -9.23
C SER A 86 -11.74 -16.91 -8.04
N GLY A 1 -2.81 14.56 0.03
CA GLY A 1 -2.71 16.00 0.20
C GLY A 1 -3.30 16.75 -0.98
N PRO A 2 -4.51 17.33 -0.84
CA PRO A 2 -5.13 18.07 -1.91
C PRO A 2 -4.61 19.51 -1.95
N LEU A 3 -5.04 20.25 -2.93
CA LEU A 3 -4.62 21.63 -3.11
C LEU A 3 -5.85 22.53 -2.97
N GLY A 4 -6.80 22.01 -2.26
CA GLY A 4 -8.04 22.66 -2.00
C GLY A 4 -8.87 21.75 -1.16
N SER A 5 -10.13 22.03 -1.04
CA SER A 5 -11.03 21.20 -0.28
C SER A 5 -11.42 19.99 -1.12
N SER A 6 -11.13 18.81 -0.63
CA SER A 6 -11.44 17.60 -1.37
C SER A 6 -11.79 16.45 -0.42
N LYS A 7 -11.01 16.32 0.66
CA LYS A 7 -11.16 15.23 1.62
C LYS A 7 -10.96 13.88 0.91
N GLU A 8 -9.72 13.51 0.79
CA GLU A 8 -9.33 12.32 0.06
C GLU A 8 -9.72 11.05 0.79
N PRO A 9 -9.89 9.94 0.04
CA PRO A 9 -10.08 8.62 0.61
C PRO A 9 -8.89 8.31 1.51
N LYS A 10 -9.14 7.76 2.67
CA LYS A 10 -8.07 7.52 3.61
C LYS A 10 -7.29 6.28 3.19
N SER A 11 -6.30 6.53 2.37
CA SER A 11 -5.44 5.51 1.84
C SER A 11 -4.40 5.16 2.88
N SER A 12 -3.54 4.21 2.57
CA SER A 12 -2.48 3.77 3.44
C SER A 12 -1.60 4.93 3.87
N ALA A 13 -1.29 5.81 2.91
CA ALA A 13 -0.49 6.98 3.17
C ALA A 13 -1.20 7.88 4.18
N GLN A 14 -2.48 8.12 3.94
CA GLN A 14 -3.28 8.95 4.80
C GLN A 14 -3.52 8.28 6.16
N LEU A 15 -3.58 6.95 6.17
CA LEU A 15 -3.70 6.19 7.42
C LEU A 15 -2.46 6.40 8.25
N LEU A 16 -1.33 6.11 7.65
CA LEU A 16 -0.03 6.16 8.28
C LEU A 16 0.29 7.58 8.75
N GLU A 17 -0.02 8.56 7.90
CA GLU A 17 0.20 9.97 8.21
C GLU A 17 -0.73 10.43 9.34
N ASP A 18 -1.91 9.84 9.41
CA ASP A 18 -2.90 10.18 10.44
C ASP A 18 -2.41 9.72 11.81
N TRP A 19 -1.55 8.73 11.81
CA TRP A 19 -0.97 8.24 13.05
C TRP A 19 0.37 8.94 13.31
N GLY A 20 0.65 9.95 12.48
CA GLY A 20 1.87 10.73 12.59
C GLY A 20 3.10 9.94 12.18
N MET A 21 2.89 8.90 11.43
CA MET A 21 3.97 8.01 11.06
C MET A 21 4.56 8.42 9.72
N GLU A 22 5.55 7.70 9.26
CA GLU A 22 6.24 8.00 8.03
C GLU A 22 5.83 7.09 6.93
N ASP A 23 5.39 7.65 5.83
CA ASP A 23 5.08 6.86 4.65
C ASP A 23 6.40 6.66 3.87
N ILE A 24 6.34 6.05 2.73
CA ILE A 24 7.55 5.58 2.10
C ILE A 24 7.97 6.50 0.95
N ASP A 25 9.25 6.85 0.92
CA ASP A 25 9.83 7.67 -0.15
C ASP A 25 9.87 6.86 -1.44
N HIS A 26 9.94 5.55 -1.29
CA HIS A 26 9.87 4.62 -2.39
C HIS A 26 8.46 4.62 -2.97
N VAL A 27 8.38 4.74 -4.25
CA VAL A 27 7.14 4.69 -4.94
C VAL A 27 7.18 3.53 -5.91
N PHE A 28 6.07 2.82 -5.99
CA PHE A 28 5.96 1.67 -6.86
C PHE A 28 6.20 2.09 -8.30
N SER A 29 7.26 1.62 -8.84
CA SER A 29 7.63 1.93 -10.19
C SER A 29 7.06 0.85 -11.13
N GLU A 30 7.21 1.03 -12.45
CA GLU A 30 6.68 0.09 -13.45
C GLU A 30 7.17 -1.33 -13.23
N GLU A 31 8.43 -1.46 -12.89
CA GLU A 31 9.03 -2.74 -12.61
C GLU A 31 8.41 -3.38 -11.36
N ASP A 32 8.03 -2.54 -10.39
CA ASP A 32 7.42 -3.04 -9.15
C ASP A 32 6.05 -3.59 -9.43
N TYR A 33 5.32 -2.91 -10.31
CA TYR A 33 3.98 -3.36 -10.69
C TYR A 33 4.01 -4.73 -11.37
N ARG A 34 5.10 -5.02 -12.03
CA ARG A 34 5.23 -6.28 -12.76
C ARG A 34 5.90 -7.36 -11.92
N THR A 35 6.49 -6.97 -10.82
CA THR A 35 7.15 -7.94 -9.97
C THR A 35 6.29 -8.34 -8.78
N LEU A 36 5.51 -7.41 -8.28
CA LEU A 36 4.66 -7.66 -7.13
C LEU A 36 3.23 -7.92 -7.61
N THR A 37 3.10 -8.94 -8.42
CA THR A 37 1.83 -9.25 -9.05
C THR A 37 0.86 -10.02 -8.12
N ASN A 38 1.31 -10.24 -6.90
CA ASN A 38 0.53 -10.99 -5.91
C ASN A 38 0.63 -10.25 -4.61
N TYR A 39 -0.43 -10.24 -3.81
CA TYR A 39 -0.39 -9.59 -2.50
C TYR A 39 0.61 -10.28 -1.59
N LYS A 40 0.74 -11.60 -1.73
CA LYS A 40 1.71 -12.36 -0.93
C LYS A 40 3.13 -11.83 -1.17
N ALA A 41 3.49 -11.71 -2.45
CA ALA A 41 4.80 -11.19 -2.85
C ALA A 41 4.93 -9.74 -2.43
N PHE A 42 3.84 -9.00 -2.60
CA PHE A 42 3.76 -7.61 -2.25
C PHE A 42 4.03 -7.41 -0.77
N SER A 43 3.39 -8.21 0.05
CA SER A 43 3.52 -8.15 1.49
C SER A 43 4.98 -8.38 1.90
N GLN A 44 5.62 -9.36 1.28
CA GLN A 44 7.02 -9.70 1.60
C GLN A 44 7.98 -8.57 1.26
N PHE A 45 7.59 -7.72 0.34
CA PHE A 45 8.38 -6.58 -0.03
C PHE A 45 8.01 -5.34 0.78
N VAL A 46 6.72 -5.02 0.78
CA VAL A 46 6.24 -3.77 1.34
C VAL A 46 6.21 -3.77 2.89
N ARG A 47 6.04 -4.95 3.50
CA ARG A 47 6.08 -5.07 4.98
C ARG A 47 7.42 -4.53 5.54
N PRO A 48 8.60 -5.07 5.10
CA PRO A 48 9.90 -4.55 5.50
C PRO A 48 10.08 -3.08 5.13
N LEU A 49 9.54 -2.69 3.98
CA LEU A 49 9.62 -1.31 3.50
C LEU A 49 8.92 -0.32 4.44
N ILE A 50 7.72 -0.62 4.86
CA ILE A 50 7.00 0.30 5.72
C ILE A 50 7.53 0.21 7.15
N ALA A 51 7.96 -0.98 7.53
CA ALA A 51 8.55 -1.18 8.84
C ALA A 51 9.91 -0.50 8.92
N ALA A 52 10.51 -0.25 7.77
CA ALA A 52 11.77 0.46 7.69
C ALA A 52 11.56 1.91 8.13
N LYS A 53 10.47 2.50 7.69
CA LYS A 53 10.17 3.87 8.05
C LYS A 53 9.51 3.96 9.42
N ASN A 54 8.81 2.91 9.81
CA ASN A 54 8.17 2.88 11.12
C ASN A 54 8.50 1.58 11.82
N PRO A 55 9.70 1.47 12.41
CA PRO A 55 10.11 0.24 13.08
C PRO A 55 9.37 0.00 14.39
N LYS A 56 8.81 1.05 14.95
CA LYS A 56 8.10 0.95 16.22
C LYS A 56 6.59 0.97 16.00
N ILE A 57 6.17 0.75 14.77
CA ILE A 57 4.75 0.80 14.48
C ILE A 57 4.06 -0.48 15.00
N ALA A 58 2.77 -0.40 15.17
CA ALA A 58 2.01 -1.53 15.59
C ALA A 58 1.74 -2.44 14.41
N VAL A 59 1.81 -3.74 14.64
CA VAL A 59 1.59 -4.72 13.58
C VAL A 59 0.14 -4.65 13.09
N SER A 60 -0.78 -4.35 14.00
CA SER A 60 -2.18 -4.20 13.67
C SER A 60 -2.37 -3.04 12.69
N LYS A 61 -1.66 -1.95 12.94
CA LYS A 61 -1.71 -0.79 12.06
C LYS A 61 -1.03 -1.11 10.74
N MET A 62 0.04 -1.89 10.82
CA MET A 62 0.82 -2.31 9.66
C MET A 62 -0.03 -3.08 8.65
N MET A 63 -0.86 -3.98 9.17
CA MET A 63 -1.74 -4.81 8.33
C MET A 63 -2.71 -3.94 7.53
N MET A 64 -3.12 -2.83 8.14
CA MET A 64 -4.03 -1.88 7.51
C MET A 64 -3.32 -1.19 6.37
N VAL A 65 -2.10 -0.75 6.62
CA VAL A 65 -1.32 -0.03 5.64
C VAL A 65 -1.00 -0.93 4.45
N LEU A 66 -0.58 -2.16 4.73
CA LEU A 66 -0.27 -3.13 3.67
C LEU A 66 -1.45 -3.40 2.76
N GLY A 67 -2.62 -3.53 3.36
CA GLY A 67 -3.82 -3.77 2.59
C GLY A 67 -4.18 -2.60 1.72
N ALA A 68 -4.08 -1.42 2.28
CA ALA A 68 -4.37 -0.22 1.55
C ALA A 68 -3.28 0.12 0.53
N LYS A 69 -2.01 -0.26 0.81
CA LYS A 69 -0.92 -0.08 -0.14
C LYS A 69 -1.15 -0.92 -1.36
N TRP A 70 -1.64 -2.12 -1.15
CA TRP A 70 -2.03 -3.00 -2.24
C TRP A 70 -3.11 -2.34 -3.07
N ARG A 71 -4.03 -1.70 -2.37
CA ARG A 71 -5.09 -0.95 -3.00
C ARG A 71 -4.50 0.17 -3.88
N GLU A 72 -3.59 0.97 -3.29
CA GLU A 72 -2.91 2.05 -4.04
C GLU A 72 -2.19 1.47 -5.25
N PHE A 73 -1.47 0.39 -5.01
CA PHE A 73 -0.70 -0.33 -6.02
C PHE A 73 -1.59 -0.75 -7.20
N SER A 74 -2.64 -1.50 -6.92
CA SER A 74 -3.50 -2.02 -7.96
C SER A 74 -4.38 -0.92 -8.63
N THR A 75 -4.58 0.18 -7.94
CA THR A 75 -5.34 1.29 -8.49
C THR A 75 -4.47 2.08 -9.47
N ASN A 76 -3.21 2.26 -9.12
CA ASN A 76 -2.29 3.05 -9.92
C ASN A 76 -1.48 2.14 -10.85
N ASN A 77 -1.88 0.89 -10.91
CA ASN A 77 -1.18 -0.14 -11.68
C ASN A 77 -1.49 -0.02 -13.18
N PRO A 78 -0.47 0.23 -14.01
CA PRO A 78 -0.63 0.31 -15.46
C PRO A 78 -0.68 -1.07 -16.11
N PHE A 79 -0.09 -2.04 -15.46
CA PHE A 79 -0.03 -3.39 -16.00
C PHE A 79 -1.11 -4.29 -15.38
N LYS A 80 -2.28 -4.29 -15.97
CA LYS A 80 -3.38 -5.10 -15.46
C LYS A 80 -3.24 -6.56 -15.86
N GLY A 81 -2.16 -6.88 -16.58
CA GLY A 81 -1.85 -8.24 -16.96
C GLY A 81 -1.40 -9.06 -15.75
N SER A 82 -1.29 -8.39 -14.61
CA SER A 82 -0.98 -8.97 -13.32
C SER A 82 -2.07 -10.00 -12.95
N SER A 83 -3.27 -9.79 -13.45
CA SER A 83 -4.38 -10.67 -13.16
C SER A 83 -4.58 -11.68 -14.30
N GLY A 84 -3.50 -12.04 -14.95
CA GLY A 84 -3.56 -13.03 -15.99
C GLY A 84 -3.28 -14.40 -15.44
N ALA A 85 -2.72 -14.42 -14.24
CA ALA A 85 -2.40 -15.63 -13.54
C ALA A 85 -3.65 -16.21 -12.90
N SER A 86 -4.25 -17.16 -13.57
CA SER A 86 -5.41 -17.88 -13.14
C SER A 86 -5.48 -19.17 -13.93
N GLY A 1 -24.64 7.91 -2.71
CA GLY A 1 -23.64 8.04 -1.64
C GLY A 1 -22.40 7.27 -2.00
N PRO A 2 -21.25 7.62 -1.43
CA PRO A 2 -20.01 6.96 -1.72
C PRO A 2 -19.94 5.55 -1.13
N LEU A 3 -20.16 4.57 -1.96
CA LEU A 3 -20.03 3.20 -1.56
C LEU A 3 -18.59 2.81 -1.82
N GLY A 4 -17.76 3.17 -0.88
CA GLY A 4 -16.35 3.01 -1.02
C GLY A 4 -15.87 1.65 -0.64
N SER A 5 -16.08 0.72 -1.53
CA SER A 5 -15.61 -0.64 -1.37
C SER A 5 -14.44 -0.87 -2.32
N SER A 6 -13.86 0.22 -2.74
CA SER A 6 -12.70 0.25 -3.57
C SER A 6 -11.91 1.49 -3.18
N LYS A 7 -12.64 2.54 -2.79
CA LYS A 7 -12.05 3.73 -2.25
C LYS A 7 -12.45 3.85 -0.78
N GLU A 8 -11.68 3.20 0.06
CA GLU A 8 -11.89 3.24 1.49
C GLU A 8 -11.44 4.59 2.06
N PRO A 9 -11.96 4.97 3.24
CA PRO A 9 -11.58 6.22 3.88
C PRO A 9 -10.13 6.18 4.33
N LYS A 10 -9.41 7.25 4.03
CA LYS A 10 -7.98 7.40 4.29
C LYS A 10 -7.11 6.66 3.30
N SER A 11 -6.23 7.42 2.72
CA SER A 11 -5.23 6.91 1.82
C SER A 11 -4.17 6.19 2.67
N SER A 12 -3.27 5.44 2.06
CA SER A 12 -2.26 4.72 2.80
C SER A 12 -1.41 5.67 3.65
N ALA A 13 -1.01 6.78 3.06
CA ALA A 13 -0.24 7.79 3.75
C ALA A 13 -1.07 8.43 4.84
N GLN A 14 -2.34 8.66 4.52
CA GLN A 14 -3.27 9.34 5.40
C GLN A 14 -3.62 8.47 6.64
N LEU A 15 -3.53 7.16 6.48
CA LEU A 15 -3.69 6.22 7.58
C LEU A 15 -2.50 6.33 8.51
N LEU A 16 -1.34 6.13 7.94
CA LEU A 16 -0.10 6.05 8.67
C LEU A 16 0.25 7.41 9.32
N GLU A 17 -0.03 8.48 8.61
CA GLU A 17 0.21 9.84 9.09
C GLU A 17 -0.68 10.15 10.29
N ASP A 18 -1.86 9.55 10.30
CA ASP A 18 -2.86 9.82 11.32
C ASP A 18 -2.40 9.28 12.66
N TRP A 19 -1.55 8.28 12.63
CA TRP A 19 -1.07 7.64 13.85
C TRP A 19 0.25 8.26 14.29
N GLY A 20 0.63 9.33 13.62
CA GLY A 20 1.87 10.01 13.92
C GLY A 20 3.06 9.22 13.42
N MET A 21 2.89 8.63 12.27
CA MET A 21 3.91 7.80 11.67
C MET A 21 4.30 8.36 10.31
N GLU A 22 5.25 7.72 9.67
CA GLU A 22 5.77 8.20 8.41
C GLU A 22 5.56 7.21 7.30
N ASP A 23 4.99 7.67 6.21
CA ASP A 23 4.79 6.84 5.05
C ASP A 23 5.84 7.16 4.01
N ILE A 24 6.19 6.19 3.23
CA ILE A 24 7.20 6.35 2.23
C ILE A 24 6.51 6.74 0.91
N ASP A 25 7.03 7.75 0.26
CA ASP A 25 6.47 8.31 -0.98
C ASP A 25 6.98 7.51 -2.20
N HIS A 26 7.43 6.31 -1.94
CA HIS A 26 7.99 5.41 -2.93
C HIS A 26 6.90 4.89 -3.85
N VAL A 27 6.97 5.30 -5.08
CA VAL A 27 6.06 4.83 -6.09
C VAL A 27 6.56 3.51 -6.62
N PHE A 28 5.67 2.55 -6.66
CA PHE A 28 5.97 1.25 -7.17
C PHE A 28 6.23 1.37 -8.66
N SER A 29 7.42 1.02 -9.04
CA SER A 29 7.88 1.10 -10.40
C SER A 29 7.14 0.09 -11.29
N GLU A 30 7.33 0.22 -12.58
CA GLU A 30 6.72 -0.65 -13.56
C GLU A 30 7.21 -2.08 -13.36
N GLU A 31 8.46 -2.18 -12.92
CA GLU A 31 9.08 -3.46 -12.62
C GLU A 31 8.41 -4.11 -11.43
N ASP A 32 7.95 -3.29 -10.49
CA ASP A 32 7.28 -3.78 -9.29
C ASP A 32 5.92 -4.32 -9.62
N TYR A 33 5.29 -3.75 -10.63
CA TYR A 33 3.97 -4.22 -11.05
C TYR A 33 4.10 -5.59 -11.70
N ARG A 34 5.25 -5.81 -12.28
CA ARG A 34 5.57 -7.05 -12.94
C ARG A 34 5.99 -8.13 -11.94
N THR A 35 6.62 -7.73 -10.87
CA THR A 35 7.13 -8.69 -9.92
C THR A 35 6.17 -8.96 -8.75
N LEU A 36 5.45 -7.95 -8.33
CA LEU A 36 4.54 -8.09 -7.22
C LEU A 36 3.15 -8.35 -7.78
N THR A 37 2.90 -9.58 -8.14
CA THR A 37 1.67 -9.97 -8.78
C THR A 37 0.56 -10.27 -7.78
N ASN A 38 0.95 -10.64 -6.58
CA ASN A 38 0.01 -11.01 -5.53
C ASN A 38 0.42 -10.36 -4.22
N TYR A 39 -0.55 -10.24 -3.34
CA TYR A 39 -0.43 -9.53 -2.05
C TYR A 39 0.71 -10.07 -1.17
N LYS A 40 0.98 -11.37 -1.22
CA LYS A 40 2.04 -11.95 -0.39
C LYS A 40 3.41 -11.47 -0.84
N ALA A 41 3.69 -11.60 -2.13
CA ALA A 41 4.95 -11.15 -2.70
C ALA A 41 5.09 -9.65 -2.50
N PHE A 42 3.97 -8.97 -2.66
CA PHE A 42 3.87 -7.54 -2.47
C PHE A 42 4.26 -7.16 -1.04
N SER A 43 3.72 -7.89 -0.08
CA SER A 43 4.02 -7.65 1.31
C SER A 43 5.49 -7.83 1.59
N GLN A 44 6.09 -8.87 1.04
CA GLN A 44 7.52 -9.16 1.25
C GLN A 44 8.43 -8.00 0.83
N PHE A 45 7.95 -7.16 -0.05
CA PHE A 45 8.67 -5.99 -0.43
C PHE A 45 8.29 -4.80 0.46
N VAL A 46 7.03 -4.43 0.42
CA VAL A 46 6.60 -3.20 1.05
C VAL A 46 6.49 -3.28 2.59
N ARG A 47 6.27 -4.46 3.15
CA ARG A 47 6.20 -4.64 4.61
C ARG A 47 7.51 -4.19 5.31
N PRO A 48 8.70 -4.78 4.94
CA PRO A 48 9.99 -4.32 5.49
C PRO A 48 10.27 -2.86 5.13
N LEU A 49 9.77 -2.45 3.97
CA LEU A 49 9.94 -1.10 3.46
C LEU A 49 9.26 -0.09 4.40
N ILE A 50 8.00 -0.36 4.75
CA ILE A 50 7.26 0.53 5.64
C ILE A 50 7.78 0.40 7.07
N ALA A 51 8.25 -0.80 7.42
CA ALA A 51 8.78 -1.06 8.76
C ALA A 51 10.10 -0.35 8.98
N ALA A 52 10.79 -0.04 7.89
CA ALA A 52 12.03 0.72 7.94
C ALA A 52 11.73 2.12 8.42
N LYS A 53 10.57 2.59 8.05
CA LYS A 53 10.15 3.93 8.34
C LYS A 53 9.45 3.96 9.70
N ASN A 54 8.81 2.85 10.09
CA ASN A 54 8.07 2.78 11.36
C ASN A 54 8.37 1.47 12.07
N PRO A 55 9.41 1.42 12.89
CA PRO A 55 9.73 0.23 13.66
C PRO A 55 8.85 0.06 14.90
N LYS A 56 8.37 1.16 15.46
CA LYS A 56 7.59 1.12 16.69
C LYS A 56 6.09 1.07 16.41
N ILE A 57 5.73 0.64 15.22
CA ILE A 57 4.35 0.61 14.83
C ILE A 57 3.76 -0.76 15.21
N ALA A 58 2.45 -0.83 15.31
CA ALA A 58 1.77 -2.07 15.56
C ALA A 58 1.57 -2.81 14.25
N VAL A 59 1.66 -4.13 14.31
CA VAL A 59 1.54 -4.97 13.12
C VAL A 59 0.13 -4.90 12.55
N SER A 60 -0.84 -4.71 13.42
CA SER A 60 -2.23 -4.58 13.04
C SER A 60 -2.41 -3.34 12.15
N LYS A 61 -1.88 -2.21 12.62
CA LYS A 61 -1.89 -0.98 11.86
C LYS A 61 -1.08 -1.12 10.57
N MET A 62 0.02 -1.85 10.66
CA MET A 62 0.87 -2.11 9.51
C MET A 62 0.10 -2.85 8.41
N MET A 63 -0.75 -3.79 8.80
CA MET A 63 -1.57 -4.55 7.84
C MET A 63 -2.54 -3.61 7.13
N MET A 64 -2.97 -2.58 7.84
CA MET A 64 -3.89 -1.60 7.29
C MET A 64 -3.19 -0.80 6.22
N VAL A 65 -1.90 -0.51 6.46
CA VAL A 65 -1.08 0.22 5.51
C VAL A 65 -0.83 -0.66 4.30
N LEU A 66 -0.41 -1.90 4.55
CA LEU A 66 -0.15 -2.89 3.50
C LEU A 66 -1.33 -3.05 2.56
N GLY A 67 -2.52 -3.12 3.15
CA GLY A 67 -3.73 -3.26 2.38
C GLY A 67 -4.00 -2.05 1.52
N ALA A 68 -3.80 -0.87 2.10
CA ALA A 68 -4.01 0.38 1.40
C ALA A 68 -2.97 0.55 0.29
N LYS A 69 -1.72 0.18 0.59
CA LYS A 69 -0.66 0.19 -0.40
C LYS A 69 -1.00 -0.71 -1.58
N TRP A 70 -1.48 -1.91 -1.30
CA TRP A 70 -1.89 -2.87 -2.34
C TRP A 70 -3.01 -2.27 -3.18
N ARG A 71 -3.94 -1.68 -2.49
CA ARG A 71 -5.09 -1.01 -3.08
C ARG A 71 -4.63 0.12 -4.03
N GLU A 72 -3.64 0.89 -3.62
CA GLU A 72 -3.11 1.97 -4.44
C GLU A 72 -2.19 1.44 -5.56
N PHE A 73 -1.45 0.38 -5.25
CA PHE A 73 -0.57 -0.32 -6.18
C PHE A 73 -1.34 -0.77 -7.41
N SER A 74 -2.37 -1.56 -7.19
CA SER A 74 -3.16 -2.14 -8.26
C SER A 74 -3.98 -1.09 -9.03
N THR A 75 -4.19 0.06 -8.43
CA THR A 75 -4.96 1.10 -9.06
C THR A 75 -4.06 2.03 -9.92
N ASN A 76 -2.79 2.12 -9.58
CA ASN A 76 -1.87 2.95 -10.38
C ASN A 76 -1.24 2.06 -11.47
N ASN A 77 -1.27 0.77 -11.21
CA ASN A 77 -0.74 -0.27 -12.10
C ASN A 77 -1.31 -0.18 -13.52
N PRO A 78 -0.45 0.12 -14.54
CA PRO A 78 -0.85 0.17 -15.94
C PRO A 78 -0.97 -1.22 -16.55
N PHE A 79 -0.24 -2.14 -16.00
CA PHE A 79 -0.16 -3.50 -16.52
C PHE A 79 -1.37 -4.33 -16.14
N LYS A 80 -2.35 -4.32 -17.00
CA LYS A 80 -3.57 -5.07 -16.82
C LYS A 80 -3.88 -5.73 -18.13
N GLY A 81 -4.29 -6.97 -18.08
CA GLY A 81 -4.63 -7.67 -19.28
C GLY A 81 -6.10 -7.62 -19.53
N SER A 82 -6.79 -8.65 -19.14
CA SER A 82 -8.20 -8.76 -19.33
C SER A 82 -8.94 -7.90 -18.32
N SER A 83 -9.60 -6.89 -18.80
CA SER A 83 -10.35 -6.01 -17.97
C SER A 83 -11.57 -5.60 -18.76
N GLY A 84 -12.70 -5.49 -18.09
CA GLY A 84 -13.92 -5.16 -18.78
C GLY A 84 -14.45 -6.37 -19.49
N ALA A 85 -14.80 -6.22 -20.74
CA ALA A 85 -15.33 -7.33 -21.51
C ALA A 85 -14.19 -8.07 -22.17
N SER A 86 -13.66 -9.01 -21.47
CA SER A 86 -12.57 -9.82 -21.93
C SER A 86 -12.62 -11.13 -21.18
N GLY A 1 -21.15 0.57 7.85
CA GLY A 1 -20.49 0.87 9.12
C GLY A 1 -19.10 0.29 9.17
N PRO A 2 -18.21 0.85 10.00
CA PRO A 2 -16.84 0.39 10.10
C PRO A 2 -16.72 -0.97 10.76
N LEU A 3 -16.02 -1.85 10.10
CA LEU A 3 -15.75 -3.16 10.64
C LEU A 3 -14.26 -3.42 10.52
N GLY A 4 -13.80 -3.65 9.31
CA GLY A 4 -12.41 -3.87 9.05
C GLY A 4 -11.76 -2.61 8.54
N SER A 5 -12.59 -1.74 8.04
CA SER A 5 -12.19 -0.46 7.58
C SER A 5 -12.88 0.58 8.45
N SER A 6 -12.12 1.52 8.95
CA SER A 6 -12.65 2.57 9.80
C SER A 6 -13.61 3.51 9.00
N LYS A 7 -14.36 4.35 9.71
CA LYS A 7 -15.36 5.19 9.07
C LYS A 7 -14.75 6.25 8.15
N GLU A 8 -13.78 7.00 8.64
CA GLU A 8 -13.14 8.00 7.82
C GLU A 8 -12.25 7.35 6.79
N PRO A 9 -12.48 7.66 5.51
CA PRO A 9 -11.67 7.13 4.43
C PRO A 9 -10.32 7.83 4.39
N LYS A 10 -9.28 7.07 4.44
CA LYS A 10 -7.94 7.62 4.46
C LYS A 10 -7.09 6.94 3.47
N SER A 11 -6.20 7.68 2.90
CA SER A 11 -5.28 7.17 1.92
C SER A 11 -4.19 6.36 2.66
N SER A 12 -3.45 5.56 1.93
CA SER A 12 -2.44 4.69 2.49
C SER A 12 -1.41 5.46 3.32
N ALA A 13 -0.91 6.54 2.77
CA ALA A 13 0.05 7.40 3.47
C ALA A 13 -0.63 8.08 4.66
N GLN A 14 -1.87 8.48 4.43
CA GLN A 14 -2.66 9.22 5.39
C GLN A 14 -3.00 8.34 6.61
N LEU A 15 -3.14 7.04 6.39
CA LEU A 15 -3.38 6.09 7.48
C LEU A 15 -2.20 6.06 8.41
N LEU A 16 -1.02 5.94 7.85
CA LEU A 16 0.20 5.86 8.63
C LEU A 16 0.46 7.22 9.30
N GLU A 17 0.08 8.28 8.61
CA GLU A 17 0.18 9.63 9.10
C GLU A 17 -0.77 9.85 10.29
N ASP A 18 -1.89 9.14 10.28
CA ASP A 18 -2.96 9.26 11.29
C ASP A 18 -2.46 8.87 12.64
N TRP A 19 -1.49 8.00 12.65
CA TRP A 19 -0.95 7.49 13.88
C TRP A 19 0.26 8.29 14.32
N GLY A 20 0.70 9.19 13.46
CA GLY A 20 1.87 9.99 13.74
C GLY A 20 3.13 9.25 13.36
N MET A 21 3.10 8.63 12.20
CA MET A 21 4.24 7.88 11.71
C MET A 21 4.65 8.44 10.36
N GLU A 22 5.69 7.89 9.76
CA GLU A 22 6.21 8.41 8.53
C GLU A 22 6.21 7.34 7.43
N ASP A 23 5.69 7.69 6.29
CA ASP A 23 5.57 6.77 5.15
C ASP A 23 6.77 6.95 4.20
N ILE A 24 6.83 6.20 3.13
CA ILE A 24 7.91 6.31 2.19
C ILE A 24 7.43 7.11 0.98
N ASP A 25 8.33 7.80 0.34
CA ASP A 25 8.03 8.57 -0.87
C ASP A 25 7.99 7.65 -2.09
N HIS A 26 8.58 6.47 -1.92
CA HIS A 26 8.68 5.41 -2.93
C HIS A 26 7.38 5.20 -3.69
N VAL A 27 7.46 5.29 -4.98
CA VAL A 27 6.33 5.08 -5.82
C VAL A 27 6.52 3.78 -6.56
N PHE A 28 5.48 2.95 -6.51
CA PHE A 28 5.48 1.68 -7.20
C PHE A 28 5.72 1.93 -8.66
N SER A 29 6.84 1.51 -9.11
CA SER A 29 7.25 1.73 -10.44
C SER A 29 6.85 0.54 -11.30
N GLU A 30 7.14 0.59 -12.59
CA GLU A 30 6.74 -0.48 -13.48
C GLU A 30 7.48 -1.77 -13.17
N GLU A 31 8.69 -1.63 -12.64
CA GLU A 31 9.47 -2.78 -12.18
C GLU A 31 8.75 -3.48 -11.04
N ASP A 32 8.08 -2.70 -10.21
CA ASP A 32 7.35 -3.25 -9.06
C ASP A 32 6.11 -3.94 -9.52
N TYR A 33 5.53 -3.43 -10.59
CA TYR A 33 4.32 -4.02 -11.16
C TYR A 33 4.65 -5.37 -11.75
N ARG A 34 5.87 -5.50 -12.20
CA ARG A 34 6.37 -6.74 -12.76
C ARG A 34 6.70 -7.75 -11.67
N THR A 35 7.40 -7.28 -10.65
CA THR A 35 7.90 -8.14 -9.58
C THR A 35 6.82 -8.55 -8.57
N LEU A 36 5.89 -7.68 -8.30
CA LEU A 36 4.86 -7.95 -7.32
C LEU A 36 3.59 -8.37 -8.04
N THR A 37 3.34 -9.64 -8.04
CA THR A 37 2.22 -10.18 -8.77
C THR A 37 1.02 -10.51 -7.89
N ASN A 38 1.25 -10.61 -6.60
CA ASN A 38 0.19 -10.96 -5.67
C ASN A 38 0.41 -10.20 -4.40
N TYR A 39 -0.65 -10.00 -3.64
CA TYR A 39 -0.62 -9.28 -2.38
C TYR A 39 0.42 -9.87 -1.41
N LYS A 40 0.58 -11.18 -1.36
CA LYS A 40 1.56 -11.76 -0.45
C LYS A 40 3.01 -11.43 -0.84
N ALA A 41 3.26 -11.39 -2.14
CA ALA A 41 4.59 -11.02 -2.66
C ALA A 41 4.81 -9.53 -2.41
N PHE A 42 3.73 -8.81 -2.61
CA PHE A 42 3.66 -7.39 -2.37
C PHE A 42 3.97 -7.09 -0.91
N SER A 43 3.33 -7.83 -0.04
CA SER A 43 3.50 -7.71 1.38
C SER A 43 4.97 -7.97 1.75
N GLN A 44 5.57 -9.00 1.16
CA GLN A 44 6.98 -9.32 1.42
C GLN A 44 7.94 -8.19 1.03
N PHE A 45 7.51 -7.34 0.12
CA PHE A 45 8.29 -6.19 -0.27
C PHE A 45 7.92 -4.97 0.57
N VAL A 46 6.65 -4.65 0.60
CA VAL A 46 6.17 -3.43 1.21
C VAL A 46 6.20 -3.47 2.76
N ARG A 47 6.05 -4.66 3.34
CA ARG A 47 6.15 -4.79 4.80
C ARG A 47 7.51 -4.26 5.33
N PRO A 48 8.68 -4.82 4.87
CA PRO A 48 10.00 -4.32 5.27
C PRO A 48 10.18 -2.85 4.89
N LEU A 49 9.62 -2.49 3.75
CA LEU A 49 9.70 -1.15 3.22
C LEU A 49 9.15 -0.13 4.21
N ILE A 50 7.95 -0.38 4.74
CA ILE A 50 7.33 0.53 5.67
C ILE A 50 7.88 0.32 7.10
N ALA A 51 8.15 -0.93 7.45
CA ALA A 51 8.60 -1.27 8.82
C ALA A 51 10.01 -0.77 9.09
N ALA A 52 10.79 -0.57 8.06
CA ALA A 52 12.14 0.00 8.20
C ALA A 52 12.03 1.47 8.56
N LYS A 53 10.91 2.06 8.20
CA LYS A 53 10.66 3.45 8.47
C LYS A 53 9.96 3.59 9.81
N ASN A 54 9.21 2.57 10.19
CA ASN A 54 8.46 2.64 11.42
C ASN A 54 8.63 1.38 12.25
N PRO A 55 9.70 1.30 13.05
CA PRO A 55 9.89 0.19 13.98
C PRO A 55 8.91 0.28 15.15
N LYS A 56 8.39 1.47 15.38
CA LYS A 56 7.49 1.77 16.50
C LYS A 56 6.02 1.53 16.09
N ILE A 57 5.85 0.77 15.04
CA ILE A 57 4.55 0.46 14.49
C ILE A 57 4.07 -0.93 14.91
N ALA A 58 2.82 -0.99 15.32
CA ALA A 58 2.16 -2.23 15.67
C ALA A 58 1.63 -2.91 14.40
N VAL A 59 1.52 -4.23 14.40
CA VAL A 59 1.13 -4.97 13.19
C VAL A 59 -0.33 -4.69 12.78
N SER A 60 -1.21 -4.46 13.74
CA SER A 60 -2.60 -4.15 13.45
C SER A 60 -2.69 -2.87 12.61
N LYS A 61 -1.81 -1.94 12.89
CA LYS A 61 -1.70 -0.73 12.12
C LYS A 61 -1.08 -1.01 10.77
N MET A 62 0.03 -1.71 10.78
CA MET A 62 0.80 -2.02 9.57
C MET A 62 -0.03 -2.82 8.53
N MET A 63 -0.86 -3.74 9.01
CA MET A 63 -1.69 -4.55 8.11
C MET A 63 -2.70 -3.67 7.35
N MET A 64 -3.07 -2.55 7.97
CA MET A 64 -3.99 -1.59 7.35
C MET A 64 -3.28 -0.91 6.21
N VAL A 65 -2.03 -0.51 6.45
CA VAL A 65 -1.24 0.20 5.48
C VAL A 65 -0.97 -0.69 4.29
N LEU A 66 -0.53 -1.92 4.57
CA LEU A 66 -0.25 -2.91 3.53
C LEU A 66 -1.45 -3.16 2.63
N GLY A 67 -2.63 -3.16 3.23
CA GLY A 67 -3.85 -3.37 2.49
C GLY A 67 -4.17 -2.18 1.60
N ALA A 68 -3.96 -1.00 2.13
CA ALA A 68 -4.20 0.24 1.42
C ALA A 68 -3.14 0.46 0.32
N LYS A 69 -1.90 0.08 0.61
CA LYS A 69 -0.83 0.18 -0.37
C LYS A 69 -1.13 -0.69 -1.59
N TRP A 70 -1.72 -1.87 -1.34
CA TRP A 70 -2.13 -2.79 -2.40
C TRP A 70 -3.17 -2.15 -3.29
N ARG A 71 -4.03 -1.38 -2.66
CA ARG A 71 -5.07 -0.64 -3.36
C ARG A 71 -4.45 0.30 -4.38
N GLU A 72 -3.43 1.02 -3.95
CA GLU A 72 -2.74 2.00 -4.79
C GLU A 72 -2.02 1.27 -5.90
N PHE A 73 -1.33 0.20 -5.51
CA PHE A 73 -0.58 -0.64 -6.42
C PHE A 73 -1.45 -1.13 -7.55
N SER A 74 -2.62 -1.61 -7.20
CA SER A 74 -3.55 -2.14 -8.16
C SER A 74 -4.19 -1.04 -9.03
N THR A 75 -4.45 0.10 -8.42
CA THR A 75 -5.12 1.19 -9.10
C THR A 75 -4.21 1.90 -10.12
N ASN A 76 -2.96 2.08 -9.78
CA ASN A 76 -2.03 2.81 -10.66
C ASN A 76 -1.26 1.83 -11.57
N ASN A 77 -1.71 0.60 -11.58
CA ASN A 77 -1.04 -0.45 -12.30
C ASN A 77 -1.68 -0.67 -13.67
N PRO A 78 -0.90 -0.52 -14.76
CA PRO A 78 -1.36 -0.79 -16.12
C PRO A 78 -1.27 -2.28 -16.46
N PHE A 79 -0.37 -2.96 -15.80
CA PHE A 79 -0.06 -4.36 -16.06
C PHE A 79 -1.09 -5.30 -15.48
N LYS A 80 -1.59 -4.98 -14.30
CA LYS A 80 -2.49 -5.86 -13.60
C LYS A 80 -3.31 -5.08 -12.60
N GLY A 81 -4.21 -5.74 -11.91
CA GLY A 81 -5.08 -5.06 -10.97
C GLY A 81 -6.18 -4.32 -11.71
N SER A 82 -5.85 -3.18 -12.25
CA SER A 82 -6.78 -2.43 -13.01
C SER A 82 -6.65 -2.77 -14.50
N SER A 83 -7.40 -3.73 -14.92
CA SER A 83 -7.44 -4.14 -16.30
C SER A 83 -8.86 -4.58 -16.63
N GLY A 84 -9.58 -3.73 -17.31
CA GLY A 84 -10.96 -4.01 -17.65
C GLY A 84 -11.05 -4.67 -18.99
N ALA A 85 -10.62 -5.91 -19.04
CA ALA A 85 -10.65 -6.68 -20.27
C ALA A 85 -12.09 -7.00 -20.64
N SER A 86 -12.58 -6.28 -21.61
CA SER A 86 -13.92 -6.44 -22.07
C SER A 86 -13.98 -7.57 -23.09
N GLY A 1 -25.63 8.92 -5.61
CA GLY A 1 -26.11 7.55 -5.47
C GLY A 1 -25.53 6.94 -4.24
N PRO A 2 -26.12 5.85 -3.74
CA PRO A 2 -25.62 5.18 -2.55
C PRO A 2 -24.27 4.51 -2.76
N LEU A 3 -23.23 5.20 -2.37
CA LEU A 3 -21.87 4.69 -2.46
C LEU A 3 -21.41 4.27 -1.08
N GLY A 4 -22.18 4.63 -0.09
CA GLY A 4 -21.89 4.31 1.27
C GLY A 4 -22.08 5.50 2.17
N SER A 5 -21.95 5.29 3.45
CA SER A 5 -22.04 6.34 4.41
C SER A 5 -21.01 6.04 5.49
N SER A 6 -19.95 6.84 5.50
CA SER A 6 -18.80 6.66 6.38
C SER A 6 -17.97 5.45 5.98
N LYS A 7 -16.83 5.24 6.66
CA LYS A 7 -15.88 4.17 6.36
C LYS A 7 -15.34 4.43 4.95
N GLU A 8 -15.02 5.69 4.69
CA GLU A 8 -14.52 6.13 3.41
C GLU A 8 -13.21 5.45 3.09
N PRO A 9 -13.02 5.13 1.81
CA PRO A 9 -11.78 4.52 1.32
C PRO A 9 -10.56 5.34 1.73
N LYS A 10 -9.55 4.69 2.26
CA LYS A 10 -8.37 5.36 2.72
C LYS A 10 -7.16 4.88 1.99
N SER A 11 -6.13 5.66 2.06
CA SER A 11 -4.87 5.35 1.47
C SER A 11 -3.85 5.15 2.58
N SER A 12 -2.64 4.75 2.24
CA SER A 12 -1.59 4.56 3.20
C SER A 12 -1.21 5.89 3.79
N ALA A 13 -1.12 6.90 2.93
CA ALA A 13 -0.80 8.25 3.33
C ALA A 13 -1.82 8.79 4.30
N GLN A 14 -3.04 8.34 4.18
CA GLN A 14 -4.10 8.78 5.04
C GLN A 14 -3.95 8.12 6.42
N LEU A 15 -3.86 6.79 6.41
CA LEU A 15 -3.79 5.99 7.64
C LEU A 15 -2.55 6.33 8.45
N LEU A 16 -1.41 6.27 7.83
CA LEU A 16 -0.15 6.42 8.51
C LEU A 16 0.06 7.88 8.99
N GLU A 17 -0.47 8.86 8.25
CA GLU A 17 -0.32 10.26 8.65
C GLU A 17 -1.22 10.53 9.86
N ASP A 18 -2.34 9.84 9.90
CA ASP A 18 -3.30 9.98 11.01
C ASP A 18 -2.66 9.51 12.31
N TRP A 19 -1.72 8.58 12.19
CA TRP A 19 -1.01 8.02 13.35
C TRP A 19 0.24 8.86 13.66
N GLY A 20 0.42 9.92 12.89
CA GLY A 20 1.53 10.81 13.09
C GLY A 20 2.84 10.20 12.66
N MET A 21 2.83 9.50 11.55
CA MET A 21 4.03 8.87 11.02
C MET A 21 4.23 9.26 9.56
N GLU A 22 5.35 8.85 8.99
CA GLU A 22 5.74 9.24 7.66
C GLU A 22 5.59 8.08 6.69
N ASP A 23 4.86 8.32 5.62
CA ASP A 23 4.59 7.29 4.61
C ASP A 23 5.77 7.08 3.69
N ILE A 24 5.81 5.89 3.09
CA ILE A 24 6.87 5.45 2.21
C ILE A 24 7.09 6.41 1.05
N ASP A 25 8.29 6.93 0.97
CA ASP A 25 8.68 7.85 -0.10
C ASP A 25 9.09 7.04 -1.32
N HIS A 26 9.31 5.76 -1.09
CA HIS A 26 9.65 4.81 -2.12
C HIS A 26 8.44 4.62 -3.05
N VAL A 27 8.68 4.78 -4.31
CA VAL A 27 7.63 4.63 -5.27
C VAL A 27 7.76 3.31 -6.00
N PHE A 28 6.64 2.65 -6.20
CA PHE A 28 6.62 1.42 -6.93
C PHE A 28 6.90 1.75 -8.38
N SER A 29 7.97 1.23 -8.87
CA SER A 29 8.38 1.45 -10.21
C SER A 29 7.57 0.55 -11.14
N GLU A 30 7.64 0.80 -12.43
CA GLU A 30 6.92 0.02 -13.43
C GLU A 30 7.32 -1.44 -13.36
N GLU A 31 8.58 -1.68 -13.05
CA GLU A 31 9.10 -3.03 -12.89
C GLU A 31 8.46 -3.73 -11.68
N ASP A 32 8.15 -2.96 -10.64
CA ASP A 32 7.56 -3.50 -9.42
C ASP A 32 6.13 -3.89 -9.66
N TYR A 33 5.47 -3.09 -10.48
CA TYR A 33 4.10 -3.35 -10.87
C TYR A 33 3.96 -4.67 -11.63
N ARG A 34 5.03 -5.04 -12.30
CA ARG A 34 5.06 -6.25 -13.11
C ARG A 34 5.33 -7.49 -12.27
N THR A 35 6.12 -7.35 -11.22
CA THR A 35 6.52 -8.50 -10.43
C THR A 35 5.63 -8.73 -9.20
N LEU A 36 5.17 -7.67 -8.57
CA LEU A 36 4.40 -7.79 -7.34
C LEU A 36 2.91 -7.88 -7.65
N THR A 37 2.59 -8.81 -8.48
CA THR A 37 1.24 -8.98 -9.00
C THR A 37 0.33 -9.79 -8.05
N ASN A 38 0.77 -9.98 -6.83
CA ASN A 38 0.01 -10.68 -5.82
C ASN A 38 0.37 -10.11 -4.47
N TYR A 39 -0.60 -10.07 -3.57
CA TYR A 39 -0.46 -9.46 -2.25
C TYR A 39 0.55 -10.21 -1.39
N LYS A 40 0.71 -11.49 -1.64
CA LYS A 40 1.66 -12.32 -0.90
C LYS A 40 3.10 -11.87 -1.12
N ALA A 41 3.48 -11.74 -2.39
CA ALA A 41 4.83 -11.29 -2.76
C ALA A 41 4.99 -9.84 -2.38
N PHE A 42 3.91 -9.09 -2.54
CA PHE A 42 3.87 -7.69 -2.23
C PHE A 42 4.20 -7.45 -0.75
N SER A 43 3.51 -8.18 0.13
CA SER A 43 3.72 -8.05 1.56
C SER A 43 5.16 -8.36 1.95
N GLN A 44 5.74 -9.37 1.32
CA GLN A 44 7.12 -9.78 1.57
C GLN A 44 8.12 -8.65 1.31
N PHE A 45 7.79 -7.77 0.39
CA PHE A 45 8.63 -6.64 0.07
C PHE A 45 8.27 -5.41 0.92
N VAL A 46 7.00 -5.09 0.92
CA VAL A 46 6.50 -3.88 1.50
C VAL A 46 6.45 -3.91 3.05
N ARG A 47 6.26 -5.10 3.64
CA ARG A 47 6.27 -5.25 5.11
C ARG A 47 7.57 -4.69 5.75
N PRO A 48 8.79 -5.21 5.37
CA PRO A 48 10.05 -4.70 5.91
C PRO A 48 10.24 -3.24 5.56
N LEU A 49 9.75 -2.87 4.39
CA LEU A 49 9.87 -1.54 3.86
C LEU A 49 9.17 -0.51 4.78
N ILE A 50 7.92 -0.77 5.09
CA ILE A 50 7.14 0.16 5.91
C ILE A 50 7.54 0.06 7.39
N ALA A 51 8.03 -1.09 7.80
CA ALA A 51 8.46 -1.26 9.18
C ALA A 51 9.79 -0.54 9.43
N ALA A 52 10.53 -0.34 8.35
CA ALA A 52 11.78 0.40 8.42
C ALA A 52 11.48 1.90 8.43
N LYS A 53 10.32 2.26 7.91
CA LYS A 53 9.93 3.65 7.84
C LYS A 53 9.23 4.04 9.15
N ASN A 54 8.60 3.05 9.79
CA ASN A 54 7.90 3.24 11.04
C ASN A 54 8.36 2.18 12.01
N PRO A 55 9.40 2.46 12.79
CA PRO A 55 10.01 1.47 13.68
C PRO A 55 9.13 1.11 14.89
N LYS A 56 8.28 2.02 15.28
CA LYS A 56 7.48 1.84 16.47
C LYS A 56 6.03 1.56 16.11
N ILE A 57 5.82 1.10 14.90
CA ILE A 57 4.48 0.83 14.43
C ILE A 57 4.07 -0.60 14.83
N ALA A 58 2.79 -0.82 15.00
CA ALA A 58 2.29 -2.14 15.36
C ALA A 58 1.93 -2.94 14.12
N VAL A 59 1.89 -4.26 14.27
CA VAL A 59 1.64 -5.18 13.15
C VAL A 59 0.19 -5.03 12.65
N SER A 60 -0.72 -4.88 13.59
CA SER A 60 -2.12 -4.68 13.26
C SER A 60 -2.33 -3.39 12.45
N LYS A 61 -1.59 -2.35 12.80
CA LYS A 61 -1.61 -1.10 12.05
C LYS A 61 -0.90 -1.29 10.71
N MET A 62 0.18 -2.06 10.74
CA MET A 62 0.98 -2.36 9.55
C MET A 62 0.16 -3.02 8.46
N MET A 63 -0.66 -3.98 8.84
CA MET A 63 -1.50 -4.67 7.85
C MET A 63 -2.55 -3.75 7.23
N MET A 64 -2.89 -2.69 7.95
CA MET A 64 -3.76 -1.65 7.43
C MET A 64 -3.02 -0.93 6.32
N VAL A 65 -1.77 -0.57 6.60
CA VAL A 65 -0.91 0.15 5.65
C VAL A 65 -0.64 -0.74 4.42
N LEU A 66 -0.28 -2.00 4.68
CA LEU A 66 -0.01 -2.97 3.63
C LEU A 66 -1.18 -3.12 2.67
N GLY A 67 -2.38 -3.18 3.23
CA GLY A 67 -3.57 -3.29 2.42
C GLY A 67 -3.81 -2.03 1.63
N ALA A 68 -3.58 -0.89 2.25
CA ALA A 68 -3.75 0.39 1.60
C ALA A 68 -2.72 0.56 0.48
N LYS A 69 -1.47 0.18 0.73
CA LYS A 69 -0.44 0.22 -0.31
C LYS A 69 -0.78 -0.72 -1.44
N TRP A 70 -1.26 -1.90 -1.10
CA TRP A 70 -1.71 -2.86 -2.10
C TRP A 70 -2.86 -2.29 -2.90
N ARG A 71 -3.74 -1.61 -2.22
CA ARG A 71 -4.86 -0.92 -2.84
C ARG A 71 -4.34 0.09 -3.84
N GLU A 72 -3.40 0.93 -3.40
CA GLU A 72 -2.75 1.93 -4.23
C GLU A 72 -2.06 1.27 -5.42
N PHE A 73 -1.29 0.25 -5.14
CA PHE A 73 -0.54 -0.50 -6.13
C PHE A 73 -1.46 -1.04 -7.22
N SER A 74 -2.48 -1.76 -6.82
CA SER A 74 -3.39 -2.39 -7.76
C SER A 74 -4.18 -1.38 -8.59
N THR A 75 -4.48 -0.22 -8.02
CA THR A 75 -5.27 0.76 -8.75
C THR A 75 -4.36 1.69 -9.59
N ASN A 76 -3.09 1.77 -9.25
CA ASN A 76 -2.17 2.67 -9.93
C ASN A 76 -1.21 1.87 -10.83
N ASN A 77 -1.56 0.61 -11.05
CA ASN A 77 -0.76 -0.27 -11.87
C ASN A 77 -1.08 -0.01 -13.33
N PRO A 78 -0.10 0.42 -14.15
CA PRO A 78 -0.29 0.66 -15.58
C PRO A 78 -0.41 -0.63 -16.37
N PHE A 79 0.23 -1.65 -15.85
CA PHE A 79 0.29 -2.95 -16.49
C PHE A 79 -0.95 -3.75 -16.21
N LYS A 80 -1.17 -4.76 -17.00
CA LYS A 80 -2.33 -5.59 -16.85
C LYS A 80 -1.95 -6.81 -16.01
N GLY A 81 -0.94 -7.54 -16.48
CA GLY A 81 -0.38 -8.68 -15.76
C GLY A 81 -1.26 -9.93 -15.78
N SER A 82 -2.49 -9.76 -15.40
CA SER A 82 -3.46 -10.81 -15.31
C SER A 82 -4.72 -10.31 -16.03
N SER A 83 -5.87 -10.84 -15.67
CA SER A 83 -7.14 -10.42 -16.23
C SER A 83 -7.42 -8.96 -15.82
N GLY A 84 -6.88 -8.57 -14.68
CA GLY A 84 -7.00 -7.22 -14.21
C GLY A 84 -8.15 -7.06 -13.25
N ALA A 85 -8.97 -8.07 -13.21
CA ALA A 85 -10.14 -8.06 -12.37
C ALA A 85 -10.10 -9.28 -11.49
N SER A 86 -10.13 -9.07 -10.23
CA SER A 86 -10.14 -10.13 -9.28
C SER A 86 -10.98 -9.69 -8.11
N GLY A 1 -17.75 6.03 15.83
CA GLY A 1 -19.03 6.68 16.09
C GLY A 1 -19.86 6.71 14.85
N PRO A 2 -20.80 7.65 14.72
CA PRO A 2 -21.64 7.77 13.53
C PRO A 2 -20.82 8.08 12.28
N LEU A 3 -21.18 7.39 11.19
CA LEU A 3 -20.54 7.50 9.88
C LEU A 3 -19.18 6.79 9.86
N GLY A 4 -18.24 7.35 10.59
CA GLY A 4 -16.90 6.81 10.61
C GLY A 4 -16.26 6.93 9.25
N SER A 5 -15.54 5.93 8.84
CA SER A 5 -14.89 5.95 7.56
C SER A 5 -15.60 5.01 6.59
N SER A 6 -16.43 5.58 5.75
CA SER A 6 -17.15 4.84 4.74
C SER A 6 -16.82 5.43 3.37
N LYS A 7 -17.17 6.70 3.20
CA LYS A 7 -16.90 7.43 1.97
C LYS A 7 -15.48 7.92 2.01
N GLU A 8 -14.92 7.83 3.20
CA GLU A 8 -13.59 8.24 3.52
C GLU A 8 -12.60 7.30 2.87
N PRO A 9 -11.81 7.78 1.93
CA PRO A 9 -10.76 7.01 1.37
C PRO A 9 -9.45 7.33 2.10
N LYS A 10 -8.82 6.33 2.64
CA LYS A 10 -7.58 6.55 3.33
C LYS A 10 -6.50 5.74 2.74
N SER A 11 -5.69 6.42 2.01
CA SER A 11 -4.54 5.87 1.36
C SER A 11 -3.45 5.56 2.39
N SER A 12 -2.38 4.91 1.97
CA SER A 12 -1.34 4.45 2.88
C SER A 12 -0.72 5.59 3.68
N ALA A 13 -0.37 6.67 3.00
CA ALA A 13 0.24 7.81 3.66
C ALA A 13 -0.73 8.47 4.60
N GLN A 14 -1.99 8.45 4.24
CA GLN A 14 -3.04 9.09 4.99
C GLN A 14 -3.34 8.28 6.27
N LEU A 15 -3.26 6.96 6.16
CA LEU A 15 -3.44 6.05 7.30
C LEU A 15 -2.26 6.16 8.24
N LEU A 16 -1.09 6.11 7.68
CA LEU A 16 0.14 6.11 8.44
C LEU A 16 0.35 7.47 9.14
N GLU A 17 -0.08 8.53 8.48
CA GLU A 17 -0.02 9.88 9.02
C GLU A 17 -0.97 10.01 10.22
N ASP A 18 -2.06 9.25 10.15
CA ASP A 18 -3.13 9.27 11.17
C ASP A 18 -2.58 8.81 12.51
N TRP A 19 -1.54 7.98 12.46
CA TRP A 19 -0.97 7.41 13.66
C TRP A 19 0.33 8.14 14.04
N GLY A 20 0.61 9.22 13.34
CA GLY A 20 1.79 10.02 13.63
C GLY A 20 3.07 9.37 13.13
N MET A 21 2.98 8.68 12.02
CA MET A 21 4.14 8.02 11.45
C MET A 21 4.44 8.62 10.09
N GLU A 22 5.54 8.23 9.50
CA GLU A 22 5.90 8.73 8.18
C GLU A 22 5.90 7.60 7.19
N ASP A 23 5.53 7.92 5.98
CA ASP A 23 5.51 6.98 4.87
C ASP A 23 6.76 7.22 4.03
N ILE A 24 7.13 6.27 3.23
CA ILE A 24 8.30 6.42 2.41
C ILE A 24 7.85 7.01 1.08
N ASP A 25 8.69 7.80 0.45
CA ASP A 25 8.33 8.47 -0.83
C ASP A 25 8.40 7.48 -1.96
N HIS A 26 8.68 6.25 -1.62
CA HIS A 26 8.83 5.18 -2.57
C HIS A 26 7.54 4.89 -3.28
N VAL A 27 7.55 5.18 -4.53
CA VAL A 27 6.51 4.76 -5.39
C VAL A 27 6.99 3.50 -6.02
N PHE A 28 6.10 2.57 -6.18
CA PHE A 28 6.45 1.31 -6.74
C PHE A 28 7.00 1.51 -8.12
N SER A 29 8.15 0.98 -8.32
CA SER A 29 8.80 1.13 -9.58
C SER A 29 8.19 0.17 -10.59
N GLU A 30 8.55 0.33 -11.83
CA GLU A 30 8.05 -0.50 -12.89
C GLU A 30 8.39 -1.95 -12.66
N GLU A 31 9.59 -2.17 -12.14
CA GLU A 31 10.05 -3.49 -11.78
C GLU A 31 9.11 -4.13 -10.77
N ASP A 32 8.68 -3.34 -9.78
CA ASP A 32 7.77 -3.81 -8.73
C ASP A 32 6.41 -4.12 -9.32
N TYR A 33 5.98 -3.27 -10.24
CA TYR A 33 4.68 -3.41 -10.90
C TYR A 33 4.58 -4.70 -11.71
N ARG A 34 5.71 -5.14 -12.21
CA ARG A 34 5.76 -6.34 -13.02
C ARG A 34 5.89 -7.59 -12.15
N THR A 35 6.41 -7.43 -10.96
CA THR A 35 6.75 -8.57 -10.16
C THR A 35 5.78 -8.85 -8.99
N LEU A 36 5.19 -7.83 -8.44
CA LEU A 36 4.32 -8.02 -7.30
C LEU A 36 2.88 -8.19 -7.74
N THR A 37 2.53 -9.38 -8.14
CA THR A 37 1.17 -9.64 -8.60
C THR A 37 0.28 -10.23 -7.50
N ASN A 38 0.87 -10.91 -6.54
CA ASN A 38 0.11 -11.45 -5.40
C ASN A 38 0.35 -10.56 -4.20
N TYR A 39 -0.68 -10.37 -3.37
CA TYR A 39 -0.56 -9.53 -2.17
C TYR A 39 0.43 -10.14 -1.20
N LYS A 40 0.47 -11.46 -1.14
CA LYS A 40 1.41 -12.15 -0.28
C LYS A 40 2.86 -11.86 -0.70
N ALA A 41 3.10 -11.81 -1.99
CA ALA A 41 4.42 -11.47 -2.53
C ALA A 41 4.71 -10.01 -2.27
N PHE A 42 3.69 -9.20 -2.50
CA PHE A 42 3.73 -7.78 -2.28
C PHE A 42 4.10 -7.46 -0.82
N SER A 43 3.45 -8.15 0.10
CA SER A 43 3.66 -7.93 1.50
C SER A 43 5.09 -8.20 1.95
N GLN A 44 5.76 -9.15 1.30
CA GLN A 44 7.13 -9.51 1.67
C GLN A 44 8.09 -8.37 1.37
N PHE A 45 7.72 -7.54 0.43
CA PHE A 45 8.53 -6.40 0.05
C PHE A 45 8.11 -5.17 0.85
N VAL A 46 6.82 -4.91 0.85
CA VAL A 46 6.27 -3.69 1.42
C VAL A 46 6.37 -3.64 2.95
N ARG A 47 6.28 -4.77 3.60
CA ARG A 47 6.37 -4.82 5.05
C ARG A 47 7.72 -4.21 5.60
N PRO A 48 8.93 -4.75 5.21
CA PRO A 48 10.19 -4.17 5.65
C PRO A 48 10.44 -2.78 5.05
N LEU A 49 9.76 -2.48 3.95
CA LEU A 49 9.86 -1.22 3.28
C LEU A 49 9.30 -0.13 4.20
N ILE A 50 8.12 -0.36 4.74
CA ILE A 50 7.48 0.60 5.62
C ILE A 50 8.12 0.59 7.00
N ALA A 51 8.56 -0.59 7.42
CA ALA A 51 9.23 -0.80 8.71
C ALA A 51 10.47 0.10 8.85
N ALA A 52 11.04 0.47 7.72
CA ALA A 52 12.19 1.35 7.68
C ALA A 52 11.86 2.73 8.27
N LYS A 53 10.62 3.17 8.09
CA LYS A 53 10.17 4.46 8.61
C LYS A 53 9.54 4.34 9.97
N ASN A 54 8.94 3.21 10.24
CA ASN A 54 8.23 3.01 11.49
C ASN A 54 8.29 1.57 11.97
N PRO A 55 9.28 1.23 12.80
CA PRO A 55 9.42 -0.11 13.33
C PRO A 55 8.54 -0.36 14.57
N LYS A 56 8.19 0.69 15.31
CA LYS A 56 7.44 0.52 16.55
C LYS A 56 5.97 0.88 16.38
N ILE A 57 5.50 0.69 15.18
CA ILE A 57 4.11 0.90 14.84
C ILE A 57 3.38 -0.42 15.17
N ALA A 58 2.09 -0.37 15.40
CA ALA A 58 1.33 -1.56 15.69
C ALA A 58 1.15 -2.43 14.44
N VAL A 59 1.33 -3.73 14.61
CA VAL A 59 1.29 -4.71 13.52
C VAL A 59 -0.08 -4.70 12.81
N SER A 60 -1.15 -4.64 13.60
CA SER A 60 -2.51 -4.59 13.06
C SER A 60 -2.68 -3.38 12.11
N LYS A 61 -2.12 -2.25 12.51
CA LYS A 61 -2.19 -1.06 11.71
C LYS A 61 -1.27 -1.15 10.50
N MET A 62 -0.11 -1.76 10.68
CA MET A 62 0.84 -2.00 9.60
C MET A 62 0.18 -2.79 8.48
N MET A 63 -0.60 -3.82 8.84
CA MET A 63 -1.34 -4.63 7.86
C MET A 63 -2.27 -3.77 7.03
N MET A 64 -2.82 -2.74 7.65
CA MET A 64 -3.74 -1.81 6.98
C MET A 64 -3.00 -1.01 5.95
N VAL A 65 -1.75 -0.65 6.24
CA VAL A 65 -0.94 0.13 5.32
C VAL A 65 -0.65 -0.70 4.09
N LEU A 66 -0.21 -1.95 4.30
CA LEU A 66 0.03 -2.87 3.18
C LEU A 66 -1.20 -3.07 2.35
N GLY A 67 -2.35 -3.08 3.02
CA GLY A 67 -3.62 -3.21 2.33
C GLY A 67 -3.88 -2.00 1.45
N ALA A 68 -3.62 -0.83 2.00
CA ALA A 68 -3.80 0.41 1.26
C ALA A 68 -2.78 0.52 0.14
N LYS A 69 -1.54 0.13 0.43
CA LYS A 69 -0.46 0.09 -0.56
C LYS A 69 -0.87 -0.78 -1.74
N TRP A 70 -1.46 -1.93 -1.44
CA TRP A 70 -1.95 -2.88 -2.43
C TRP A 70 -3.10 -2.28 -3.22
N ARG A 71 -3.98 -1.63 -2.51
CA ARG A 71 -5.15 -0.95 -3.07
C ARG A 71 -4.68 0.13 -4.07
N GLU A 72 -3.67 0.89 -3.68
CA GLU A 72 -3.10 1.91 -4.54
C GLU A 72 -2.36 1.26 -5.72
N PHE A 73 -1.51 0.27 -5.40
CA PHE A 73 -0.69 -0.47 -6.38
C PHE A 73 -1.55 -1.03 -7.53
N SER A 74 -2.60 -1.74 -7.15
CA SER A 74 -3.48 -2.40 -8.12
C SER A 74 -4.22 -1.39 -9.03
N THR A 75 -4.28 -0.17 -8.60
CA THR A 75 -4.95 0.87 -9.35
C THR A 75 -3.92 1.67 -10.19
N ASN A 76 -2.76 1.91 -9.61
CA ASN A 76 -1.74 2.78 -10.19
C ASN A 76 -0.86 2.05 -11.21
N ASN A 77 -0.79 0.72 -11.10
CA ASN A 77 0.09 -0.13 -11.96
C ASN A 77 -0.18 0.09 -13.46
N PRO A 78 0.79 0.72 -14.19
CA PRO A 78 0.66 1.03 -15.62
C PRO A 78 0.67 -0.23 -16.49
N PHE A 79 1.39 -1.23 -16.05
CA PHE A 79 1.52 -2.48 -16.80
C PHE A 79 0.29 -3.36 -16.65
N LYS A 80 -0.58 -3.01 -15.72
CA LYS A 80 -1.76 -3.78 -15.36
C LYS A 80 -1.33 -5.07 -14.67
N GLY A 81 -1.41 -5.06 -13.38
CA GLY A 81 -1.01 -6.18 -12.61
C GLY A 81 -2.16 -7.09 -12.35
N SER A 82 -1.93 -8.35 -12.52
CA SER A 82 -2.92 -9.33 -12.26
C SER A 82 -2.87 -9.67 -10.78
N SER A 83 -3.82 -9.13 -10.04
CA SER A 83 -3.91 -9.37 -8.62
C SER A 83 -4.18 -10.85 -8.36
N GLY A 84 -3.14 -11.56 -8.00
CA GLY A 84 -3.24 -12.97 -7.72
C GLY A 84 -3.96 -13.22 -6.43
N ALA A 85 -4.32 -14.47 -6.22
CA ALA A 85 -5.05 -14.89 -5.05
C ALA A 85 -4.29 -14.58 -3.78
N SER A 86 -4.93 -13.86 -2.91
CA SER A 86 -4.44 -13.51 -1.61
C SER A 86 -5.64 -13.12 -0.76
N GLY A 1 -27.44 20.32 4.38
CA GLY A 1 -26.87 20.74 3.10
C GLY A 1 -25.96 19.67 2.52
N PRO A 2 -25.44 19.86 1.29
CA PRO A 2 -24.51 18.93 0.64
C PRO A 2 -23.22 18.68 1.44
N LEU A 3 -22.79 19.68 2.22
CA LEU A 3 -21.61 19.58 3.05
C LEU A 3 -21.83 18.51 4.10
N GLY A 4 -21.18 17.39 3.91
CA GLY A 4 -21.29 16.30 4.83
C GLY A 4 -20.64 15.07 4.28
N SER A 5 -19.41 15.23 3.83
CA SER A 5 -18.65 14.15 3.24
C SER A 5 -18.27 13.14 4.33
N SER A 6 -19.06 12.10 4.43
CA SER A 6 -18.94 11.12 5.47
C SER A 6 -18.22 9.87 4.94
N LYS A 7 -17.23 9.39 5.70
CA LYS A 7 -16.40 8.21 5.35
C LYS A 7 -15.71 8.38 4.02
N GLU A 8 -14.56 8.96 4.07
CA GLU A 8 -13.81 9.22 2.89
C GLU A 8 -12.70 8.19 2.73
N PRO A 9 -12.26 7.96 1.50
CA PRO A 9 -11.21 6.99 1.24
C PRO A 9 -9.87 7.50 1.74
N LYS A 10 -9.15 6.67 2.46
CA LYS A 10 -7.86 7.02 2.93
C LYS A 10 -6.82 6.29 2.15
N SER A 11 -5.93 7.04 1.61
CA SER A 11 -4.81 6.51 0.87
C SER A 11 -3.84 5.88 1.88
N SER A 12 -2.89 5.10 1.42
CA SER A 12 -1.97 4.40 2.30
C SER A 12 -1.15 5.40 3.13
N ALA A 13 -0.65 6.45 2.47
CA ALA A 13 0.10 7.50 3.17
C ALA A 13 -0.82 8.22 4.13
N GLN A 14 -2.06 8.41 3.69
CA GLN A 14 -3.07 9.13 4.45
C GLN A 14 -3.46 8.35 5.73
N LEU A 15 -3.33 7.04 5.70
CA LEU A 15 -3.51 6.24 6.90
C LEU A 15 -2.32 6.43 7.85
N LEU A 16 -1.14 6.06 7.36
CA LEU A 16 0.07 6.01 8.19
C LEU A 16 0.46 7.39 8.77
N GLU A 17 0.43 8.43 7.95
CA GLU A 17 0.77 9.75 8.37
C GLU A 17 -0.25 10.29 9.39
N ASP A 18 -1.49 9.87 9.25
CA ASP A 18 -2.61 10.34 10.09
C ASP A 18 -2.49 9.80 11.50
N TRP A 19 -1.81 8.69 11.65
CA TRP A 19 -1.62 8.09 12.97
C TRP A 19 -0.40 8.70 13.64
N GLY A 20 0.27 9.58 12.93
CA GLY A 20 1.46 10.20 13.46
C GLY A 20 2.68 9.37 13.19
N MET A 21 2.58 8.50 12.21
CA MET A 21 3.69 7.65 11.83
C MET A 21 4.30 8.25 10.59
N GLU A 22 5.26 7.57 10.00
CA GLU A 22 5.89 8.13 8.83
C GLU A 22 5.88 7.13 7.68
N ASP A 23 5.38 7.56 6.55
CA ASP A 23 5.35 6.74 5.34
C ASP A 23 6.56 7.05 4.47
N ILE A 24 6.90 6.15 3.58
CA ILE A 24 8.04 6.29 2.72
C ILE A 24 7.56 6.81 1.38
N ASP A 25 8.26 7.76 0.84
CA ASP A 25 7.93 8.38 -0.46
C ASP A 25 8.36 7.48 -1.65
N HIS A 26 8.55 6.21 -1.37
CA HIS A 26 8.94 5.22 -2.38
C HIS A 26 7.76 4.93 -3.29
N VAL A 27 7.93 5.18 -4.54
CA VAL A 27 6.89 4.94 -5.51
C VAL A 27 7.08 3.57 -6.13
N PHE A 28 5.98 2.90 -6.37
CA PHE A 28 6.02 1.63 -7.03
C PHE A 28 6.20 1.90 -8.50
N SER A 29 7.32 1.50 -9.01
CA SER A 29 7.62 1.75 -10.40
C SER A 29 7.00 0.65 -11.27
N GLU A 30 7.05 0.83 -12.55
CA GLU A 30 6.44 -0.07 -13.50
C GLU A 30 7.06 -1.46 -13.46
N GLU A 31 8.33 -1.53 -13.10
CA GLU A 31 8.97 -2.83 -12.95
C GLU A 31 8.39 -3.60 -11.77
N ASP A 32 8.10 -2.87 -10.70
CA ASP A 32 7.52 -3.43 -9.46
C ASP A 32 6.13 -3.94 -9.74
N TYR A 33 5.41 -3.22 -10.60
CA TYR A 33 4.04 -3.58 -10.97
C TYR A 33 3.95 -4.92 -11.67
N ARG A 34 5.02 -5.28 -12.36
CA ARG A 34 5.04 -6.52 -13.12
C ARG A 34 5.30 -7.71 -12.21
N THR A 35 6.03 -7.47 -11.15
CA THR A 35 6.52 -8.53 -10.33
C THR A 35 5.70 -8.74 -9.05
N LEU A 36 5.19 -7.67 -8.50
CA LEU A 36 4.45 -7.74 -7.24
C LEU A 36 2.96 -7.83 -7.50
N THR A 37 2.61 -8.75 -8.34
CA THR A 37 1.23 -8.96 -8.76
C THR A 37 0.45 -9.88 -7.81
N ASN A 38 1.01 -10.10 -6.65
CA ASN A 38 0.42 -10.95 -5.65
C ASN A 38 0.67 -10.32 -4.31
N TYR A 39 -0.37 -10.21 -3.49
CA TYR A 39 -0.28 -9.55 -2.19
C TYR A 39 0.79 -10.15 -1.28
N LYS A 40 0.95 -11.46 -1.32
CA LYS A 40 1.93 -12.11 -0.47
C LYS A 40 3.35 -11.76 -0.89
N ALA A 41 3.59 -11.72 -2.20
CA ALA A 41 4.89 -11.33 -2.74
C ALA A 41 5.14 -9.86 -2.45
N PHE A 42 4.08 -9.09 -2.59
CA PHE A 42 4.07 -7.67 -2.33
C PHE A 42 4.45 -7.38 -0.88
N SER A 43 3.87 -8.14 0.03
CA SER A 43 4.09 -8.01 1.46
C SER A 43 5.58 -8.21 1.79
N GLN A 44 6.25 -9.12 1.07
CA GLN A 44 7.66 -9.41 1.30
C GLN A 44 8.52 -8.18 1.06
N PHE A 45 8.09 -7.34 0.16
CA PHE A 45 8.82 -6.14 -0.15
C PHE A 45 8.37 -4.97 0.71
N VAL A 46 7.08 -4.74 0.72
CA VAL A 46 6.53 -3.55 1.32
C VAL A 46 6.55 -3.58 2.87
N ARG A 47 6.43 -4.76 3.46
CA ARG A 47 6.48 -4.88 4.93
C ARG A 47 7.81 -4.32 5.52
N PRO A 48 9.01 -4.82 5.08
CA PRO A 48 10.31 -4.27 5.53
C PRO A 48 10.47 -2.81 5.10
N LEU A 49 9.91 -2.48 3.94
CA LEU A 49 9.94 -1.15 3.36
C LEU A 49 9.32 -0.15 4.33
N ILE A 50 8.13 -0.47 4.84
CA ILE A 50 7.44 0.42 5.76
C ILE A 50 8.05 0.35 7.16
N ALA A 51 8.51 -0.84 7.53
CA ALA A 51 9.13 -1.06 8.83
C ALA A 51 10.41 -0.22 8.99
N ALA A 52 10.99 0.18 7.86
CA ALA A 52 12.15 1.05 7.84
C ALA A 52 11.83 2.37 8.54
N LYS A 53 10.59 2.83 8.45
CA LYS A 53 10.19 4.04 9.13
C LYS A 53 9.52 3.73 10.44
N ASN A 54 8.84 2.60 10.50
CA ASN A 54 8.07 2.27 11.70
C ASN A 54 8.36 0.84 12.10
N PRO A 55 9.39 0.60 12.91
CA PRO A 55 9.72 -0.75 13.34
C PRO A 55 8.93 -1.18 14.57
N LYS A 56 8.42 -0.21 15.29
CA LYS A 56 7.72 -0.45 16.54
C LYS A 56 6.23 -0.18 16.38
N ILE A 57 5.78 -0.18 15.14
CA ILE A 57 4.40 0.10 14.82
C ILE A 57 3.51 -1.04 15.30
N ALA A 58 2.24 -0.77 15.48
CA ALA A 58 1.32 -1.81 15.82
C ALA A 58 1.08 -2.65 14.57
N VAL A 59 1.14 -3.97 14.72
CA VAL A 59 0.95 -4.89 13.60
C VAL A 59 -0.41 -4.69 12.93
N SER A 60 -1.40 -4.36 13.75
CA SER A 60 -2.74 -4.08 13.28
C SER A 60 -2.75 -2.88 12.30
N LYS A 61 -2.04 -1.83 12.66
CA LYS A 61 -1.92 -0.66 11.81
C LYS A 61 -1.04 -0.97 10.60
N MET A 62 -0.03 -1.80 10.83
CA MET A 62 0.87 -2.22 9.75
C MET A 62 0.07 -2.94 8.66
N MET A 63 -0.89 -3.76 9.08
CA MET A 63 -1.77 -4.47 8.14
C MET A 63 -2.63 -3.49 7.37
N MET A 64 -3.07 -2.43 8.04
CA MET A 64 -3.84 -1.37 7.38
C MET A 64 -3.01 -0.72 6.29
N VAL A 65 -1.75 -0.46 6.60
CA VAL A 65 -0.87 0.16 5.63
C VAL A 65 -0.64 -0.78 4.47
N LEU A 66 -0.25 -2.02 4.77
CA LEU A 66 0.00 -3.03 3.75
C LEU A 66 -1.20 -3.25 2.85
N GLY A 67 -2.38 -3.32 3.46
CA GLY A 67 -3.59 -3.48 2.72
C GLY A 67 -3.86 -2.31 1.80
N ALA A 68 -3.68 -1.11 2.29
CA ALA A 68 -3.88 0.08 1.50
C ALA A 68 -2.79 0.26 0.46
N LYS A 69 -1.54 -0.13 0.81
CA LYS A 69 -0.42 -0.08 -0.14
C LYS A 69 -0.77 -0.91 -1.35
N TRP A 70 -1.27 -2.11 -1.10
CA TRP A 70 -1.71 -3.02 -2.14
C TRP A 70 -2.84 -2.41 -2.94
N ARG A 71 -3.74 -1.76 -2.24
CA ARG A 71 -4.86 -1.08 -2.86
C ARG A 71 -4.37 0.02 -3.82
N GLU A 72 -3.52 0.91 -3.32
CA GLU A 72 -2.98 2.01 -4.13
C GLU A 72 -2.23 1.43 -5.33
N PHE A 73 -1.39 0.43 -5.05
CA PHE A 73 -0.58 -0.28 -6.03
C PHE A 73 -1.47 -0.81 -7.17
N SER A 74 -2.42 -1.65 -6.82
CA SER A 74 -3.29 -2.32 -7.77
C SER A 74 -4.14 -1.34 -8.60
N THR A 75 -4.47 -0.21 -8.02
CA THR A 75 -5.31 0.74 -8.69
C THR A 75 -4.49 1.61 -9.67
N ASN A 76 -3.31 2.02 -9.25
CA ASN A 76 -2.46 2.90 -10.07
C ASN A 76 -1.70 2.07 -11.12
N ASN A 77 -1.62 0.78 -10.88
CA ASN A 77 -0.95 -0.19 -11.73
C ASN A 77 -1.60 -0.30 -13.13
N PRO A 78 -0.81 0.03 -14.18
CA PRO A 78 -1.27 -0.07 -15.58
C PRO A 78 -1.30 -1.51 -16.10
N PHE A 79 -0.43 -2.33 -15.53
CA PHE A 79 -0.28 -3.71 -15.92
C PHE A 79 -1.45 -4.51 -15.40
N LYS A 80 -2.27 -4.94 -16.30
CA LYS A 80 -3.46 -5.63 -15.96
C LYS A 80 -3.16 -7.10 -15.78
N GLY A 81 -2.60 -7.40 -14.63
CA GLY A 81 -2.27 -8.74 -14.27
C GLY A 81 -3.49 -9.53 -13.97
N SER A 82 -3.97 -10.20 -14.97
CA SER A 82 -5.12 -11.01 -14.85
C SER A 82 -4.77 -12.33 -14.18
N SER A 83 -4.99 -12.38 -12.88
CA SER A 83 -4.72 -13.57 -12.06
C SER A 83 -5.61 -13.59 -10.82
N GLY A 84 -5.99 -12.41 -10.35
CA GLY A 84 -6.86 -12.31 -9.18
C GLY A 84 -8.29 -12.55 -9.55
N ALA A 85 -8.92 -11.55 -10.14
CA ALA A 85 -10.30 -11.66 -10.56
C ALA A 85 -10.44 -11.16 -11.99
N SER A 86 -10.25 -12.08 -12.91
CA SER A 86 -10.32 -11.82 -14.33
C SER A 86 -10.59 -13.16 -15.05
N GLY A 1 -24.31 6.24 10.96
CA GLY A 1 -23.38 7.24 10.46
C GLY A 1 -24.00 8.06 9.37
N PRO A 2 -23.82 9.40 9.38
CA PRO A 2 -24.40 10.27 8.35
C PRO A 2 -23.55 10.30 7.08
N LEU A 3 -22.50 9.53 7.08
CA LEU A 3 -21.61 9.42 5.97
C LEU A 3 -21.34 7.94 5.77
N GLY A 4 -21.77 7.41 4.66
CA GLY A 4 -21.61 6.00 4.43
C GLY A 4 -20.82 5.71 3.19
N SER A 5 -21.47 5.86 2.04
CA SER A 5 -20.92 5.59 0.70
C SER A 5 -20.33 4.16 0.60
N SER A 6 -19.05 4.06 0.75
CA SER A 6 -18.36 2.80 0.75
C SER A 6 -17.27 2.87 1.81
N LYS A 7 -17.40 3.90 2.65
CA LYS A 7 -16.44 4.26 3.67
C LYS A 7 -15.16 4.76 3.06
N GLU A 8 -14.86 5.99 3.39
CA GLU A 8 -13.77 6.78 2.87
C GLU A 8 -12.45 6.01 2.83
N PRO A 9 -11.97 5.71 1.63
CA PRO A 9 -10.69 5.11 1.46
C PRO A 9 -9.61 6.18 1.50
N LYS A 10 -8.69 6.00 2.36
CA LYS A 10 -7.58 6.87 2.49
C LYS A 10 -6.41 6.29 1.77
N SER A 11 -5.46 7.09 1.54
CA SER A 11 -4.24 6.63 0.96
C SER A 11 -3.39 6.11 2.12
N SER A 12 -2.40 5.29 1.82
CA SER A 12 -1.57 4.67 2.84
C SER A 12 -0.90 5.72 3.73
N ALA A 13 -0.50 6.83 3.11
CA ALA A 13 0.13 7.92 3.81
C ALA A 13 -0.81 8.50 4.85
N GLN A 14 -2.07 8.69 4.47
CA GLN A 14 -3.07 9.23 5.30
C GLN A 14 -3.32 8.39 6.54
N LEU A 15 -3.40 7.07 6.35
CA LEU A 15 -3.62 6.13 7.45
C LEU A 15 -2.45 6.18 8.41
N LEU A 16 -1.28 6.04 7.85
CA LEU A 16 -0.06 5.96 8.62
C LEU A 16 0.24 7.30 9.34
N GLU A 17 -0.07 8.40 8.68
CA GLU A 17 0.11 9.73 9.24
C GLU A 17 -0.86 9.99 10.40
N ASP A 18 -2.02 9.33 10.34
CA ASP A 18 -3.10 9.52 11.33
C ASP A 18 -2.66 8.99 12.70
N TRP A 19 -1.66 8.13 12.68
CA TRP A 19 -1.13 7.55 13.92
C TRP A 19 0.16 8.24 14.32
N GLY A 20 0.51 9.32 13.61
CA GLY A 20 1.74 10.03 13.89
C GLY A 20 2.95 9.28 13.40
N MET A 21 2.82 8.65 12.26
CA MET A 21 3.89 7.86 11.68
C MET A 21 4.25 8.44 10.32
N GLU A 22 5.27 7.88 9.68
CA GLU A 22 5.72 8.37 8.38
C GLU A 22 5.66 7.29 7.33
N ASP A 23 5.33 7.67 6.11
CA ASP A 23 5.11 6.71 5.03
C ASP A 23 6.31 6.64 4.08
N ILE A 24 6.31 5.60 3.29
CA ILE A 24 7.32 5.31 2.30
C ILE A 24 7.30 6.36 1.17
N ASP A 25 8.48 6.90 0.87
CA ASP A 25 8.65 7.87 -0.20
C ASP A 25 8.88 7.14 -1.52
N HIS A 26 9.27 5.89 -1.39
CA HIS A 26 9.49 4.98 -2.52
C HIS A 26 8.18 4.82 -3.30
N VAL A 27 8.26 4.93 -4.59
CA VAL A 27 7.10 4.79 -5.44
C VAL A 27 7.18 3.49 -6.20
N PHE A 28 6.04 2.87 -6.43
CA PHE A 28 5.98 1.65 -7.17
C PHE A 28 6.24 1.97 -8.62
N SER A 29 7.32 1.46 -9.12
CA SER A 29 7.71 1.70 -10.47
C SER A 29 7.02 0.69 -11.39
N GLU A 30 7.18 0.85 -12.67
CA GLU A 30 6.58 -0.05 -13.64
C GLU A 30 7.14 -1.46 -13.51
N GLU A 31 8.38 -1.56 -13.09
CA GLU A 31 9.02 -2.84 -12.87
C GLU A 31 8.34 -3.54 -11.67
N ASP A 32 7.90 -2.74 -10.69
CA ASP A 32 7.28 -3.27 -9.47
C ASP A 32 5.94 -3.86 -9.79
N TYR A 33 5.21 -3.23 -10.71
CA TYR A 33 3.89 -3.73 -11.10
C TYR A 33 4.01 -5.07 -11.80
N ARG A 34 5.12 -5.28 -12.45
CA ARG A 34 5.38 -6.53 -13.16
C ARG A 34 5.79 -7.64 -12.20
N THR A 35 6.30 -7.27 -11.04
CA THR A 35 6.86 -8.24 -10.12
C THR A 35 5.99 -8.52 -8.89
N LEU A 36 5.30 -7.52 -8.39
CA LEU A 36 4.48 -7.68 -7.19
C LEU A 36 3.03 -7.89 -7.58
N THR A 37 2.83 -8.87 -8.40
CA THR A 37 1.54 -9.19 -9.00
C THR A 37 0.59 -9.94 -8.05
N ASN A 38 0.92 -10.00 -6.79
CA ASN A 38 0.11 -10.66 -5.80
C ASN A 38 0.46 -10.11 -4.44
N TYR A 39 -0.53 -10.03 -3.57
CA TYR A 39 -0.37 -9.49 -2.24
C TYR A 39 0.69 -10.25 -1.42
N LYS A 40 0.91 -11.53 -1.74
CA LYS A 40 1.92 -12.32 -1.04
C LYS A 40 3.32 -11.78 -1.30
N ALA A 41 3.66 -11.62 -2.57
CA ALA A 41 4.97 -11.09 -2.96
C ALA A 41 5.08 -9.64 -2.53
N PHE A 42 3.97 -8.95 -2.65
CA PHE A 42 3.86 -7.56 -2.28
C PHE A 42 4.17 -7.37 -0.79
N SER A 43 3.50 -8.13 0.06
CA SER A 43 3.65 -7.99 1.50
C SER A 43 5.07 -8.29 1.96
N GLN A 44 5.68 -9.34 1.42
CA GLN A 44 7.06 -9.71 1.79
C GLN A 44 8.07 -8.60 1.50
N PHE A 45 7.75 -7.78 0.53
CA PHE A 45 8.60 -6.68 0.15
C PHE A 45 8.22 -5.42 0.93
N VAL A 46 6.96 -5.09 0.89
CA VAL A 46 6.45 -3.83 1.43
C VAL A 46 6.38 -3.82 2.99
N ARG A 47 6.15 -4.98 3.60
CA ARG A 47 6.08 -5.11 5.08
C ARG A 47 7.34 -4.55 5.79
N PRO A 48 8.55 -5.07 5.50
CA PRO A 48 9.76 -4.57 6.12
C PRO A 48 10.15 -3.19 5.58
N LEU A 49 9.63 -2.87 4.40
CA LEU A 49 9.87 -1.62 3.75
C LEU A 49 9.29 -0.47 4.59
N ILE A 50 8.00 -0.58 4.91
CA ILE A 50 7.33 0.45 5.69
C ILE A 50 7.85 0.44 7.12
N ALA A 51 8.27 -0.74 7.57
CA ALA A 51 8.81 -0.91 8.91
C ALA A 51 10.13 -0.15 9.07
N ALA A 52 10.80 0.13 7.95
CA ALA A 52 12.04 0.90 7.97
C ALA A 52 11.75 2.36 8.34
N LYS A 53 10.52 2.80 8.09
CA LYS A 53 10.08 4.14 8.44
C LYS A 53 9.45 4.14 9.81
N ASN A 54 8.87 3.00 10.19
CA ASN A 54 8.14 2.92 11.43
C ASN A 54 8.56 1.70 12.23
N PRO A 55 9.63 1.84 13.01
CA PRO A 55 10.16 0.75 13.84
C PRO A 55 9.27 0.47 15.06
N LYS A 56 8.51 1.45 15.47
CA LYS A 56 7.70 1.33 16.67
C LYS A 56 6.22 1.23 16.33
N ILE A 57 5.92 0.85 15.10
CA ILE A 57 4.54 0.74 14.70
C ILE A 57 3.96 -0.60 15.17
N ALA A 58 2.65 -0.67 15.29
CA ALA A 58 1.98 -1.89 15.65
C ALA A 58 1.68 -2.70 14.39
N VAL A 59 1.75 -4.02 14.51
CA VAL A 59 1.53 -4.93 13.38
C VAL A 59 0.10 -4.80 12.82
N SER A 60 -0.85 -4.62 13.72
CA SER A 60 -2.25 -4.49 13.33
C SER A 60 -2.46 -3.22 12.46
N LYS A 61 -1.74 -2.16 12.80
CA LYS A 61 -1.78 -0.93 12.03
C LYS A 61 -1.05 -1.11 10.71
N MET A 62 0.06 -1.84 10.76
CA MET A 62 0.88 -2.14 9.59
C MET A 62 0.05 -2.86 8.52
N MET A 63 -0.83 -3.76 8.98
CA MET A 63 -1.73 -4.53 8.10
C MET A 63 -2.61 -3.61 7.27
N MET A 64 -3.01 -2.50 7.87
CA MET A 64 -3.85 -1.52 7.20
C MET A 64 -3.08 -0.85 6.08
N VAL A 65 -1.84 -0.50 6.37
CA VAL A 65 -1.01 0.18 5.39
C VAL A 65 -0.68 -0.75 4.23
N LEU A 66 -0.40 -2.00 4.55
CA LEU A 66 -0.14 -3.01 3.54
C LEU A 66 -1.33 -3.21 2.63
N GLY A 67 -2.51 -3.22 3.22
CA GLY A 67 -3.73 -3.36 2.47
C GLY A 67 -4.01 -2.13 1.62
N ALA A 68 -3.71 -0.98 2.18
CA ALA A 68 -3.90 0.30 1.51
C ALA A 68 -2.93 0.47 0.35
N LYS A 69 -1.68 0.07 0.54
CA LYS A 69 -0.71 0.17 -0.53
C LYS A 69 -1.05 -0.76 -1.65
N TRP A 70 -1.53 -1.95 -1.32
CA TRP A 70 -2.00 -2.88 -2.34
C TRP A 70 -3.17 -2.25 -3.11
N ARG A 71 -4.04 -1.60 -2.37
CA ARG A 71 -5.16 -0.85 -2.89
C ARG A 71 -4.67 0.21 -3.90
N GLU A 72 -3.65 0.95 -3.53
CA GLU A 72 -3.12 1.98 -4.41
C GLU A 72 -2.33 1.37 -5.58
N PHE A 73 -1.54 0.34 -5.28
CA PHE A 73 -0.73 -0.40 -6.26
C PHE A 73 -1.60 -0.90 -7.42
N SER A 74 -2.65 -1.64 -7.09
CA SER A 74 -3.53 -2.22 -8.07
C SER A 74 -4.22 -1.14 -8.93
N THR A 75 -4.54 -0.01 -8.31
CA THR A 75 -5.21 1.08 -8.98
C THR A 75 -4.28 1.76 -10.00
N ASN A 76 -3.02 1.83 -9.65
CA ASN A 76 -2.07 2.54 -10.48
C ASN A 76 -1.29 1.56 -11.38
N ASN A 77 -1.73 0.30 -11.39
CA ASN A 77 -1.08 -0.74 -12.19
C ASN A 77 -1.70 -0.82 -13.59
N PRO A 78 -0.90 -0.51 -14.63
CA PRO A 78 -1.34 -0.63 -16.02
C PRO A 78 -1.20 -2.05 -16.58
N PHE A 79 -0.30 -2.78 -15.99
CA PHE A 79 0.08 -4.10 -16.48
C PHE A 79 -1.00 -5.16 -16.38
N LYS A 80 -1.49 -5.50 -17.56
CA LYS A 80 -2.45 -6.54 -17.84
C LYS A 80 -2.77 -6.41 -19.31
N GLY A 81 -3.19 -7.47 -19.93
CA GLY A 81 -3.57 -7.40 -21.31
C GLY A 81 -4.03 -8.72 -21.81
N SER A 82 -3.93 -8.92 -23.07
CA SER A 82 -4.23 -10.16 -23.70
C SER A 82 -2.92 -10.97 -23.80
N SER A 83 -2.93 -12.07 -24.52
CA SER A 83 -1.76 -12.91 -24.67
C SER A 83 -0.63 -12.13 -25.37
N GLY A 84 0.51 -12.04 -24.71
CA GLY A 84 1.61 -11.27 -25.23
C GLY A 84 1.41 -9.80 -24.94
N ALA A 85 0.97 -9.09 -25.92
CA ALA A 85 0.65 -7.69 -25.81
C ALA A 85 -0.69 -7.46 -26.47
N SER A 86 -1.23 -6.28 -26.36
CA SER A 86 -2.50 -6.01 -26.97
C SER A 86 -2.43 -4.75 -27.84
N GLY A 1 -15.60 -6.05 11.78
CA GLY A 1 -16.73 -6.58 12.53
C GLY A 1 -18.01 -5.86 12.17
N PRO A 2 -19.19 -6.48 12.34
CA PRO A 2 -20.49 -5.87 11.98
C PRO A 2 -20.94 -4.75 12.94
N LEU A 3 -20.10 -4.46 13.89
CA LEU A 3 -20.33 -3.38 14.83
C LEU A 3 -19.71 -2.08 14.30
N GLY A 4 -19.13 -2.20 13.13
CA GLY A 4 -18.48 -1.10 12.47
C GLY A 4 -17.78 -1.67 11.28
N SER A 5 -18.56 -2.11 10.33
CA SER A 5 -18.14 -2.89 9.18
C SER A 5 -16.98 -2.30 8.38
N SER A 6 -16.97 -1.00 8.20
CA SER A 6 -15.92 -0.39 7.44
C SER A 6 -15.49 0.90 8.07
N LYS A 7 -14.24 1.21 7.93
CA LYS A 7 -13.69 2.43 8.41
C LYS A 7 -13.63 3.40 7.25
N GLU A 8 -13.16 4.59 7.50
CA GLU A 8 -13.03 5.59 6.47
C GLU A 8 -12.05 5.16 5.39
N PRO A 9 -12.36 5.49 4.14
CA PRO A 9 -11.49 5.18 3.01
C PRO A 9 -10.25 6.07 3.06
N LYS A 10 -9.09 5.48 3.07
CA LYS A 10 -7.86 6.23 3.19
C LYS A 10 -6.76 5.64 2.34
N SER A 11 -5.82 6.46 2.02
CA SER A 11 -4.65 6.06 1.29
C SER A 11 -3.58 5.65 2.32
N SER A 12 -2.46 5.10 1.88
CA SER A 12 -1.43 4.60 2.80
C SER A 12 -0.84 5.72 3.63
N ALA A 13 -0.46 6.80 2.98
CA ALA A 13 0.14 7.93 3.66
C ALA A 13 -0.86 8.56 4.60
N GLN A 14 -2.11 8.54 4.20
CA GLN A 14 -3.19 9.09 4.99
C GLN A 14 -3.43 8.25 6.25
N LEU A 15 -3.37 6.93 6.10
CA LEU A 15 -3.50 6.01 7.24
C LEU A 15 -2.34 6.16 8.18
N LEU A 16 -1.16 6.12 7.64
CA LEU A 16 0.04 6.15 8.43
C LEU A 16 0.20 7.52 9.11
N GLU A 17 -0.22 8.58 8.43
CA GLU A 17 -0.19 9.94 8.97
C GLU A 17 -1.24 10.09 10.07
N ASP A 18 -2.35 9.38 9.92
CA ASP A 18 -3.45 9.38 10.91
C ASP A 18 -2.91 8.99 12.26
N TRP A 19 -1.97 8.07 12.23
CA TRP A 19 -1.41 7.51 13.45
C TRP A 19 -0.16 8.28 13.86
N GLY A 20 0.10 9.38 13.19
CA GLY A 20 1.23 10.21 13.50
C GLY A 20 2.54 9.58 13.10
N MET A 21 2.54 8.87 12.01
CA MET A 21 3.73 8.24 11.53
C MET A 21 4.10 8.86 10.20
N GLU A 22 5.16 8.39 9.60
CA GLU A 22 5.61 8.93 8.33
C GLU A 22 5.62 7.81 7.30
N ASP A 23 5.16 8.10 6.09
CA ASP A 23 5.15 7.11 5.02
C ASP A 23 6.44 7.27 4.22
N ILE A 24 6.59 6.56 3.13
CA ILE A 24 7.85 6.48 2.43
C ILE A 24 7.74 7.08 1.02
N ASP A 25 8.87 7.53 0.50
CA ASP A 25 8.96 8.15 -0.83
C ASP A 25 8.92 7.10 -1.94
N HIS A 26 8.85 5.85 -1.53
CA HIS A 26 8.89 4.73 -2.44
C HIS A 26 7.64 4.69 -3.31
N VAL A 27 7.83 4.93 -4.56
CA VAL A 27 6.78 4.85 -5.52
C VAL A 27 6.96 3.59 -6.28
N PHE A 28 5.90 2.83 -6.38
CA PHE A 28 5.95 1.59 -7.09
C PHE A 28 6.20 1.87 -8.54
N SER A 29 7.27 1.38 -9.02
CA SER A 29 7.67 1.59 -10.36
C SER A 29 7.08 0.49 -11.25
N GLU A 30 7.24 0.62 -12.56
CA GLU A 30 6.72 -0.35 -13.51
C GLU A 30 7.18 -1.76 -13.23
N GLU A 31 8.45 -1.88 -12.86
CA GLU A 31 9.02 -3.18 -12.55
C GLU A 31 8.29 -3.80 -11.34
N ASP A 32 7.96 -2.98 -10.37
CA ASP A 32 7.25 -3.44 -9.16
C ASP A 32 5.87 -3.88 -9.54
N TYR A 33 5.27 -3.13 -10.45
CA TYR A 33 3.92 -3.41 -10.93
C TYR A 33 3.85 -4.75 -11.67
N ARG A 34 4.96 -5.15 -12.27
CA ARG A 34 5.04 -6.39 -13.01
C ARG A 34 5.32 -7.56 -12.07
N THR A 35 6.00 -7.29 -10.98
CA THR A 35 6.49 -8.35 -10.11
C THR A 35 5.63 -8.58 -8.87
N LEU A 36 5.06 -7.54 -8.32
CA LEU A 36 4.26 -7.67 -7.11
C LEU A 36 2.80 -7.82 -7.47
N THR A 37 2.55 -8.78 -8.29
CA THR A 37 1.23 -9.05 -8.84
C THR A 37 0.37 -9.92 -7.91
N ASN A 38 0.83 -10.08 -6.69
CA ASN A 38 0.15 -10.89 -5.71
C ASN A 38 0.43 -10.28 -4.35
N TYR A 39 -0.58 -10.27 -3.47
CA TYR A 39 -0.45 -9.64 -2.15
C TYR A 39 0.61 -10.33 -1.29
N LYS A 40 0.79 -11.63 -1.45
CA LYS A 40 1.79 -12.37 -0.68
C LYS A 40 3.20 -11.99 -1.15
N ALA A 41 3.32 -11.70 -2.44
CA ALA A 41 4.59 -11.26 -3.02
C ALA A 41 4.83 -9.81 -2.64
N PHE A 42 3.76 -9.10 -2.51
CA PHE A 42 3.77 -7.72 -2.14
C PHE A 42 4.20 -7.56 -0.68
N SER A 43 3.54 -8.30 0.21
CA SER A 43 3.77 -8.19 1.64
C SER A 43 5.21 -8.52 2.04
N GLN A 44 5.80 -9.52 1.40
CA GLN A 44 7.17 -9.94 1.70
C GLN A 44 8.18 -8.84 1.35
N PHE A 45 7.84 -8.01 0.40
CA PHE A 45 8.70 -6.91 -0.02
C PHE A 45 8.38 -5.65 0.77
N VAL A 46 7.11 -5.34 0.83
CA VAL A 46 6.63 -4.11 1.40
C VAL A 46 6.73 -4.06 2.93
N ARG A 47 6.61 -5.21 3.61
CA ARG A 47 6.76 -5.25 5.09
C ARG A 47 8.11 -4.63 5.56
N PRO A 48 9.29 -5.17 5.13
CA PRO A 48 10.60 -4.63 5.56
C PRO A 48 10.80 -3.20 5.06
N LEU A 49 10.17 -2.90 3.94
CA LEU A 49 10.23 -1.60 3.32
C LEU A 49 9.57 -0.57 4.27
N ILE A 50 8.36 -0.87 4.74
CA ILE A 50 7.64 0.07 5.61
C ILE A 50 8.27 0.09 7.00
N ALA A 51 8.62 -1.09 7.51
CA ALA A 51 9.18 -1.24 8.84
C ALA A 51 10.47 -0.45 9.01
N ALA A 52 11.15 -0.19 7.90
CA ALA A 52 12.38 0.58 7.92
C ALA A 52 12.11 2.04 8.28
N LYS A 53 10.94 2.52 7.91
CA LYS A 53 10.56 3.90 8.20
C LYS A 53 9.85 3.99 9.55
N ASN A 54 9.18 2.93 9.92
CA ASN A 54 8.41 2.90 11.14
C ASN A 54 8.48 1.57 11.87
N PRO A 55 9.47 1.39 12.74
CA PRO A 55 9.60 0.18 13.56
C PRO A 55 8.66 0.23 14.78
N LYS A 56 8.20 1.44 15.09
CA LYS A 56 7.36 1.68 16.26
C LYS A 56 5.87 1.69 15.90
N ILE A 57 5.57 1.19 14.73
CA ILE A 57 4.20 1.15 14.24
C ILE A 57 3.53 -0.12 14.83
N ALA A 58 2.24 -0.08 15.06
CA ALA A 58 1.55 -1.24 15.61
C ALA A 58 1.24 -2.28 14.54
N VAL A 59 1.29 -3.55 14.92
CA VAL A 59 1.16 -4.66 13.97
C VAL A 59 -0.21 -4.71 13.24
N SER A 60 -1.30 -4.42 13.93
CA SER A 60 -2.62 -4.43 13.29
C SER A 60 -2.75 -3.24 12.32
N LYS A 61 -2.13 -2.14 12.68
CA LYS A 61 -2.12 -0.97 11.84
C LYS A 61 -1.23 -1.22 10.63
N MET A 62 -0.14 -1.94 10.87
CA MET A 62 0.80 -2.36 9.83
C MET A 62 0.06 -3.08 8.72
N MET A 63 -0.82 -4.01 9.11
CA MET A 63 -1.63 -4.78 8.15
C MET A 63 -2.49 -3.87 7.28
N MET A 64 -2.96 -2.79 7.87
CA MET A 64 -3.76 -1.82 7.16
C MET A 64 -2.93 -1.08 6.13
N VAL A 65 -1.68 -0.78 6.49
CA VAL A 65 -0.77 -0.06 5.58
C VAL A 65 -0.48 -0.93 4.35
N LEU A 66 -0.10 -2.19 4.58
CA LEU A 66 0.15 -3.13 3.48
C LEU A 66 -1.08 -3.29 2.61
N GLY A 67 -2.24 -3.32 3.24
CA GLY A 67 -3.48 -3.41 2.52
C GLY A 67 -3.73 -2.18 1.66
N ALA A 68 -3.56 -1.02 2.25
CA ALA A 68 -3.77 0.24 1.54
C ALA A 68 -2.76 0.42 0.43
N LYS A 69 -1.50 0.09 0.68
CA LYS A 69 -0.48 0.18 -0.35
C LYS A 69 -0.79 -0.75 -1.49
N TRP A 70 -1.29 -1.94 -1.18
CA TRP A 70 -1.72 -2.90 -2.19
C TRP A 70 -2.86 -2.32 -3.01
N ARG A 71 -3.74 -1.61 -2.33
CA ARG A 71 -4.87 -0.95 -2.98
C ARG A 71 -4.36 0.11 -3.95
N GLU A 72 -3.50 1.00 -3.44
CA GLU A 72 -2.92 2.08 -4.24
C GLU A 72 -2.13 1.47 -5.42
N PHE A 73 -1.38 0.43 -5.13
CA PHE A 73 -0.59 -0.31 -6.11
C PHE A 73 -1.45 -0.80 -7.26
N SER A 74 -2.47 -1.59 -6.94
CA SER A 74 -3.31 -2.21 -7.94
C SER A 74 -4.14 -1.19 -8.73
N THR A 75 -4.45 -0.07 -8.11
CA THR A 75 -5.22 0.99 -8.74
C THR A 75 -4.36 1.78 -9.75
N ASN A 76 -3.13 2.05 -9.35
CA ASN A 76 -2.22 2.89 -10.13
C ASN A 76 -1.31 2.03 -11.03
N ASN A 77 -1.63 0.76 -11.10
CA ASN A 77 -0.85 -0.19 -11.89
C ASN A 77 -1.23 -0.04 -13.37
N PRO A 78 -0.25 0.29 -14.25
CA PRO A 78 -0.49 0.39 -15.69
C PRO A 78 -0.77 -0.98 -16.27
N PHE A 79 -0.14 -1.97 -15.69
CA PHE A 79 -0.29 -3.34 -16.13
C PHE A 79 -1.50 -3.94 -15.44
N LYS A 80 -2.65 -3.61 -15.96
CA LYS A 80 -3.91 -4.07 -15.42
C LYS A 80 -4.08 -5.53 -15.77
N GLY A 81 -3.50 -5.90 -16.87
CA GLY A 81 -3.51 -7.24 -17.34
C GLY A 81 -3.24 -7.25 -18.81
N SER A 82 -4.24 -6.93 -19.56
CA SER A 82 -4.12 -6.86 -20.99
C SER A 82 -4.79 -5.57 -21.51
N SER A 83 -5.51 -4.90 -20.61
CA SER A 83 -6.32 -3.72 -20.90
C SER A 83 -7.47 -4.11 -21.83
N GLY A 84 -8.57 -4.47 -21.23
CA GLY A 84 -9.73 -4.86 -21.96
C GLY A 84 -10.94 -4.12 -21.46
N ALA A 85 -11.02 -2.87 -21.81
CA ALA A 85 -12.11 -2.03 -21.38
C ALA A 85 -13.01 -1.72 -22.57
N SER A 86 -13.39 -2.76 -23.28
CA SER A 86 -14.23 -2.60 -24.42
C SER A 86 -15.09 -3.85 -24.53
N GLY A 1 -15.45 7.47 -14.53
CA GLY A 1 -14.22 7.44 -15.30
C GLY A 1 -13.85 6.03 -15.66
N PRO A 2 -12.55 5.72 -15.79
CA PRO A 2 -12.09 4.38 -16.12
C PRO A 2 -12.10 3.47 -14.88
N LEU A 3 -11.59 2.28 -15.02
CA LEU A 3 -11.51 1.36 -13.91
C LEU A 3 -10.29 1.66 -13.09
N GLY A 4 -10.44 2.59 -12.22
CA GLY A 4 -9.40 2.98 -11.33
C GLY A 4 -9.98 3.78 -10.21
N SER A 5 -10.97 3.22 -9.57
CA SER A 5 -11.66 3.88 -8.48
C SER A 5 -12.14 2.83 -7.49
N SER A 6 -11.58 2.82 -6.32
CA SER A 6 -11.95 1.87 -5.33
C SER A 6 -12.06 2.61 -3.99
N LYS A 7 -13.01 2.24 -3.19
CA LYS A 7 -13.31 2.97 -1.97
C LYS A 7 -12.63 2.37 -0.75
N GLU A 8 -11.49 2.89 -0.43
CA GLU A 8 -10.76 2.51 0.74
C GLU A 8 -10.75 3.73 1.66
N PRO A 9 -11.29 3.63 2.90
CA PRO A 9 -11.29 4.76 3.83
C PRO A 9 -9.87 5.10 4.27
N LYS A 10 -9.49 6.36 4.05
CA LYS A 10 -8.13 6.86 4.27
C LYS A 10 -7.11 6.26 3.35
N SER A 11 -6.28 7.12 2.82
CA SER A 11 -5.22 6.68 1.95
C SER A 11 -4.08 6.10 2.80
N SER A 12 -3.17 5.36 2.18
CA SER A 12 -2.06 4.71 2.88
C SER A 12 -1.24 5.70 3.71
N ALA A 13 -0.89 6.83 3.10
CA ALA A 13 -0.13 7.86 3.76
C ALA A 13 -0.95 8.44 4.89
N GLN A 14 -2.23 8.64 4.61
CA GLN A 14 -3.17 9.24 5.55
C GLN A 14 -3.34 8.40 6.81
N LEU A 15 -3.33 7.08 6.63
CA LEU A 15 -3.40 6.13 7.74
C LEU A 15 -2.15 6.21 8.59
N LEU A 16 -1.02 6.10 7.94
CA LEU A 16 0.26 6.05 8.62
C LEU A 16 0.56 7.41 9.29
N GLU A 17 0.12 8.48 8.65
CA GLU A 17 0.27 9.85 9.13
C GLU A 17 -0.59 10.06 10.38
N ASP A 18 -1.74 9.39 10.41
CA ASP A 18 -2.71 9.51 11.52
C ASP A 18 -2.04 9.04 12.80
N TRP A 19 -1.18 8.06 12.65
CA TRP A 19 -0.51 7.45 13.77
C TRP A 19 0.84 8.11 14.04
N GLY A 20 1.08 9.22 13.37
CA GLY A 20 2.32 9.97 13.54
C GLY A 20 3.54 9.22 13.05
N MET A 21 3.36 8.41 12.03
CA MET A 21 4.44 7.64 11.48
C MET A 21 4.86 8.20 10.14
N GLU A 22 5.95 7.69 9.60
CA GLU A 22 6.49 8.18 8.35
C GLU A 22 6.16 7.26 7.19
N ASP A 23 5.62 7.83 6.13
CA ASP A 23 5.36 7.10 4.89
C ASP A 23 6.51 7.35 3.92
N ILE A 24 7.01 6.30 3.32
CA ILE A 24 8.17 6.38 2.43
C ILE A 24 7.72 7.00 1.11
N ASP A 25 8.48 7.97 0.61
CA ASP A 25 8.19 8.68 -0.67
C ASP A 25 8.51 7.79 -1.89
N HIS A 26 8.56 6.50 -1.65
CA HIS A 26 8.89 5.49 -2.61
C HIS A 26 7.86 5.44 -3.73
N VAL A 27 8.27 4.98 -4.85
CA VAL A 27 7.41 4.86 -5.98
C VAL A 27 7.43 3.43 -6.49
N PHE A 28 6.26 2.87 -6.71
CA PHE A 28 6.16 1.55 -7.26
C PHE A 28 6.56 1.62 -8.72
N SER A 29 7.68 1.05 -9.02
CA SER A 29 8.18 1.11 -10.36
C SER A 29 7.53 0.02 -11.21
N GLU A 30 7.82 0.02 -12.50
CA GLU A 30 7.28 -0.96 -13.41
C GLU A 30 7.76 -2.34 -13.01
N GLU A 31 9.03 -2.40 -12.59
CA GLU A 31 9.61 -3.63 -12.08
C GLU A 31 8.81 -4.16 -10.90
N ASP A 32 8.40 -3.25 -10.02
CA ASP A 32 7.63 -3.60 -8.84
C ASP A 32 6.25 -4.09 -9.25
N TYR A 33 5.64 -3.39 -10.21
CA TYR A 33 4.30 -3.74 -10.69
C TYR A 33 4.26 -5.14 -11.29
N ARG A 34 5.35 -5.53 -11.92
CA ARG A 34 5.40 -6.83 -12.58
C ARG A 34 5.81 -7.93 -11.62
N THR A 35 6.36 -7.57 -10.49
CA THR A 35 6.85 -8.57 -9.57
C THR A 35 5.91 -8.82 -8.40
N LEU A 36 5.14 -7.83 -8.02
CA LEU A 36 4.23 -7.98 -6.91
C LEU A 36 2.85 -8.36 -7.45
N THR A 37 2.75 -9.57 -7.93
CA THR A 37 1.55 -10.07 -8.58
C THR A 37 0.45 -10.51 -7.61
N ASN A 38 0.79 -10.59 -6.35
CA ASN A 38 -0.17 -10.95 -5.33
C ASN A 38 0.14 -10.17 -4.07
N TYR A 39 -0.84 -10.06 -3.18
CA TYR A 39 -0.70 -9.30 -1.95
C TYR A 39 0.45 -9.80 -1.09
N LYS A 40 0.70 -11.08 -1.10
CA LYS A 40 1.79 -11.63 -0.31
C LYS A 40 3.16 -11.19 -0.82
N ALA A 41 3.36 -11.20 -2.15
CA ALA A 41 4.64 -10.71 -2.72
C ALA A 41 4.78 -9.24 -2.44
N PHE A 42 3.65 -8.56 -2.52
CA PHE A 42 3.56 -7.16 -2.23
C PHE A 42 3.99 -6.89 -0.79
N SER A 43 3.39 -7.65 0.12
CA SER A 43 3.69 -7.52 1.54
C SER A 43 5.17 -7.81 1.82
N GLN A 44 5.70 -8.86 1.18
CA GLN A 44 7.11 -9.22 1.31
C GLN A 44 8.03 -8.04 0.99
N PHE A 45 7.62 -7.19 0.09
CA PHE A 45 8.41 -6.05 -0.29
C PHE A 45 8.07 -4.80 0.55
N VAL A 46 6.81 -4.43 0.56
CA VAL A 46 6.40 -3.18 1.16
C VAL A 46 6.45 -3.20 2.72
N ARG A 47 6.25 -4.38 3.32
CA ARG A 47 6.32 -4.53 4.79
C ARG A 47 7.69 -4.03 5.35
N PRO A 48 8.86 -4.58 4.91
CA PRO A 48 10.19 -4.13 5.38
C PRO A 48 10.44 -2.66 5.07
N LEU A 49 9.90 -2.22 3.94
CA LEU A 49 9.98 -0.83 3.52
C LEU A 49 9.32 0.09 4.53
N ILE A 50 8.07 -0.18 4.86
CA ILE A 50 7.34 0.65 5.80
C ILE A 50 7.95 0.51 7.19
N ALA A 51 8.31 -0.73 7.55
CA ALA A 51 8.91 -1.04 8.84
C ALA A 51 10.22 -0.29 9.08
N ALA A 52 10.89 0.10 8.00
CA ALA A 52 12.13 0.85 8.09
C ALA A 52 11.85 2.27 8.59
N LYS A 53 10.71 2.81 8.22
CA LYS A 53 10.33 4.15 8.64
C LYS A 53 9.61 4.13 9.96
N ASN A 54 8.96 3.04 10.25
CA ASN A 54 8.23 2.90 11.48
C ASN A 54 8.45 1.55 12.12
N PRO A 55 9.44 1.48 13.02
CA PRO A 55 9.76 0.24 13.72
C PRO A 55 8.83 -0.03 14.90
N LYS A 56 8.16 1.00 15.35
CA LYS A 56 7.29 0.93 16.51
C LYS A 56 5.82 0.77 16.05
N ILE A 57 5.66 0.36 14.82
CA ILE A 57 4.35 0.20 14.24
C ILE A 57 3.86 -1.23 14.57
N ALA A 58 2.58 -1.40 14.75
CA ALA A 58 2.03 -2.70 15.06
C ALA A 58 1.62 -3.44 13.80
N VAL A 59 1.68 -4.75 13.84
CA VAL A 59 1.41 -5.60 12.67
C VAL A 59 -0.04 -5.47 12.15
N SER A 60 -0.98 -5.29 13.07
CA SER A 60 -2.37 -5.13 12.67
C SER A 60 -2.56 -3.81 11.90
N LYS A 61 -1.90 -2.76 12.37
CA LYS A 61 -1.96 -1.47 11.71
C LYS A 61 -1.17 -1.52 10.41
N MET A 62 -0.12 -2.32 10.42
CA MET A 62 0.74 -2.54 9.26
C MET A 62 -0.07 -3.07 8.08
N MET A 63 -0.93 -4.07 8.34
CA MET A 63 -1.76 -4.66 7.31
C MET A 63 -2.76 -3.67 6.73
N MET A 64 -3.09 -2.66 7.51
CA MET A 64 -4.00 -1.61 7.06
C MET A 64 -3.31 -0.77 6.00
N VAL A 65 -2.03 -0.48 6.24
CA VAL A 65 -1.25 0.33 5.31
C VAL A 65 -0.90 -0.50 4.10
N LEU A 66 -0.46 -1.72 4.34
CA LEU A 66 -0.14 -2.66 3.27
C LEU A 66 -1.34 -2.88 2.38
N GLY A 67 -2.50 -3.02 2.99
CA GLY A 67 -3.73 -3.21 2.28
C GLY A 67 -4.11 -1.99 1.47
N ALA A 68 -3.95 -0.83 2.05
CA ALA A 68 -4.26 0.42 1.39
C ALA A 68 -3.30 0.68 0.22
N LYS A 69 -2.01 0.37 0.43
CA LYS A 69 -1.05 0.51 -0.63
C LYS A 69 -1.32 -0.48 -1.74
N TRP A 70 -1.71 -1.70 -1.36
CA TRP A 70 -2.11 -2.73 -2.33
C TRP A 70 -3.30 -2.25 -3.15
N ARG A 71 -4.20 -1.56 -2.47
CA ARG A 71 -5.38 -0.96 -3.08
C ARG A 71 -4.91 0.04 -4.16
N GLU A 72 -4.02 0.95 -3.76
CA GLU A 72 -3.47 1.96 -4.66
C GLU A 72 -2.65 1.31 -5.78
N PHE A 73 -1.87 0.30 -5.41
CA PHE A 73 -1.05 -0.48 -6.33
C PHE A 73 -1.90 -1.08 -7.45
N SER A 74 -2.97 -1.77 -7.05
CA SER A 74 -3.88 -2.40 -8.01
C SER A 74 -4.52 -1.35 -8.93
N THR A 75 -4.75 -0.18 -8.38
CA THR A 75 -5.38 0.92 -9.09
C THR A 75 -4.40 1.58 -10.09
N ASN A 76 -3.18 1.80 -9.66
CA ASN A 76 -2.19 2.55 -10.43
C ASN A 76 -1.22 1.58 -11.14
N ASN A 77 -1.66 0.35 -11.34
CA ASN A 77 -0.86 -0.65 -12.02
C ASN A 77 -1.23 -0.76 -13.49
N PRO A 78 -0.35 -0.30 -14.39
CA PRO A 78 -0.58 -0.37 -15.83
C PRO A 78 -0.43 -1.81 -16.35
N PHE A 79 0.44 -2.57 -15.71
CA PHE A 79 0.72 -3.92 -16.13
C PHE A 79 -0.37 -4.90 -15.73
N LYS A 80 -1.32 -5.06 -16.61
CA LYS A 80 -2.36 -6.06 -16.47
C LYS A 80 -1.81 -7.39 -17.02
N GLY A 81 -0.73 -7.24 -17.72
CA GLY A 81 -0.06 -8.29 -18.38
C GLY A 81 0.89 -7.64 -19.30
N SER A 82 1.25 -8.28 -20.36
CA SER A 82 2.15 -7.73 -21.32
C SER A 82 2.15 -8.62 -22.55
N SER A 83 1.71 -8.07 -23.64
CA SER A 83 1.68 -8.77 -24.88
C SER A 83 3.09 -8.95 -25.42
N GLY A 84 3.58 -10.15 -25.28
CA GLY A 84 4.94 -10.44 -25.65
C GLY A 84 5.67 -11.07 -24.50
N ALA A 85 5.12 -10.94 -23.32
CA ALA A 85 5.70 -11.53 -22.15
C ALA A 85 4.74 -12.54 -21.56
N SER A 86 4.76 -13.71 -22.11
CA SER A 86 3.89 -14.78 -21.70
C SER A 86 4.66 -16.07 -21.76
N GLY A 1 -17.59 7.46 -9.83
CA GLY A 1 -16.83 8.67 -9.50
C GLY A 1 -16.46 9.43 -10.76
N PRO A 2 -16.02 10.71 -10.64
CA PRO A 2 -15.73 11.59 -11.80
C PRO A 2 -14.68 11.02 -12.79
N LEU A 3 -13.84 10.13 -12.31
CA LEU A 3 -12.84 9.49 -13.14
C LEU A 3 -13.01 7.99 -13.02
N GLY A 4 -14.21 7.60 -12.67
CA GLY A 4 -14.49 6.22 -12.38
C GLY A 4 -14.30 6.00 -10.92
N SER A 5 -13.07 6.16 -10.50
CA SER A 5 -12.68 6.04 -9.13
C SER A 5 -13.24 7.21 -8.30
N SER A 6 -13.29 7.05 -7.02
CA SER A 6 -13.85 8.04 -6.14
C SER A 6 -12.79 8.44 -5.12
N LYS A 7 -13.09 9.39 -4.26
CA LYS A 7 -12.18 9.77 -3.22
C LYS A 7 -12.33 8.78 -2.07
N GLU A 8 -11.60 7.71 -2.12
CA GLU A 8 -11.69 6.68 -1.12
C GLU A 8 -10.98 7.15 0.16
N PRO A 9 -11.70 7.12 1.29
CA PRO A 9 -11.19 7.61 2.57
C PRO A 9 -10.05 6.76 3.13
N LYS A 10 -8.95 7.43 3.40
CA LYS A 10 -7.77 6.85 4.01
C LYS A 10 -7.00 5.86 3.18
N SER A 11 -6.06 6.41 2.47
CA SER A 11 -5.11 5.66 1.68
C SER A 11 -3.86 5.43 2.57
N SER A 12 -2.85 4.73 2.07
CA SER A 12 -1.71 4.28 2.90
C SER A 12 -1.02 5.41 3.67
N ALA A 13 -0.71 6.51 3.00
CA ALA A 13 -0.02 7.61 3.63
C ALA A 13 -0.94 8.30 4.60
N GLN A 14 -2.16 8.47 4.19
CA GLN A 14 -3.19 9.14 4.96
C GLN A 14 -3.52 8.33 6.25
N LEU A 15 -3.41 7.01 6.16
CA LEU A 15 -3.58 6.12 7.29
C LEU A 15 -2.42 6.28 8.26
N LEU A 16 -1.22 6.05 7.73
CA LEU A 16 0.01 6.03 8.49
C LEU A 16 0.30 7.40 9.12
N GLU A 17 -0.02 8.46 8.40
CA GLU A 17 0.18 9.82 8.86
C GLU A 17 -0.76 10.18 10.00
N ASP A 18 -1.93 9.55 10.03
CA ASP A 18 -2.94 9.80 11.08
C ASP A 18 -2.40 9.33 12.41
N TRP A 19 -1.55 8.32 12.35
CA TRP A 19 -0.99 7.72 13.56
C TRP A 19 0.31 8.43 13.94
N GLY A 20 0.64 9.48 13.18
CA GLY A 20 1.84 10.25 13.41
C GLY A 20 3.07 9.46 13.05
N MET A 21 2.95 8.67 12.01
CA MET A 21 4.02 7.82 11.55
C MET A 21 4.52 8.32 10.20
N GLU A 22 5.52 7.65 9.63
CA GLU A 22 6.11 8.09 8.37
C GLU A 22 6.00 7.04 7.29
N ASP A 23 5.74 7.48 6.07
CA ASP A 23 5.60 6.60 4.92
C ASP A 23 6.86 6.68 4.04
N ILE A 24 6.99 5.83 3.05
CA ILE A 24 8.16 5.86 2.18
C ILE A 24 7.77 6.58 0.90
N ASP A 25 8.69 7.28 0.30
CA ASP A 25 8.42 8.00 -0.96
C ASP A 25 8.67 7.07 -2.16
N HIS A 26 8.91 5.80 -1.86
CA HIS A 26 9.18 4.81 -2.86
C HIS A 26 7.91 4.53 -3.65
N VAL A 27 7.89 4.99 -4.85
CA VAL A 27 6.78 4.77 -5.73
C VAL A 27 7.01 3.46 -6.44
N PHE A 28 5.99 2.64 -6.49
CA PHE A 28 6.06 1.38 -7.16
C PHE A 28 6.32 1.64 -8.63
N SER A 29 7.44 1.20 -9.09
CA SER A 29 7.86 1.42 -10.43
C SER A 29 7.14 0.44 -11.37
N GLU A 30 7.37 0.61 -12.64
CA GLU A 30 6.73 -0.18 -13.65
C GLU A 30 7.11 -1.65 -13.54
N GLU A 31 8.34 -1.91 -13.20
CA GLU A 31 8.83 -3.26 -13.00
C GLU A 31 8.17 -3.90 -11.77
N ASP A 32 7.88 -3.08 -10.76
CA ASP A 32 7.22 -3.55 -9.53
C ASP A 32 5.84 -4.08 -9.85
N TYR A 33 5.17 -3.42 -10.79
CA TYR A 33 3.83 -3.82 -11.22
C TYR A 33 3.86 -5.16 -11.92
N ARG A 34 4.97 -5.44 -12.54
CA ARG A 34 5.17 -6.65 -13.28
C ARG A 34 5.58 -7.80 -12.36
N THR A 35 6.20 -7.48 -11.24
CA THR A 35 6.74 -8.51 -10.38
C THR A 35 5.91 -8.76 -9.10
N LEU A 36 5.33 -7.73 -8.53
CA LEU A 36 4.58 -7.87 -7.27
C LEU A 36 3.11 -8.08 -7.57
N THR A 37 2.83 -9.12 -8.28
CA THR A 37 1.50 -9.41 -8.73
C THR A 37 0.71 -10.29 -7.75
N ASN A 38 1.19 -10.36 -6.54
CA ASN A 38 0.55 -11.11 -5.49
C ASN A 38 0.75 -10.35 -4.21
N TYR A 39 -0.31 -10.19 -3.43
CA TYR A 39 -0.30 -9.45 -2.19
C TYR A 39 0.75 -10.00 -1.22
N LYS A 40 0.96 -11.29 -1.22
CA LYS A 40 1.94 -11.88 -0.32
C LYS A 40 3.37 -11.52 -0.72
N ALA A 41 3.66 -11.63 -2.03
CA ALA A 41 4.99 -11.25 -2.56
C ALA A 41 5.20 -9.76 -2.35
N PHE A 42 4.12 -9.03 -2.51
CA PHE A 42 4.07 -7.60 -2.30
C PHE A 42 4.40 -7.30 -0.85
N SER A 43 3.77 -8.01 0.06
CA SER A 43 3.97 -7.84 1.49
C SER A 43 5.42 -8.10 1.88
N GLN A 44 6.04 -9.13 1.30
CA GLN A 44 7.43 -9.50 1.58
C GLN A 44 8.39 -8.34 1.28
N PHE A 45 8.01 -7.52 0.33
CA PHE A 45 8.81 -6.37 -0.04
C PHE A 45 8.41 -5.13 0.76
N VAL A 46 7.13 -4.81 0.73
CA VAL A 46 6.64 -3.57 1.29
C VAL A 46 6.66 -3.55 2.84
N ARG A 47 6.47 -4.71 3.49
CA ARG A 47 6.52 -4.81 4.98
C ARG A 47 7.85 -4.22 5.53
N PRO A 48 9.05 -4.75 5.12
CA PRO A 48 10.34 -4.23 5.59
C PRO A 48 10.48 -2.74 5.28
N LEU A 49 9.97 -2.33 4.13
CA LEU A 49 10.01 -0.94 3.69
C LEU A 49 9.28 -0.01 4.66
N ILE A 50 8.04 -0.35 5.02
CA ILE A 50 7.26 0.51 5.90
C ILE A 50 7.75 0.38 7.33
N ALA A 51 8.20 -0.81 7.69
CA ALA A 51 8.71 -1.05 9.03
C ALA A 51 10.04 -0.34 9.24
N ALA A 52 10.72 -0.03 8.14
CA ALA A 52 11.96 0.73 8.19
C ALA A 52 11.69 2.14 8.65
N LYS A 53 10.50 2.63 8.34
CA LYS A 53 10.11 3.96 8.76
C LYS A 53 9.42 3.90 10.11
N ASN A 54 8.77 2.78 10.40
CA ASN A 54 7.99 2.66 11.61
C ASN A 54 8.29 1.35 12.31
N PRO A 55 9.31 1.33 13.16
CA PRO A 55 9.68 0.14 13.92
C PRO A 55 8.79 -0.06 15.16
N LYS A 56 8.16 1.00 15.59
CA LYS A 56 7.40 0.97 16.82
C LYS A 56 5.91 1.12 16.52
N ILE A 57 5.54 0.77 15.31
CA ILE A 57 4.16 0.83 14.88
C ILE A 57 3.46 -0.45 15.37
N ALA A 58 2.16 -0.45 15.40
CA ALA A 58 1.43 -1.62 15.75
C ALA A 58 1.23 -2.49 14.51
N VAL A 59 1.18 -3.79 14.71
CA VAL A 59 1.05 -4.76 13.62
C VAL A 59 -0.28 -4.58 12.90
N SER A 60 -1.33 -4.38 13.67
CA SER A 60 -2.67 -4.20 13.15
C SER A 60 -2.73 -2.97 12.22
N LYS A 61 -2.01 -1.94 12.60
CA LYS A 61 -1.94 -0.73 11.81
C LYS A 61 -1.09 -0.96 10.57
N MET A 62 0.00 -1.69 10.71
CA MET A 62 0.89 -2.04 9.59
C MET A 62 0.13 -2.82 8.52
N MET A 63 -0.75 -3.71 8.96
CA MET A 63 -1.60 -4.51 8.07
C MET A 63 -2.48 -3.62 7.21
N MET A 64 -2.96 -2.54 7.80
CA MET A 64 -3.80 -1.58 7.09
C MET A 64 -3.02 -0.85 6.03
N VAL A 65 -1.75 -0.56 6.33
CA VAL A 65 -0.90 0.13 5.37
C VAL A 65 -0.66 -0.78 4.19
N LEU A 66 -0.27 -2.01 4.49
CA LEU A 66 0.00 -3.01 3.46
C LEU A 66 -1.21 -3.25 2.56
N GLY A 67 -2.39 -3.26 3.16
CA GLY A 67 -3.61 -3.45 2.41
C GLY A 67 -3.90 -2.26 1.51
N ALA A 68 -3.70 -1.06 2.04
CA ALA A 68 -3.93 0.15 1.29
C ALA A 68 -2.86 0.34 0.21
N LYS A 69 -1.62 -0.07 0.52
CA LYS A 69 -0.54 -0.04 -0.44
C LYS A 69 -0.89 -0.88 -1.66
N TRP A 70 -1.43 -2.07 -1.40
CA TRP A 70 -1.86 -2.98 -2.45
C TRP A 70 -3.00 -2.34 -3.27
N ARG A 71 -3.88 -1.67 -2.56
CA ARG A 71 -5.00 -0.92 -3.13
C ARG A 71 -4.49 0.11 -4.14
N GLU A 72 -3.56 0.94 -3.71
CA GLU A 72 -3.03 1.98 -4.55
C GLU A 72 -2.18 1.39 -5.68
N PHE A 73 -1.42 0.35 -5.36
CA PHE A 73 -0.60 -0.39 -6.31
C PHE A 73 -1.44 -0.87 -7.48
N SER A 74 -2.50 -1.56 -7.16
CA SER A 74 -3.39 -2.15 -8.15
C SER A 74 -4.11 -1.08 -9.00
N THR A 75 -4.43 0.04 -8.38
CA THR A 75 -5.21 1.08 -9.03
C THR A 75 -4.32 1.97 -9.93
N ASN A 76 -3.05 2.08 -9.59
CA ASN A 76 -2.11 2.93 -10.32
C ASN A 76 -1.28 2.08 -11.29
N ASN A 77 -1.60 0.81 -11.34
CA ASN A 77 -0.92 -0.16 -12.19
C ASN A 77 -1.40 -0.07 -13.64
N PRO A 78 -0.51 0.29 -14.58
CA PRO A 78 -0.84 0.34 -16.00
C PRO A 78 -0.83 -1.06 -16.64
N PHE A 79 0.05 -1.91 -16.14
CA PHE A 79 0.25 -3.26 -16.68
C PHE A 79 -0.91 -4.18 -16.32
N LYS A 80 -1.07 -5.22 -17.12
CA LYS A 80 -2.10 -6.21 -16.90
C LYS A 80 -1.59 -7.57 -17.33
N GLY A 81 -0.29 -7.69 -17.43
CA GLY A 81 0.36 -8.91 -17.93
C GLY A 81 0.25 -10.10 -17.01
N SER A 82 -0.36 -9.92 -15.88
CA SER A 82 -0.56 -11.01 -14.96
C SER A 82 -2.03 -11.07 -14.52
N SER A 83 -2.90 -10.33 -15.23
CA SER A 83 -4.31 -10.28 -14.89
C SER A 83 -5.10 -9.99 -16.17
N GLY A 84 -4.57 -10.47 -17.27
CA GLY A 84 -5.14 -10.23 -18.56
C GLY A 84 -4.29 -10.88 -19.61
N ALA A 85 -3.81 -10.10 -20.55
CA ALA A 85 -2.94 -10.62 -21.59
C ALA A 85 -1.61 -11.02 -20.98
N SER A 86 -1.42 -12.30 -20.81
CA SER A 86 -0.25 -12.79 -20.14
C SER A 86 0.69 -13.41 -21.18
N GLY A 1 -12.49 -10.28 5.95
CA GLY A 1 -13.11 -8.97 6.00
C GLY A 1 -13.56 -8.54 4.61
N PRO A 2 -14.37 -7.46 4.49
CA PRO A 2 -14.83 -6.97 3.20
C PRO A 2 -13.70 -6.24 2.50
N LEU A 3 -13.40 -6.61 1.27
CA LEU A 3 -12.29 -6.02 0.53
C LEU A 3 -12.67 -4.66 -0.05
N GLY A 4 -13.92 -4.32 0.05
CA GLY A 4 -14.41 -3.06 -0.42
C GLY A 4 -15.11 -2.32 0.67
N SER A 5 -14.57 -2.40 1.87
CA SER A 5 -15.17 -1.77 3.03
C SER A 5 -15.07 -0.25 2.94
N SER A 6 -13.87 0.24 2.68
CA SER A 6 -13.57 1.66 2.52
C SER A 6 -13.78 2.47 3.83
N LYS A 7 -15.04 2.75 4.16
CA LYS A 7 -15.45 3.64 5.26
C LYS A 7 -15.03 5.07 4.96
N GLU A 8 -13.80 5.36 5.25
CA GLU A 8 -13.22 6.65 4.97
C GLU A 8 -12.12 6.42 3.92
N PRO A 9 -12.16 7.12 2.77
CA PRO A 9 -11.10 6.97 1.75
C PRO A 9 -9.79 7.40 2.37
N LYS A 10 -8.81 6.54 2.33
CA LYS A 10 -7.63 6.77 3.10
C LYS A 10 -6.50 5.92 2.54
N SER A 11 -5.56 6.57 1.88
CA SER A 11 -4.42 5.90 1.29
C SER A 11 -3.42 5.48 2.38
N SER A 12 -2.35 4.80 2.00
CA SER A 12 -1.36 4.31 2.95
C SER A 12 -0.73 5.44 3.74
N ALA A 13 -0.32 6.47 3.02
CA ALA A 13 0.31 7.61 3.61
C ALA A 13 -0.66 8.35 4.48
N GLN A 14 -1.94 8.28 4.11
CA GLN A 14 -2.99 8.96 4.84
C GLN A 14 -3.27 8.20 6.15
N LEU A 15 -3.26 6.87 6.08
CA LEU A 15 -3.44 6.01 7.27
C LEU A 15 -2.36 6.25 8.28
N LEU A 16 -1.13 6.13 7.83
CA LEU A 16 0.01 6.23 8.71
C LEU A 16 0.18 7.67 9.22
N GLU A 17 -0.28 8.63 8.42
CA GLU A 17 -0.27 10.06 8.78
C GLU A 17 -1.23 10.29 9.93
N ASP A 18 -2.35 9.59 9.87
CA ASP A 18 -3.46 9.70 10.82
C ASP A 18 -3.03 9.25 12.21
N TRP A 19 -2.05 8.37 12.23
CA TRP A 19 -1.53 7.84 13.48
C TRP A 19 -0.31 8.66 13.93
N GLY A 20 0.08 9.59 13.09
CA GLY A 20 1.21 10.44 13.38
C GLY A 20 2.53 9.78 13.07
N MET A 21 2.57 8.99 12.03
CA MET A 21 3.77 8.29 11.65
C MET A 21 4.08 8.65 10.20
N GLU A 22 5.22 8.22 9.69
CA GLU A 22 5.61 8.59 8.34
C GLU A 22 5.60 7.40 7.42
N ASP A 23 5.12 7.59 6.23
CA ASP A 23 5.10 6.54 5.22
C ASP A 23 6.19 6.86 4.22
N ILE A 24 6.57 5.91 3.44
CA ILE A 24 7.62 6.08 2.49
C ILE A 24 6.97 6.43 1.18
N ASP A 25 7.46 7.45 0.54
CA ASP A 25 6.96 7.95 -0.74
C ASP A 25 7.56 7.16 -1.91
N HIS A 26 8.03 5.97 -1.59
CA HIS A 26 8.59 5.04 -2.55
C HIS A 26 7.49 4.62 -3.51
N VAL A 27 7.62 5.06 -4.72
CA VAL A 27 6.64 4.76 -5.71
C VAL A 27 7.01 3.50 -6.43
N PHE A 28 6.04 2.61 -6.49
CA PHE A 28 6.20 1.37 -7.17
C PHE A 28 6.44 1.65 -8.62
N SER A 29 7.51 1.18 -9.10
CA SER A 29 7.89 1.39 -10.47
C SER A 29 7.29 0.29 -11.33
N GLU A 30 7.35 0.45 -12.64
CA GLU A 30 6.77 -0.50 -13.57
C GLU A 30 7.36 -1.90 -13.40
N GLU A 31 8.65 -1.98 -13.12
CA GLU A 31 9.31 -3.25 -12.82
C GLU A 31 8.70 -3.92 -11.57
N ASP A 32 8.27 -3.10 -10.62
CA ASP A 32 7.68 -3.60 -9.37
C ASP A 32 6.29 -4.12 -9.65
N TYR A 33 5.58 -3.46 -10.55
CA TYR A 33 4.23 -3.89 -10.90
C TYR A 33 4.25 -5.24 -11.61
N ARG A 34 5.35 -5.50 -12.30
CA ARG A 34 5.53 -6.75 -13.04
C ARG A 34 5.92 -7.89 -12.11
N THR A 35 6.48 -7.56 -10.96
CA THR A 35 6.99 -8.57 -10.06
C THR A 35 6.07 -8.81 -8.84
N LEU A 36 5.45 -7.76 -8.37
CA LEU A 36 4.60 -7.86 -7.19
C LEU A 36 3.16 -7.97 -7.63
N THR A 37 2.94 -8.90 -8.49
CA THR A 37 1.67 -9.15 -9.13
C THR A 37 0.65 -9.74 -8.14
N ASN A 38 1.13 -10.29 -7.07
CA ASN A 38 0.29 -10.89 -6.04
C ASN A 38 0.56 -10.24 -4.72
N TYR A 39 -0.52 -10.05 -3.95
CA TYR A 39 -0.46 -9.40 -2.64
C TYR A 39 0.52 -10.09 -1.70
N LYS A 40 0.60 -11.40 -1.77
CA LYS A 40 1.50 -12.15 -0.89
C LYS A 40 2.96 -11.78 -1.13
N ALA A 41 3.35 -11.71 -2.40
CA ALA A 41 4.72 -11.35 -2.78
C ALA A 41 4.96 -9.89 -2.45
N PHE A 42 3.96 -9.09 -2.76
CA PHE A 42 3.95 -7.67 -2.49
C PHE A 42 4.22 -7.40 -1.01
N SER A 43 3.48 -8.09 -0.18
CA SER A 43 3.55 -7.95 1.25
C SER A 43 4.97 -8.23 1.78
N GLN A 44 5.65 -9.25 1.22
CA GLN A 44 6.98 -9.62 1.68
C GLN A 44 8.04 -8.55 1.35
N PHE A 45 7.73 -7.70 0.41
CA PHE A 45 8.60 -6.59 0.09
C PHE A 45 8.22 -5.35 0.89
N VAL A 46 6.96 -5.02 0.83
CA VAL A 46 6.44 -3.80 1.41
C VAL A 46 6.42 -3.80 2.96
N ARG A 47 6.21 -4.97 3.57
CA ARG A 47 6.24 -5.11 5.04
C ARG A 47 7.56 -4.51 5.66
N PRO A 48 8.78 -5.02 5.29
CA PRO A 48 10.05 -4.45 5.77
C PRO A 48 10.24 -3.02 5.31
N LEU A 49 9.75 -2.70 4.12
CA LEU A 49 9.85 -1.38 3.53
C LEU A 49 9.24 -0.33 4.45
N ILE A 50 8.03 -0.59 4.93
CA ILE A 50 7.35 0.36 5.78
C ILE A 50 7.91 0.30 7.20
N ALA A 51 8.24 -0.90 7.64
CA ALA A 51 8.80 -1.10 8.98
C ALA A 51 10.18 -0.45 9.13
N ALA A 52 10.86 -0.22 8.01
CA ALA A 52 12.13 0.47 8.01
C ALA A 52 11.93 1.92 8.45
N LYS A 53 10.81 2.49 8.03
CA LYS A 53 10.49 3.85 8.36
C LYS A 53 9.80 3.90 9.72
N ASN A 54 9.12 2.84 10.06
CA ASN A 54 8.38 2.79 11.31
C ASN A 54 8.70 1.54 12.07
N PRO A 55 9.75 1.55 12.91
CA PRO A 55 10.11 0.39 13.71
C PRO A 55 9.24 0.31 14.96
N LYS A 56 8.47 1.36 15.19
CA LYS A 56 7.63 1.52 16.36
C LYS A 56 6.17 1.38 15.98
N ILE A 57 5.93 0.89 14.78
CA ILE A 57 4.59 0.79 14.23
C ILE A 57 3.85 -0.39 14.90
N ALA A 58 2.56 -0.26 15.06
CA ALA A 58 1.78 -1.33 15.59
C ALA A 58 1.54 -2.36 14.50
N VAL A 59 1.79 -3.61 14.83
CA VAL A 59 1.68 -4.72 13.88
C VAL A 59 0.26 -4.78 13.27
N SER A 60 -0.72 -4.48 14.08
CA SER A 60 -2.10 -4.46 13.69
C SER A 60 -2.36 -3.36 12.65
N LYS A 61 -1.86 -2.17 12.94
CA LYS A 61 -2.00 -1.04 12.04
C LYS A 61 -1.20 -1.25 10.76
N MET A 62 -0.07 -1.94 10.89
CA MET A 62 0.79 -2.25 9.75
C MET A 62 0.03 -3.04 8.67
N MET A 63 -0.89 -3.89 9.14
CA MET A 63 -1.73 -4.71 8.25
C MET A 63 -2.61 -3.83 7.37
N MET A 64 -3.09 -2.74 7.96
CA MET A 64 -3.97 -1.81 7.26
C MET A 64 -3.18 -1.06 6.21
N VAL A 65 -1.93 -0.76 6.53
CA VAL A 65 -1.04 -0.04 5.63
C VAL A 65 -0.72 -0.91 4.43
N LEU A 66 -0.40 -2.18 4.69
CA LEU A 66 -0.12 -3.15 3.63
C LEU A 66 -1.29 -3.30 2.68
N GLY A 67 -2.49 -3.23 3.24
CA GLY A 67 -3.68 -3.30 2.44
C GLY A 67 -3.83 -2.06 1.58
N ALA A 68 -3.56 -0.90 2.17
CA ALA A 68 -3.67 0.37 1.47
C ALA A 68 -2.61 0.48 0.39
N LYS A 69 -1.41 0.01 0.69
CA LYS A 69 -0.32 -0.05 -0.28
C LYS A 69 -0.74 -0.86 -1.50
N TRP A 70 -1.32 -2.03 -1.25
CA TRP A 70 -1.80 -2.90 -2.32
C TRP A 70 -2.94 -2.24 -3.08
N ARG A 71 -3.82 -1.62 -2.33
CA ARG A 71 -4.96 -0.88 -2.85
C ARG A 71 -4.48 0.18 -3.86
N GLU A 72 -3.52 0.97 -3.45
CA GLU A 72 -2.96 2.00 -4.31
C GLU A 72 -2.21 1.38 -5.48
N PHE A 73 -1.41 0.35 -5.20
CA PHE A 73 -0.63 -0.38 -6.19
C PHE A 73 -1.50 -0.85 -7.35
N SER A 74 -2.55 -1.58 -7.04
CA SER A 74 -3.43 -2.14 -8.05
C SER A 74 -4.24 -1.06 -8.80
N THR A 75 -4.46 0.08 -8.17
CA THR A 75 -5.20 1.17 -8.76
C THR A 75 -4.27 2.04 -9.66
N ASN A 76 -3.03 2.15 -9.24
CA ASN A 76 -2.02 2.98 -9.92
C ASN A 76 -1.17 2.08 -10.83
N ASN A 77 -1.68 0.92 -11.14
CA ASN A 77 -0.98 -0.04 -11.97
C ASN A 77 -1.20 0.27 -13.45
N PRO A 78 -0.10 0.59 -14.18
CA PRO A 78 -0.16 0.87 -15.62
C PRO A 78 -0.44 -0.38 -16.43
N PHE A 79 -0.13 -1.50 -15.84
CA PHE A 79 -0.38 -2.78 -16.43
C PHE A 79 -1.80 -3.17 -16.11
N LYS A 80 -2.34 -4.13 -16.79
CA LYS A 80 -3.72 -4.44 -16.57
C LYS A 80 -3.89 -5.63 -15.65
N GLY A 81 -3.89 -5.33 -14.39
CA GLY A 81 -4.15 -6.31 -13.37
C GLY A 81 -5.30 -5.84 -12.55
N SER A 82 -6.49 -5.87 -13.16
CA SER A 82 -7.77 -5.38 -12.62
C SER A 82 -7.75 -3.83 -12.47
N SER A 83 -6.80 -3.25 -13.16
CA SER A 83 -6.56 -1.83 -13.17
C SER A 83 -7.29 -1.20 -14.36
N GLY A 84 -7.54 0.09 -14.29
CA GLY A 84 -8.27 0.79 -15.34
C GLY A 84 -9.68 0.28 -15.47
N ALA A 85 -10.41 0.23 -14.37
CA ALA A 85 -11.73 -0.35 -14.38
C ALA A 85 -12.72 0.47 -13.57
N SER A 86 -13.70 0.98 -14.25
CA SER A 86 -14.82 1.68 -13.67
C SER A 86 -15.96 1.56 -14.65
N GLY A 1 -10.82 19.81 -0.76
CA GLY A 1 -12.06 19.08 -0.98
C GLY A 1 -13.23 20.02 -1.13
N PRO A 2 -14.16 19.76 -2.05
CA PRO A 2 -15.30 20.66 -2.31
C PRO A 2 -16.55 20.37 -1.44
N LEU A 3 -16.39 19.65 -0.37
CA LEU A 3 -17.54 19.33 0.48
C LEU A 3 -17.15 19.38 1.94
N GLY A 4 -18.15 19.57 2.79
CA GLY A 4 -17.96 19.56 4.21
C GLY A 4 -17.56 18.19 4.68
N SER A 5 -16.41 18.11 5.35
CA SER A 5 -15.80 16.85 5.72
C SER A 5 -15.47 16.08 4.44
N SER A 6 -14.44 16.53 3.77
CA SER A 6 -14.02 15.94 2.54
C SER A 6 -13.56 14.50 2.76
N LYS A 7 -14.22 13.60 2.07
CA LYS A 7 -13.92 12.21 2.18
C LYS A 7 -12.70 11.88 1.36
N GLU A 8 -11.59 11.98 2.00
CA GLU A 8 -10.33 11.75 1.39
C GLU A 8 -10.13 10.25 1.31
N PRO A 9 -9.95 9.69 0.08
CA PRO A 9 -9.70 8.26 -0.10
C PRO A 9 -8.52 7.86 0.75
N LYS A 10 -8.72 6.88 1.60
CA LYS A 10 -7.69 6.50 2.53
C LYS A 10 -6.59 5.74 1.93
N SER A 11 -5.59 6.47 1.64
CA SER A 11 -4.36 5.95 1.12
C SER A 11 -3.45 5.59 2.28
N SER A 12 -2.38 4.90 2.00
CA SER A 12 -1.45 4.41 3.01
C SER A 12 -0.89 5.54 3.85
N ALA A 13 -0.47 6.61 3.17
CA ALA A 13 0.12 7.76 3.82
C ALA A 13 -0.87 8.42 4.75
N GLN A 14 -2.14 8.43 4.36
CA GLN A 14 -3.19 9.06 5.15
C GLN A 14 -3.41 8.30 6.46
N LEU A 15 -3.42 6.98 6.36
CA LEU A 15 -3.60 6.11 7.50
C LEU A 15 -2.42 6.25 8.44
N LEU A 16 -1.25 6.13 7.88
CA LEU A 16 -0.01 6.16 8.63
C LEU A 16 0.23 7.56 9.27
N GLU A 17 -0.26 8.59 8.60
CA GLU A 17 -0.14 9.97 9.09
C GLU A 17 -1.04 10.22 10.29
N ASP A 18 -2.19 9.52 10.31
CA ASP A 18 -3.18 9.68 11.39
C ASP A 18 -2.59 9.23 12.71
N TRP A 19 -1.69 8.29 12.62
CA TRP A 19 -1.08 7.74 13.81
C TRP A 19 0.20 8.49 14.17
N GLY A 20 0.54 9.47 13.35
CA GLY A 20 1.73 10.26 13.57
C GLY A 20 2.98 9.54 13.15
N MET A 21 2.89 8.80 12.05
CA MET A 21 4.02 8.01 11.57
C MET A 21 4.43 8.53 10.18
N GLU A 22 5.40 7.88 9.54
CA GLU A 22 5.93 8.34 8.23
C GLU A 22 5.86 7.23 7.19
N ASP A 23 5.51 7.57 5.96
CA ASP A 23 5.47 6.59 4.88
C ASP A 23 6.77 6.73 4.06
N ILE A 24 7.01 5.81 3.17
CA ILE A 24 8.19 5.81 2.35
C ILE A 24 7.91 6.70 1.14
N ASP A 25 8.95 7.29 0.58
CA ASP A 25 8.82 8.09 -0.65
C ASP A 25 8.97 7.21 -1.88
N HIS A 26 8.80 5.92 -1.69
CA HIS A 26 8.97 4.97 -2.76
C HIS A 26 7.69 4.94 -3.58
N VAL A 27 7.83 4.86 -4.85
CA VAL A 27 6.69 4.83 -5.73
C VAL A 27 6.79 3.58 -6.53
N PHE A 28 5.74 2.78 -6.52
CA PHE A 28 5.71 1.55 -7.25
C PHE A 28 5.92 1.85 -8.71
N SER A 29 7.02 1.42 -9.20
CA SER A 29 7.40 1.67 -10.54
C SER A 29 6.94 0.51 -11.40
N GLU A 30 7.17 0.59 -12.69
CA GLU A 30 6.71 -0.43 -13.61
C GLU A 30 7.33 -1.79 -13.32
N GLU A 31 8.59 -1.80 -12.91
CA GLU A 31 9.27 -3.02 -12.52
C GLU A 31 8.58 -3.64 -11.28
N ASP A 32 8.11 -2.78 -10.37
CA ASP A 32 7.39 -3.23 -9.16
C ASP A 32 6.07 -3.84 -9.56
N TYR A 33 5.36 -3.13 -10.46
CA TYR A 33 4.06 -3.56 -10.94
C TYR A 33 4.08 -4.95 -11.61
N ARG A 34 5.21 -5.31 -12.22
CA ARG A 34 5.32 -6.60 -12.90
C ARG A 34 5.67 -7.70 -11.92
N THR A 35 6.32 -7.35 -10.84
CA THR A 35 6.85 -8.37 -9.95
C THR A 35 5.95 -8.63 -8.74
N LEU A 36 5.26 -7.62 -8.26
CA LEU A 36 4.46 -7.76 -7.05
C LEU A 36 3.00 -7.98 -7.40
N THR A 37 2.80 -8.89 -8.29
CA THR A 37 1.52 -9.22 -8.87
C THR A 37 0.62 -10.10 -7.96
N ASN A 38 0.99 -10.22 -6.71
CA ASN A 38 0.25 -10.98 -5.71
C ASN A 38 0.44 -10.29 -4.40
N TYR A 39 -0.60 -10.22 -3.57
CA TYR A 39 -0.51 -9.54 -2.28
C TYR A 39 0.59 -10.17 -1.41
N LYS A 40 0.78 -11.47 -1.50
CA LYS A 40 1.85 -12.13 -0.76
C LYS A 40 3.24 -11.65 -1.19
N ALA A 41 3.54 -11.73 -2.49
CA ALA A 41 4.83 -11.24 -3.02
C ALA A 41 5.00 -9.76 -2.71
N PHE A 42 3.90 -9.06 -2.78
CA PHE A 42 3.83 -7.65 -2.48
C PHE A 42 4.20 -7.40 -1.03
N SER A 43 3.56 -8.12 -0.12
CA SER A 43 3.81 -7.99 1.29
C SER A 43 5.26 -8.29 1.65
N GLN A 44 5.89 -9.23 0.95
CA GLN A 44 7.29 -9.59 1.22
C GLN A 44 8.21 -8.39 1.01
N PHE A 45 7.84 -7.53 0.09
CA PHE A 45 8.61 -6.35 -0.19
C PHE A 45 8.17 -5.20 0.72
N VAL A 46 6.89 -4.93 0.71
CA VAL A 46 6.32 -3.78 1.40
C VAL A 46 6.40 -3.87 2.95
N ARG A 47 6.33 -5.09 3.48
CA ARG A 47 6.36 -5.31 4.94
C ARG A 47 7.63 -4.70 5.61
N PRO A 48 8.88 -5.13 5.24
CA PRO A 48 10.10 -4.57 5.81
C PRO A 48 10.29 -3.11 5.44
N LEU A 49 9.77 -2.73 4.29
CA LEU A 49 9.88 -1.37 3.78
C LEU A 49 9.28 -0.36 4.74
N ILE A 50 8.00 -0.51 5.03
CA ILE A 50 7.32 0.46 5.85
C ILE A 50 7.65 0.26 7.33
N ALA A 51 7.91 -0.98 7.72
CA ALA A 51 8.21 -1.29 9.10
C ALA A 51 9.60 -0.80 9.50
N ALA A 52 10.47 -0.62 8.53
CA ALA A 52 11.78 -0.06 8.78
C ALA A 52 11.68 1.44 8.98
N LYS A 53 10.65 2.03 8.43
CA LYS A 53 10.43 3.44 8.53
C LYS A 53 9.70 3.73 9.82
N ASN A 54 8.92 2.76 10.26
CA ASN A 54 8.14 2.87 11.48
C ASN A 54 8.33 1.64 12.33
N PRO A 55 9.46 1.53 13.04
CA PRO A 55 9.74 0.37 13.89
C PRO A 55 8.79 0.30 15.09
N LYS A 56 8.35 1.45 15.57
CA LYS A 56 7.51 1.52 16.77
C LYS A 56 6.03 1.45 16.40
N ILE A 57 5.74 1.05 15.18
CA ILE A 57 4.36 0.99 14.76
C ILE A 57 3.73 -0.31 15.28
N ALA A 58 2.43 -0.33 15.42
CA ALA A 58 1.73 -1.54 15.79
C ALA A 58 1.56 -2.40 14.55
N VAL A 59 1.76 -3.70 14.70
CA VAL A 59 1.68 -4.64 13.57
C VAL A 59 0.30 -4.61 12.91
N SER A 60 -0.71 -4.44 13.73
CA SER A 60 -2.10 -4.36 13.30
C SER A 60 -2.28 -3.16 12.34
N LYS A 61 -1.67 -2.06 12.70
CA LYS A 61 -1.75 -0.84 11.93
C LYS A 61 -0.95 -0.99 10.64
N MET A 62 0.18 -1.68 10.76
CA MET A 62 1.03 -1.97 9.62
C MET A 62 0.27 -2.78 8.56
N MET A 63 -0.54 -3.74 9.02
CA MET A 63 -1.37 -4.56 8.12
C MET A 63 -2.29 -3.68 7.29
N MET A 64 -2.81 -2.63 7.92
CA MET A 64 -3.72 -1.70 7.26
C MET A 64 -2.98 -0.94 6.15
N VAL A 65 -1.72 -0.62 6.41
CA VAL A 65 -0.92 0.11 5.46
C VAL A 65 -0.66 -0.75 4.23
N LEU A 66 -0.22 -2.00 4.43
CA LEU A 66 -0.02 -2.93 3.31
C LEU A 66 -1.29 -3.13 2.51
N GLY A 67 -2.42 -3.10 3.20
CA GLY A 67 -3.70 -3.24 2.54
C GLY A 67 -4.00 -2.07 1.62
N ALA A 68 -3.72 -0.87 2.11
CA ALA A 68 -3.91 0.35 1.34
C ALA A 68 -2.85 0.47 0.24
N LYS A 69 -1.63 0.03 0.54
CA LYS A 69 -0.55 -0.02 -0.45
C LYS A 69 -0.93 -0.92 -1.61
N TRP A 70 -1.50 -2.09 -1.30
CA TRP A 70 -1.97 -3.02 -2.32
C TRP A 70 -3.05 -2.37 -3.16
N ARG A 71 -3.88 -1.61 -2.48
CA ARG A 71 -4.93 -0.84 -3.14
C ARG A 71 -4.30 0.17 -4.12
N GLU A 72 -3.37 0.97 -3.63
CA GLU A 72 -2.69 1.99 -4.46
C GLU A 72 -1.91 1.36 -5.61
N PHE A 73 -1.31 0.22 -5.33
CA PHE A 73 -0.59 -0.54 -6.33
C PHE A 73 -1.54 -0.98 -7.44
N SER A 74 -2.55 -1.74 -7.07
CA SER A 74 -3.48 -2.33 -8.00
C SER A 74 -4.33 -1.31 -8.77
N THR A 75 -4.66 -0.21 -8.13
CA THR A 75 -5.50 0.80 -8.75
C THR A 75 -4.70 1.59 -9.81
N ASN A 76 -3.40 1.71 -9.60
CA ASN A 76 -2.54 2.50 -10.46
C ASN A 76 -1.62 1.56 -11.25
N ASN A 77 -2.01 0.30 -11.32
CA ASN A 77 -1.21 -0.72 -12.00
C ASN A 77 -1.49 -0.66 -13.51
N PRO A 78 -0.53 -0.13 -14.31
CA PRO A 78 -0.72 0.10 -15.76
C PRO A 78 -0.88 -1.20 -16.51
N PHE A 79 -0.28 -2.23 -15.96
CA PHE A 79 -0.33 -3.56 -16.54
C PHE A 79 -1.70 -4.21 -16.32
N LYS A 80 -2.55 -3.52 -15.59
CA LYS A 80 -3.92 -3.94 -15.43
C LYS A 80 -4.80 -3.02 -16.23
N GLY A 81 -4.71 -1.73 -15.93
CA GLY A 81 -5.46 -0.73 -16.66
C GLY A 81 -6.90 -0.61 -16.20
N SER A 82 -7.56 -1.74 -16.09
CA SER A 82 -8.91 -1.81 -15.66
C SER A 82 -9.00 -1.72 -14.13
N SER A 83 -8.82 -0.53 -13.63
CA SER A 83 -8.87 -0.20 -12.25
C SER A 83 -8.89 1.30 -12.18
N GLY A 84 -9.61 1.86 -11.24
CA GLY A 84 -9.81 3.28 -11.22
C GLY A 84 -10.88 3.63 -12.23
N ALA A 85 -10.49 3.65 -13.48
CA ALA A 85 -11.40 3.85 -14.57
C ALA A 85 -11.85 2.49 -15.05
N SER A 86 -13.12 2.21 -14.95
CA SER A 86 -13.67 0.96 -15.39
C SER A 86 -15.07 1.21 -15.89
N GLY A 1 -23.48 16.87 6.78
CA GLY A 1 -24.66 16.33 7.42
C GLY A 1 -24.48 14.88 7.70
N PRO A 2 -25.54 14.14 8.04
CA PRO A 2 -25.43 12.73 8.32
C PRO A 2 -25.42 11.91 7.03
N LEU A 3 -24.24 11.66 6.53
CA LEU A 3 -24.06 10.84 5.35
C LEU A 3 -23.64 9.44 5.78
N GLY A 4 -23.12 9.36 6.98
CA GLY A 4 -22.70 8.10 7.52
C GLY A 4 -21.28 7.80 7.19
N SER A 5 -21.09 6.86 6.32
CA SER A 5 -19.80 6.43 5.91
C SER A 5 -19.61 6.86 4.46
N SER A 6 -18.86 7.92 4.28
CA SER A 6 -18.65 8.53 2.99
C SER A 6 -17.67 7.71 2.13
N LYS A 7 -16.83 6.91 2.79
CA LYS A 7 -15.79 6.10 2.16
C LYS A 7 -14.87 7.01 1.34
N GLU A 8 -14.03 7.69 2.06
CA GLU A 8 -13.09 8.64 1.50
C GLU A 8 -11.96 7.90 0.80
N PRO A 9 -11.19 8.61 -0.01
CA PRO A 9 -9.97 8.07 -0.55
C PRO A 9 -8.97 7.90 0.60
N LYS A 10 -8.45 6.70 0.76
CA LYS A 10 -7.49 6.46 1.80
C LYS A 10 -6.25 5.85 1.30
N SER A 11 -5.26 6.65 1.30
CA SER A 11 -3.94 6.25 0.94
C SER A 11 -3.27 5.68 2.18
N SER A 12 -2.19 4.96 1.97
CA SER A 12 -1.39 4.40 3.02
C SER A 12 -0.91 5.52 3.92
N ALA A 13 -0.48 6.62 3.29
CA ALA A 13 0.00 7.77 3.99
C ALA A 13 -1.11 8.39 4.82
N GLN A 14 -2.32 8.37 4.28
CA GLN A 14 -3.49 8.92 4.94
C GLN A 14 -3.78 8.17 6.23
N LEU A 15 -3.62 6.87 6.17
CA LEU A 15 -3.81 6.01 7.34
C LEU A 15 -2.66 6.20 8.32
N LEU A 16 -1.46 6.07 7.81
CA LEU A 16 -0.26 6.07 8.61
C LEU A 16 -0.03 7.43 9.31
N GLU A 17 -0.36 8.51 8.62
CA GLU A 17 -0.22 9.86 9.17
C GLU A 17 -1.26 10.11 10.27
N ASP A 18 -2.40 9.43 10.15
CA ASP A 18 -3.52 9.55 11.11
C ASP A 18 -3.12 8.96 12.46
N TRP A 19 -2.13 8.08 12.44
CA TRP A 19 -1.66 7.46 13.66
C TRP A 19 -0.40 8.16 14.16
N GLY A 20 0.02 9.19 13.45
CA GLY A 20 1.21 9.93 13.84
C GLY A 20 2.47 9.18 13.48
N MET A 21 2.47 8.61 12.30
CA MET A 21 3.59 7.84 11.80
C MET A 21 3.99 8.42 10.45
N GLU A 22 4.98 7.83 9.80
CA GLU A 22 5.50 8.37 8.55
C GLU A 22 5.58 7.28 7.47
N ASP A 23 5.21 7.65 6.25
CA ASP A 23 5.13 6.71 5.13
C ASP A 23 6.41 6.74 4.25
N ILE A 24 6.53 5.73 3.40
CA ILE A 24 7.69 5.52 2.53
C ILE A 24 7.61 6.41 1.27
N ASP A 25 8.77 6.89 0.82
CA ASP A 25 8.88 7.76 -0.35
C ASP A 25 8.94 6.95 -1.64
N HIS A 26 9.40 5.71 -1.51
CA HIS A 26 9.53 4.76 -2.62
C HIS A 26 8.21 4.57 -3.37
N VAL A 27 8.29 4.63 -4.68
CA VAL A 27 7.13 4.48 -5.54
C VAL A 27 7.24 3.20 -6.31
N PHE A 28 6.12 2.55 -6.51
CA PHE A 28 6.09 1.31 -7.24
C PHE A 28 6.36 1.55 -8.70
N SER A 29 7.41 0.95 -9.15
CA SER A 29 7.84 1.03 -10.53
C SER A 29 7.02 0.03 -11.37
N GLU A 30 7.14 0.11 -12.70
CA GLU A 30 6.42 -0.82 -13.57
C GLU A 30 7.00 -2.20 -13.38
N GLU A 31 8.28 -2.23 -13.02
CA GLU A 31 8.99 -3.47 -12.72
C GLU A 31 8.28 -4.19 -11.57
N ASP A 32 7.85 -3.41 -10.61
CA ASP A 32 7.20 -3.91 -9.42
C ASP A 32 5.81 -4.37 -9.74
N TYR A 33 5.15 -3.65 -10.64
CA TYR A 33 3.79 -4.00 -11.08
C TYR A 33 3.78 -5.36 -11.76
N ARG A 34 4.88 -5.71 -12.38
CA ARG A 34 5.00 -6.97 -13.08
C ARG A 34 5.33 -8.10 -12.12
N THR A 35 6.10 -7.80 -11.10
CA THR A 35 6.60 -8.84 -10.22
C THR A 35 5.74 -9.07 -8.97
N LEU A 36 5.15 -8.03 -8.45
CA LEU A 36 4.36 -8.12 -7.23
C LEU A 36 2.89 -8.21 -7.57
N THR A 37 2.55 -9.23 -8.30
CA THR A 37 1.21 -9.43 -8.78
C THR A 37 0.28 -10.04 -7.72
N ASN A 38 0.84 -10.47 -6.62
CA ASN A 38 0.07 -11.05 -5.53
C ASN A 38 0.46 -10.40 -4.23
N TYR A 39 -0.52 -10.18 -3.36
CA TYR A 39 -0.30 -9.52 -2.07
C TYR A 39 0.71 -10.29 -1.22
N LYS A 40 0.71 -11.61 -1.35
CA LYS A 40 1.65 -12.46 -0.65
C LYS A 40 3.10 -12.09 -0.95
N ALA A 41 3.42 -11.89 -2.21
CA ALA A 41 4.77 -11.51 -2.61
C ALA A 41 5.02 -10.04 -2.29
N PHE A 42 3.99 -9.25 -2.51
CA PHE A 42 3.99 -7.81 -2.30
C PHE A 42 4.35 -7.44 -0.85
N SER A 43 3.68 -8.06 0.10
CA SER A 43 3.85 -7.76 1.50
C SER A 43 5.28 -8.03 1.99
N GLN A 44 5.91 -9.07 1.43
CA GLN A 44 7.29 -9.47 1.78
C GLN A 44 8.27 -8.34 1.46
N PHE A 45 7.93 -7.54 0.50
CA PHE A 45 8.75 -6.43 0.10
C PHE A 45 8.39 -5.16 0.85
N VAL A 46 7.13 -4.85 0.87
CA VAL A 46 6.67 -3.57 1.39
C VAL A 46 6.69 -3.51 2.95
N ARG A 47 6.51 -4.65 3.61
CA ARG A 47 6.55 -4.72 5.09
C ARG A 47 7.87 -4.16 5.67
N PRO A 48 9.06 -4.74 5.31
CA PRO A 48 10.36 -4.25 5.80
C PRO A 48 10.62 -2.81 5.40
N LEU A 49 10.07 -2.42 4.26
CA LEU A 49 10.18 -1.07 3.77
C LEU A 49 9.53 -0.09 4.71
N ILE A 50 8.24 -0.27 4.97
CA ILE A 50 7.50 0.67 5.80
C ILE A 50 7.93 0.57 7.27
N ALA A 51 8.36 -0.63 7.67
CA ALA A 51 8.82 -0.86 9.03
C ALA A 51 10.14 -0.13 9.28
N ALA A 52 10.86 0.17 8.22
CA ALA A 52 12.09 0.93 8.32
C ALA A 52 11.79 2.37 8.73
N LYS A 53 10.63 2.87 8.29
CA LYS A 53 10.24 4.23 8.61
C LYS A 53 9.50 4.24 9.95
N ASN A 54 8.83 3.14 10.25
CA ASN A 54 8.05 3.03 11.48
C ASN A 54 8.47 1.79 12.25
N PRO A 55 9.48 1.91 13.10
CA PRO A 55 9.98 0.77 13.86
C PRO A 55 9.13 0.47 15.10
N LYS A 56 8.20 1.35 15.39
CA LYS A 56 7.38 1.19 16.55
C LYS A 56 5.90 1.09 16.13
N ILE A 57 5.68 0.72 14.89
CA ILE A 57 4.32 0.59 14.41
C ILE A 57 3.80 -0.80 14.79
N ALA A 58 2.52 -0.88 15.05
CA ALA A 58 1.91 -2.14 15.33
C ALA A 58 1.64 -2.89 14.04
N VAL A 59 1.74 -4.20 14.09
CA VAL A 59 1.53 -5.05 12.93
C VAL A 59 0.09 -4.93 12.43
N SER A 60 -0.83 -4.70 13.37
CA SER A 60 -2.23 -4.49 13.05
C SER A 60 -2.38 -3.27 12.11
N LYS A 61 -1.69 -2.19 12.47
CA LYS A 61 -1.69 -0.98 11.64
C LYS A 61 -0.87 -1.19 10.38
N MET A 62 0.19 -1.95 10.50
CA MET A 62 1.06 -2.25 9.38
C MET A 62 0.31 -2.95 8.26
N MET A 63 -0.55 -3.90 8.62
CA MET A 63 -1.38 -4.62 7.67
C MET A 63 -2.32 -3.66 6.95
N MET A 64 -2.76 -2.64 7.66
CA MET A 64 -3.64 -1.62 7.08
C MET A 64 -2.89 -0.84 6.02
N VAL A 65 -1.64 -0.49 6.32
CA VAL A 65 -0.81 0.26 5.39
C VAL A 65 -0.47 -0.62 4.20
N LEU A 66 -0.08 -1.86 4.47
CA LEU A 66 0.24 -2.83 3.42
C LEU A 66 -0.94 -3.05 2.50
N GLY A 67 -2.12 -3.07 3.09
CA GLY A 67 -3.34 -3.23 2.34
C GLY A 67 -3.60 -2.04 1.45
N ALA A 68 -3.46 -0.84 2.01
CA ALA A 68 -3.65 0.40 1.27
C ALA A 68 -2.60 0.55 0.18
N LYS A 69 -1.37 0.14 0.50
CA LYS A 69 -0.27 0.10 -0.47
C LYS A 69 -0.63 -0.78 -1.63
N TRP A 70 -1.17 -1.95 -1.32
CA TRP A 70 -1.62 -2.91 -2.32
C TRP A 70 -2.71 -2.27 -3.19
N ARG A 71 -3.63 -1.60 -2.54
CA ARG A 71 -4.68 -0.91 -3.21
C ARG A 71 -4.17 0.21 -4.12
N GLU A 72 -3.22 1.00 -3.64
CA GLU A 72 -2.60 2.05 -4.44
C GLU A 72 -1.81 1.45 -5.58
N PHE A 73 -1.12 0.36 -5.29
CA PHE A 73 -0.37 -0.41 -6.27
C PHE A 73 -1.29 -0.87 -7.39
N SER A 74 -2.51 -1.23 -7.03
CA SER A 74 -3.50 -1.67 -7.99
C SER A 74 -4.06 -0.49 -8.85
N THR A 75 -4.41 0.61 -8.21
CA THR A 75 -5.06 1.73 -8.91
C THR A 75 -4.06 2.60 -9.70
N ASN A 76 -2.82 2.65 -9.26
CA ASN A 76 -1.78 3.47 -9.91
C ASN A 76 -0.97 2.58 -10.87
N ASN A 77 -1.57 1.49 -11.26
CA ASN A 77 -0.93 0.47 -12.07
C ASN A 77 -1.48 0.52 -13.50
N PRO A 78 -0.61 0.58 -14.53
CA PRO A 78 -1.02 0.54 -15.95
C PRO A 78 -1.72 -0.78 -16.30
N PHE A 79 -1.31 -1.84 -15.62
CA PHE A 79 -1.89 -3.18 -15.81
C PHE A 79 -3.15 -3.29 -14.95
N LYS A 80 -3.26 -2.34 -14.01
CA LYS A 80 -4.39 -2.18 -13.07
C LYS A 80 -4.44 -3.32 -12.02
N GLY A 81 -3.45 -4.20 -12.07
CA GLY A 81 -3.45 -5.34 -11.18
C GLY A 81 -4.43 -6.36 -11.68
N SER A 82 -5.65 -6.24 -11.22
CA SER A 82 -6.71 -7.07 -11.68
C SER A 82 -7.30 -6.40 -12.93
N SER A 83 -6.80 -6.79 -14.08
CA SER A 83 -7.21 -6.22 -15.34
C SER A 83 -8.64 -6.66 -15.70
N GLY A 84 -9.30 -5.86 -16.49
CA GLY A 84 -10.62 -6.17 -16.93
C GLY A 84 -10.60 -6.73 -18.31
N ALA A 85 -11.75 -7.09 -18.82
CA ALA A 85 -11.86 -7.64 -20.16
C ALA A 85 -11.61 -6.56 -21.18
N SER A 86 -10.48 -6.61 -21.81
CA SER A 86 -10.15 -5.65 -22.81
C SER A 86 -10.52 -6.22 -24.17
#